data_3TBY
#
_entry.id   3TBY
#
_cell.length_a   92.820
_cell.length_b   124.270
_cell.length_c   99.650
_cell.angle_alpha   90.00
_cell.angle_beta   103.29
_cell.angle_gamma   90.00
#
_symmetry.space_group_name_H-M   'P 1 21 1'
#
loop_
_entity.id
_entity.type
_entity.pdbx_description
1 polymer 'H-2 class I histocompatibility antigen, D-B alpha chain'
2 polymer Beta-2-microglobulin
3 polymer 'GLYCOPROTEIN GPC'
4 water water
#
loop_
_entity_poly.entity_id
_entity_poly.type
_entity_poly.pdbx_seq_one_letter_code
_entity_poly.pdbx_strand_id
1 'polypeptide(L)'
;GPHSMRYFETAVSRPGLEEPRYISVGYVDNKEFVRFDSDAENPRYEPRAPWMEQEGPEYWERETQKAKGQEQWFRVSLRN
LLGYYNQSAGGSHTLQQMSGCDLGSDWRLLRGYLQFAYEGRDYIALNEDLKTWTAADMAAQITRRKWEQSGAAEHYKAYL
EGECVEWLHRYLKNGNATLLRTDSPKAHVTHHPRSKGEVTLRCWALGFYPADITLTWQLNGEELTQDMELVETRPAGDGT
FQKWASVVVPLGKEQNYTCRVYHEGLPEPLTLRWEP
;
A,D,G,J
2 'polypeptide(L)'
;IQKTPQIQVYSRHPPENGKPNILNCYVTQFHPPHIEIQMLKNGKKIPKVEMSDMSFSKDWSFYILAHTEFTPTETDTYAC
RVKHDSMAEPKTVYWDRDM
;
B,E,H,K
3 'polypeptide(L)' KAPFNFATM C,F,I,L
#
# COMPACT_ATOMS: atom_id res chain seq x y z
N GLY A 1 5.29 0.52 -10.39
CA GLY A 1 4.84 0.04 -11.73
C GLY A 1 5.55 0.75 -12.88
N PRO A 2 5.54 0.16 -14.07
CA PRO A 2 6.19 0.80 -15.21
C PRO A 2 5.35 1.97 -15.76
N HIS A 3 5.98 2.80 -16.57
CA HIS A 3 5.39 4.02 -17.09
C HIS A 3 5.94 4.34 -18.47
N SER A 4 5.26 5.25 -19.16
CA SER A 4 5.62 5.53 -20.55
C SER A 4 5.13 6.91 -20.97
N MET A 5 5.83 7.49 -21.94
CA MET A 5 5.33 8.67 -22.65
C MET A 5 5.50 8.43 -24.15
N ARG A 6 4.54 8.93 -24.94
CA ARG A 6 4.62 8.94 -26.38
C ARG A 6 4.03 10.20 -26.96
N TYR A 7 4.62 10.66 -28.08
CA TYR A 7 3.99 11.66 -28.95
C TYR A 7 3.76 11.06 -30.35
N PHE A 8 2.51 11.06 -30.79
CA PHE A 8 2.12 10.48 -32.10
C PHE A 8 1.81 11.61 -33.05
N GLU A 9 2.62 11.82 -34.07
CA GLU A 9 2.48 12.98 -34.96
C GLU A 9 2.06 12.54 -36.35
N THR A 10 1.17 13.31 -36.97
CA THR A 10 0.63 12.97 -38.29
C THR A 10 0.50 14.18 -39.19
N ALA A 11 0.85 14.02 -40.46
CA ALA A 11 0.68 15.05 -41.46
C ALA A 11 0.06 14.44 -42.70
N VAL A 12 -1.01 15.07 -43.17
CA VAL A 12 -1.82 14.54 -44.25
C VAL A 12 -1.95 15.58 -45.36
N SER A 13 -1.71 15.16 -46.59
CA SER A 13 -1.97 15.99 -47.75
C SER A 13 -3.06 15.36 -48.61
N ARG A 14 -3.90 16.20 -49.19
CA ARG A 14 -5.02 15.76 -50.02
C ARG A 14 -5.03 16.59 -51.31
N PRO A 15 -5.51 15.99 -52.42
CA PRO A 15 -5.45 16.69 -53.71
C PRO A 15 -6.03 18.10 -53.64
N GLY A 16 -7.17 18.23 -52.95
CA GLY A 16 -7.80 19.53 -52.75
C GLY A 16 -6.89 20.51 -52.03
N LEU A 17 -6.73 20.32 -50.73
CA LEU A 17 -5.95 21.22 -49.87
C LEU A 17 -4.64 21.71 -50.50
N GLU A 18 -4.32 22.97 -50.28
CA GLU A 18 -3.04 23.53 -50.69
C GLU A 18 -1.96 23.01 -49.74
N GLU A 19 -2.18 23.20 -48.43
CA GLU A 19 -1.22 22.81 -47.41
C GLU A 19 -1.70 21.61 -46.59
N PRO A 20 -0.76 20.76 -46.15
CA PRO A 20 -1.14 19.60 -45.38
C PRO A 20 -1.58 19.97 -43.98
N ARG A 21 -2.24 19.03 -43.32
CA ARG A 21 -2.78 19.22 -41.98
C ARG A 21 -1.96 18.42 -40.98
N TYR A 22 -1.51 19.10 -39.93
CA TYR A 22 -0.59 18.51 -38.97
C TYR A 22 -1.29 18.31 -37.61
N ILE A 23 -1.20 17.08 -37.09
CA ILE A 23 -1.76 16.74 -35.77
C ILE A 23 -0.74 16.03 -34.91
N SER A 24 -0.65 16.43 -33.64
CA SER A 24 0.22 15.80 -32.69
C SER A 24 -0.56 15.52 -31.43
N VAL A 25 -0.42 14.31 -30.89
CA VAL A 25 -1.11 13.92 -29.67
C VAL A 25 -0.09 13.31 -28.73
N GLY A 26 -0.01 13.85 -27.50
CA GLY A 26 0.90 13.33 -26.48
C GLY A 26 0.16 12.36 -25.57
N TYR A 27 0.88 11.35 -25.07
CA TYR A 27 0.31 10.35 -24.17
C TYR A 27 1.23 10.11 -23.01
N VAL A 28 0.64 9.89 -21.84
CA VAL A 28 1.35 9.39 -20.69
C VAL A 28 0.62 8.17 -20.17
N ASP A 29 1.37 7.10 -19.91
CA ASP A 29 0.79 5.78 -19.66
C ASP A 29 -0.43 5.55 -20.56
N ASN A 30 -0.24 5.72 -21.86
CA ASN A 30 -1.26 5.47 -22.87
C ASN A 30 -2.56 6.28 -22.77
N LYS A 31 -2.63 7.23 -21.83
CA LYS A 31 -3.76 8.14 -21.72
C LYS A 31 -3.37 9.46 -22.36
N GLU A 32 -4.24 9.95 -23.25
CA GLU A 32 -3.99 11.21 -23.93
C GLU A 32 -3.91 12.33 -22.89
N PHE A 33 -2.97 13.25 -23.08
CA PHE A 33 -2.80 14.36 -22.13
C PHE A 33 -2.51 15.73 -22.76
N VAL A 34 -2.08 15.76 -24.01
CA VAL A 34 -1.96 17.02 -24.77
C VAL A 34 -2.29 16.81 -26.26
N ARG A 35 -2.59 17.91 -26.95
CA ARG A 35 -3.00 17.83 -28.35
C ARG A 35 -2.86 19.14 -29.12
N PHE A 36 -2.24 19.06 -30.29
CA PHE A 36 -2.16 20.17 -31.25
C PHE A 36 -2.83 19.75 -32.54
N ASP A 37 -3.55 20.68 -33.17
CA ASP A 37 -4.22 20.43 -34.45
C ASP A 37 -4.27 21.73 -35.25
N SER A 38 -3.65 21.70 -36.43
CA SER A 38 -3.46 22.92 -37.27
C SER A 38 -4.73 23.43 -37.94
N ASP A 39 -5.78 22.63 -37.99
CA ASP A 39 -7.06 23.09 -38.54
C ASP A 39 -7.83 23.95 -37.54
N ALA A 40 -7.48 23.82 -36.26
CA ALA A 40 -8.06 24.67 -35.22
C ALA A 40 -7.92 26.16 -35.57
N GLU A 41 -9.01 26.90 -35.36
CA GLU A 41 -9.05 28.36 -35.47
C GLU A 41 -7.77 29.03 -34.94
N ASN A 42 -7.35 28.63 -33.74
CA ASN A 42 -6.18 29.20 -33.07
C ASN A 42 -5.21 28.09 -32.69
N PRO A 43 -4.39 27.61 -33.65
CA PRO A 43 -3.62 26.39 -33.43
C PRO A 43 -2.69 26.45 -32.21
N ARG A 44 -2.94 25.57 -31.23
CA ARG A 44 -2.17 25.52 -29.99
C ARG A 44 -2.21 24.13 -29.37
N TYR A 45 -1.16 23.79 -28.63
CA TYR A 45 -1.22 22.61 -27.75
C TYR A 45 -2.20 22.92 -26.63
N GLU A 46 -3.29 22.15 -26.55
CA GLU A 46 -4.30 22.28 -25.48
C GLU A 46 -4.15 21.13 -24.48
N PRO A 47 -4.45 21.38 -23.19
CA PRO A 47 -4.44 20.28 -22.24
C PRO A 47 -5.60 19.34 -22.48
N ARG A 48 -5.43 18.08 -22.08
CA ARG A 48 -6.41 17.03 -22.37
C ARG A 48 -6.80 16.18 -21.16
N ALA A 49 -5.96 16.18 -20.13
CA ALA A 49 -6.31 15.65 -18.83
C ALA A 49 -6.45 16.82 -17.86
N PRO A 50 -7.23 16.62 -16.77
CA PRO A 50 -7.41 17.69 -15.77
C PRO A 50 -6.11 18.11 -15.09
N TRP A 51 -5.26 17.15 -14.75
CA TRP A 51 -4.01 17.42 -14.06
C TRP A 51 -2.99 18.25 -14.84
N MET A 52 -3.23 18.49 -16.14
CA MET A 52 -2.29 19.29 -16.97
C MET A 52 -2.55 20.81 -16.92
N GLU A 53 -3.74 21.24 -16.51
CA GLU A 53 -3.98 22.69 -16.34
C GLU A 53 -2.94 23.39 -15.44
N GLN A 54 -2.24 22.60 -14.62
CA GLN A 54 -1.19 23.10 -13.73
C GLN A 54 0.01 23.77 -14.44
N GLU A 55 0.11 23.64 -15.77
CA GLU A 55 1.22 24.25 -16.50
C GLU A 55 0.85 25.66 -16.94
N GLY A 56 1.74 26.62 -16.68
CA GLY A 56 1.50 28.02 -17.02
C GLY A 56 1.63 28.29 -18.51
N PRO A 57 1.29 29.52 -18.95
CA PRO A 57 1.26 29.85 -20.38
C PRO A 57 2.60 29.72 -21.13
N GLU A 58 3.72 29.72 -20.42
CA GLU A 58 5.03 29.59 -21.06
C GLU A 58 5.25 28.18 -21.58
N TYR A 59 4.80 27.19 -20.82
CA TYR A 59 4.75 25.81 -21.29
C TYR A 59 4.02 25.75 -22.63
N TRP A 60 2.81 26.28 -22.66
CA TRP A 60 1.93 26.12 -23.82
C TRP A 60 2.43 26.90 -25.04
N GLU A 61 2.95 28.10 -24.80
CA GLU A 61 3.53 28.89 -25.88
C GLU A 61 4.73 28.14 -26.47
N ARG A 62 5.55 27.58 -25.59
CA ARG A 62 6.79 26.89 -25.99
C ARG A 62 6.49 25.66 -26.84
N GLU A 63 5.65 24.78 -26.31
CA GLU A 63 5.25 23.56 -27.03
C GLU A 63 4.57 23.89 -28.34
N THR A 64 3.65 24.84 -28.32
CA THR A 64 3.00 25.31 -29.54
C THR A 64 4.00 25.66 -30.61
N GLN A 65 5.08 26.32 -30.20
CA GLN A 65 6.10 26.82 -31.12
C GLN A 65 6.85 25.66 -31.75
N LYS A 66 7.18 24.67 -30.92
CA LYS A 66 7.70 23.42 -31.43
C LYS A 66 6.78 22.79 -32.49
N ALA A 67 5.49 22.76 -32.19
CA ALA A 67 4.51 22.22 -33.11
C ALA A 67 4.55 22.94 -34.44
N LYS A 68 4.65 24.26 -34.40
CA LYS A 68 4.71 25.01 -35.65
C LYS A 68 5.94 24.63 -36.46
N GLY A 69 7.03 24.31 -35.78
CA GLY A 69 8.24 23.85 -36.42
C GLY A 69 8.09 22.47 -37.05
N GLN A 70 7.44 21.56 -36.31
CA GLN A 70 7.21 20.20 -36.81
C GLN A 70 6.37 20.25 -38.08
N GLU A 71 5.42 21.16 -38.12
CA GLU A 71 4.53 21.32 -39.25
C GLU A 71 5.38 21.68 -40.46
N GLN A 72 6.30 22.64 -40.26
CA GLN A 72 7.31 22.96 -41.29
C GLN A 72 8.07 21.70 -41.73
N TRP A 73 8.52 20.92 -40.77
CA TRP A 73 9.34 19.74 -41.04
C TRP A 73 8.59 18.69 -41.85
N PHE A 74 7.37 18.40 -41.44
CA PHE A 74 6.52 17.43 -42.10
C PHE A 74 6.15 17.89 -43.51
N ARG A 75 5.93 19.18 -43.66
CA ARG A 75 5.56 19.72 -44.95
C ARG A 75 6.72 19.44 -45.93
N VAL A 76 7.94 19.78 -45.54
CA VAL A 76 9.07 19.61 -46.43
C VAL A 76 9.33 18.13 -46.71
N SER A 77 9.28 17.33 -45.64
CA SER A 77 9.55 15.91 -45.77
C SER A 77 8.58 15.26 -46.78
N LEU A 78 7.28 15.52 -46.60
CA LEU A 78 6.24 15.09 -47.53
C LEU A 78 6.66 15.39 -48.96
N ARG A 79 7.13 16.62 -49.18
CA ARG A 79 7.56 17.03 -50.50
C ARG A 79 8.66 16.13 -51.02
N ASN A 80 9.69 15.93 -50.24
CA ASN A 80 10.81 15.11 -50.66
C ASN A 80 10.43 13.64 -50.93
N LEU A 81 9.63 13.07 -50.04
CA LEU A 81 9.15 11.68 -50.17
C LEU A 81 8.41 11.44 -51.49
N LEU A 82 7.56 12.40 -51.85
CA LEU A 82 6.85 12.41 -53.14
C LEU A 82 7.84 12.19 -54.29
N GLY A 83 8.90 12.97 -54.30
CA GLY A 83 9.96 12.83 -55.28
C GLY A 83 10.66 11.50 -55.22
N TYR A 84 11.02 11.03 -54.00
CA TYR A 84 11.72 9.75 -53.84
C TYR A 84 10.95 8.58 -54.43
N TYR A 85 9.62 8.59 -54.26
CA TYR A 85 8.76 7.48 -54.70
C TYR A 85 8.21 7.70 -56.10
N ASN A 86 8.68 8.73 -56.80
CA ASN A 86 8.23 9.07 -58.15
C ASN A 86 6.69 9.20 -58.24
N GLN A 87 6.09 9.72 -57.17
CA GLN A 87 4.65 9.91 -57.09
C GLN A 87 4.43 11.23 -57.76
N SER A 88 3.30 11.42 -58.42
CA SER A 88 3.06 12.68 -59.10
C SER A 88 2.08 13.52 -58.32
N ALA A 89 1.83 14.72 -58.82
CA ALA A 89 0.80 15.58 -58.25
C ALA A 89 -0.55 14.88 -58.38
N GLY A 90 -1.34 14.95 -57.30
CA GLY A 90 -2.77 14.62 -57.35
C GLY A 90 -3.17 13.35 -56.62
N GLY A 91 -2.64 13.16 -55.42
CA GLY A 91 -2.94 11.99 -54.60
C GLY A 91 -3.03 12.39 -53.15
N SER A 92 -3.53 11.50 -52.31
CA SER A 92 -3.49 11.69 -50.87
C SER A 92 -2.23 11.00 -50.37
N HIS A 93 -1.55 11.62 -49.43
CA HIS A 93 -0.37 11.04 -48.84
C HIS A 93 -0.37 11.34 -47.38
N THR A 94 0.29 10.51 -46.59
CA THR A 94 0.34 10.70 -45.17
C THR A 94 1.68 10.27 -44.56
N LEU A 95 2.08 10.99 -43.50
CA LEU A 95 3.36 10.79 -42.84
C LEU A 95 3.13 10.82 -41.35
N GLN A 96 3.67 9.83 -40.64
CA GLN A 96 3.39 9.63 -39.24
C GLN A 96 4.66 9.36 -38.45
N GLN A 97 4.67 9.83 -37.21
CA GLN A 97 5.81 9.69 -36.36
C GLN A 97 5.33 9.27 -34.99
N MET A 98 6.05 8.34 -34.37
CA MET A 98 5.89 8.02 -32.97
C MET A 98 7.24 8.26 -32.31
N SER A 99 7.25 8.97 -31.17
CA SER A 99 8.45 9.13 -30.38
C SER A 99 8.13 9.05 -28.90
N GLY A 100 9.07 8.55 -28.11
CA GLY A 100 8.94 8.61 -26.67
C GLY A 100 9.80 7.61 -25.93
N CYS A 101 9.54 7.48 -24.64
CA CYS A 101 10.36 6.66 -23.76
C CYS A 101 9.52 5.71 -22.90
N ASP A 102 10.17 4.65 -22.44
CA ASP A 102 9.56 3.70 -21.52
C ASP A 102 10.40 3.66 -20.27
N LEU A 103 9.74 3.65 -19.13
CA LEU A 103 10.43 3.53 -17.85
C LEU A 103 10.05 2.23 -17.18
N GLY A 104 10.98 1.70 -16.40
CA GLY A 104 10.70 0.56 -15.51
C GLY A 104 10.07 1.07 -14.23
N SER A 105 9.77 0.17 -13.31
CA SER A 105 9.15 0.54 -12.06
C SER A 105 10.10 1.34 -11.16
N ASP A 106 11.39 1.26 -11.46
CA ASP A 106 12.41 2.06 -10.78
C ASP A 106 12.52 3.46 -11.39
N TRP A 107 11.71 3.74 -12.41
CA TRP A 107 11.71 5.05 -13.08
C TRP A 107 12.92 5.30 -13.98
N ARG A 108 13.73 4.26 -14.24
CA ARG A 108 14.85 4.35 -15.19
C ARG A 108 14.39 4.08 -16.61
N LEU A 109 15.06 4.71 -17.57
CA LEU A 109 14.75 4.51 -19.00
C LEU A 109 14.94 3.06 -19.42
N LEU A 110 13.86 2.37 -19.69
CA LEU A 110 13.90 1.01 -20.16
C LEU A 110 14.26 1.00 -21.66
N ARG A 111 13.67 1.93 -22.41
CA ARG A 111 13.87 1.96 -23.85
C ARG A 111 13.28 3.23 -24.45
N GLY A 112 13.94 3.77 -25.48
CA GLY A 112 13.43 4.88 -26.29
C GLY A 112 12.90 4.45 -27.64
N TYR A 113 11.91 5.20 -28.17
CA TYR A 113 11.25 4.90 -29.45
C TYR A 113 11.29 6.08 -30.42
N LEU A 114 11.49 5.79 -31.70
CA LEU A 114 11.51 6.83 -32.71
C LEU A 114 11.38 6.19 -34.08
N GLN A 115 10.15 6.17 -34.60
CA GLN A 115 9.87 5.52 -35.88
C GLN A 115 8.99 6.40 -36.74
N PHE A 116 9.15 6.25 -38.06
CA PHE A 116 8.33 6.96 -39.04
C PHE A 116 7.64 6.00 -40.00
N ALA A 117 6.46 6.39 -40.48
CA ALA A 117 5.73 5.64 -41.49
C ALA A 117 5.27 6.60 -42.58
N TYR A 118 5.32 6.12 -43.81
CA TYR A 118 4.85 6.83 -44.96
C TYR A 118 3.77 5.97 -45.61
N GLU A 119 2.66 6.59 -46.01
CA GLU A 119 1.50 5.88 -46.51
C GLU A 119 1.08 4.72 -45.58
N GLY A 120 1.24 4.88 -44.28
CA GLY A 120 0.88 3.83 -43.34
C GLY A 120 1.87 2.69 -43.24
N ARG A 121 3.03 2.81 -43.87
CA ARG A 121 4.00 1.73 -43.90
C ARG A 121 5.28 2.22 -43.30
N ASP A 122 5.97 1.33 -42.58
CA ASP A 122 7.24 1.64 -41.93
C ASP A 122 8.15 2.26 -42.97
N TYR A 123 8.71 3.44 -42.68
CA TYR A 123 9.64 4.10 -43.56
C TYR A 123 11.04 4.05 -42.99
N ILE A 124 11.22 4.56 -41.78
CA ILE A 124 12.52 4.53 -41.14
C ILE A 124 12.30 4.54 -39.65
N ALA A 125 13.12 3.79 -38.92
CA ALA A 125 13.03 3.74 -37.46
C ALA A 125 14.41 3.74 -36.83
N LEU A 126 14.50 4.30 -35.62
CA LEU A 126 15.73 4.31 -34.85
C LEU A 126 15.81 2.99 -34.05
N ASN A 127 16.88 2.23 -34.23
CA ASN A 127 17.03 0.98 -33.52
C ASN A 127 17.11 1.19 -32.02
N GLU A 128 16.92 0.10 -31.27
CA GLU A 128 16.91 0.17 -29.81
C GLU A 128 18.20 0.75 -29.26
N ASP A 129 19.28 0.68 -30.02
CA ASP A 129 20.57 1.26 -29.59
C ASP A 129 20.64 2.77 -29.69
N LEU A 130 19.59 3.40 -30.21
CA LEU A 130 19.56 4.86 -30.40
C LEU A 130 20.82 5.40 -31.12
N LYS A 131 21.42 4.54 -31.95
CA LYS A 131 22.63 4.87 -32.72
C LYS A 131 22.50 4.56 -34.20
N THR A 132 21.86 3.44 -34.54
CA THR A 132 21.70 3.05 -35.96
C THR A 132 20.26 3.10 -36.42
N TRP A 133 20.08 3.12 -37.74
CA TRP A 133 18.78 3.21 -38.35
C TRP A 133 18.43 1.92 -39.09
N THR A 134 17.14 1.60 -39.09
CA THR A 134 16.59 0.52 -39.91
C THR A 134 15.61 1.13 -40.90
N ALA A 135 15.76 0.79 -42.18
CA ALA A 135 14.87 1.29 -43.23
C ALA A 135 14.81 0.27 -44.36
N ALA A 136 13.62 -0.29 -44.61
CA ALA A 136 13.48 -1.38 -45.59
C ALA A 136 13.56 -0.87 -47.02
N ASP A 137 12.78 0.15 -47.36
CA ASP A 137 12.59 0.53 -48.75
C ASP A 137 13.82 1.10 -49.41
N MET A 138 14.00 0.78 -50.68
CA MET A 138 15.12 1.32 -51.43
C MET A 138 15.02 2.84 -51.42
N ALA A 139 13.82 3.37 -51.60
CA ALA A 139 13.61 4.80 -51.52
C ALA A 139 14.08 5.37 -50.18
N ALA A 140 13.87 4.60 -49.11
CA ALA A 140 14.21 5.02 -47.75
C ALA A 140 15.73 5.05 -47.48
N GLN A 141 16.53 4.46 -48.37
CA GLN A 141 18.00 4.47 -48.17
C GLN A 141 18.55 5.88 -48.30
N ILE A 142 17.89 6.69 -49.12
CA ILE A 142 18.27 8.09 -49.30
C ILE A 142 18.19 8.87 -47.98
N THR A 143 17.07 8.74 -47.27
CA THR A 143 16.95 9.33 -45.96
C THR A 143 17.95 8.68 -44.97
N ARG A 144 18.13 7.36 -45.03
CA ARG A 144 19.09 6.67 -44.13
C ARG A 144 20.51 7.27 -44.27
N ARG A 145 21.00 7.39 -45.50
CA ARG A 145 22.34 7.94 -45.77
C ARG A 145 22.48 9.38 -45.31
N LYS A 146 21.45 10.17 -45.56
CA LYS A 146 21.40 11.57 -45.19
C LYS A 146 21.55 11.73 -43.67
N TRP A 147 20.74 11.00 -42.93
CA TRP A 147 20.69 11.09 -41.46
C TRP A 147 21.92 10.48 -40.79
N GLU A 148 22.48 9.44 -41.40
CA GLU A 148 23.72 8.87 -40.89
C GLU A 148 24.85 9.86 -41.06
N GLN A 149 24.82 10.60 -42.16
CA GLN A 149 25.85 11.56 -42.51
C GLN A 149 25.83 12.76 -41.56
N SER A 150 24.65 13.11 -41.07
CA SER A 150 24.43 14.37 -40.37
C SER A 150 24.33 14.22 -38.85
N GLY A 151 24.36 12.98 -38.35
CA GLY A 151 24.40 12.72 -36.91
C GLY A 151 23.04 12.83 -36.25
N ALA A 152 22.00 12.69 -37.06
CA ALA A 152 20.62 12.76 -36.59
C ALA A 152 20.38 11.91 -35.36
N ALA A 153 20.89 10.69 -35.36
CA ALA A 153 20.63 9.75 -34.28
C ALA A 153 21.00 10.33 -32.92
N GLU A 154 22.12 11.03 -32.85
CA GLU A 154 22.62 11.51 -31.55
C GLU A 154 21.69 12.53 -30.94
N HIS A 155 21.09 13.37 -31.76
CA HIS A 155 20.23 14.40 -31.26
C HIS A 155 18.85 13.82 -30.83
N TYR A 156 18.34 12.80 -31.53
CA TYR A 156 17.18 12.07 -31.04
C TYR A 156 17.48 11.28 -29.76
N LYS A 157 18.68 10.70 -29.67
CA LYS A 157 19.08 9.93 -28.51
C LYS A 157 19.08 10.82 -27.27
N ALA A 158 19.56 12.07 -27.43
CA ALA A 158 19.65 13.01 -26.31
C ALA A 158 18.28 13.35 -25.78
N TYR A 159 17.32 13.59 -26.69
CA TYR A 159 15.93 13.87 -26.29
C TYR A 159 15.32 12.70 -25.54
N LEU A 160 15.33 11.54 -26.21
CA LEU A 160 14.78 10.30 -25.68
C LEU A 160 15.37 9.91 -24.31
N GLU A 161 16.68 10.04 -24.15
CA GLU A 161 17.35 9.72 -22.89
C GLU A 161 17.25 10.84 -21.83
N GLY A 162 16.94 12.06 -22.25
CA GLY A 162 16.93 13.23 -21.36
C GLY A 162 15.58 13.87 -21.23
N GLU A 163 15.28 14.83 -22.08
CA GLU A 163 14.01 15.56 -22.01
C GLU A 163 12.83 14.61 -21.76
N CYS A 164 12.72 13.56 -22.58
CA CYS A 164 11.58 12.62 -22.51
C CYS A 164 11.39 12.00 -21.13
N VAL A 165 12.51 11.57 -20.55
CA VAL A 165 12.49 10.98 -19.24
C VAL A 165 12.21 12.09 -18.22
N GLU A 166 12.96 13.18 -18.35
CA GLU A 166 12.98 14.24 -17.36
C GLU A 166 11.57 14.76 -17.14
N TRP A 167 10.93 15.22 -18.23
CA TRP A 167 9.57 15.76 -18.17
C TRP A 167 8.51 14.72 -17.82
N LEU A 168 8.71 13.46 -18.21
CA LEU A 168 7.75 12.41 -17.83
C LEU A 168 7.72 12.22 -16.31
N HIS A 169 8.88 12.29 -15.67
CA HIS A 169 8.95 12.28 -14.22
C HIS A 169 8.04 13.37 -13.64
N ARG A 170 8.22 14.58 -14.16
CA ARG A 170 7.45 15.74 -13.73
C ARG A 170 5.94 15.55 -13.91
N TYR A 171 5.53 15.01 -15.07
CA TYR A 171 4.10 14.80 -15.31
C TYR A 171 3.53 13.78 -14.33
N LEU A 172 4.29 12.73 -14.05
CA LEU A 172 3.85 11.70 -13.11
C LEU A 172 3.71 12.25 -11.69
N LYS A 173 4.63 13.12 -11.29
CA LYS A 173 4.53 13.75 -9.97
C LYS A 173 3.22 14.52 -9.89
N ASN A 174 2.94 15.29 -10.94
CA ASN A 174 1.69 16.05 -11.03
C ASN A 174 0.45 15.15 -11.22
N GLY A 175 0.66 13.95 -11.74
CA GLY A 175 -0.40 12.94 -11.91
C GLY A 175 -0.47 11.85 -10.84
N ASN A 176 0.00 12.13 -9.62
CA ASN A 176 -0.16 11.17 -8.52
C ASN A 176 -1.57 11.27 -7.96
N ALA A 177 -2.50 11.75 -8.81
CA ALA A 177 -3.92 11.91 -8.52
C ALA A 177 -4.80 11.04 -9.44
N THR A 178 -4.84 11.37 -10.74
CA THR A 178 -5.75 10.70 -11.71
C THR A 178 -5.25 9.34 -12.23
N LEU A 179 -3.93 9.17 -12.31
CA LEU A 179 -3.30 8.03 -13.03
C LEU A 179 -2.97 6.77 -12.18
N LEU A 180 -2.79 6.95 -10.87
CA LEU A 180 -2.61 5.84 -9.90
C LEU A 180 -3.60 4.67 -10.09
N ARG A 181 -4.88 5.00 -10.23
CA ARG A 181 -5.93 3.99 -10.32
C ARG A 181 -5.87 3.16 -11.61
N THR A 182 -6.09 1.86 -11.45
CA THR A 182 -6.49 0.96 -12.52
C THR A 182 -7.85 0.45 -12.10
N ASP A 183 -8.75 0.26 -13.05
CA ASP A 183 -10.11 -0.22 -12.75
C ASP A 183 -10.25 -1.72 -13.04
N SER A 184 -10.55 -2.49 -12.00
CA SER A 184 -10.78 -3.91 -12.18
C SER A 184 -12.08 -4.16 -12.95
N PRO A 185 -12.13 -5.28 -13.68
CA PRO A 185 -13.34 -5.64 -14.41
C PRO A 185 -14.39 -6.27 -13.51
N LYS A 186 -15.65 -6.22 -13.97
CA LYS A 186 -16.77 -6.86 -13.30
C LYS A 186 -17.39 -7.84 -14.26
N ALA A 187 -17.34 -9.12 -13.95
CA ALA A 187 -17.67 -10.16 -14.91
C ALA A 187 -19.04 -10.78 -14.64
N HIS A 188 -19.74 -11.15 -15.72
CA HIS A 188 -21.03 -11.85 -15.64
C HIS A 188 -21.30 -12.59 -16.93
N VAL A 189 -22.10 -13.64 -16.85
CA VAL A 189 -22.36 -14.52 -17.98
C VAL A 189 -23.83 -14.47 -18.35
N THR A 190 -24.11 -14.53 -19.66
CA THR A 190 -25.48 -14.52 -20.18
C THR A 190 -25.77 -15.80 -20.96
N HIS A 191 -27.07 -16.07 -21.18
CA HIS A 191 -27.53 -17.29 -21.84
C HIS A 191 -28.27 -16.95 -23.13
N HIS A 192 -28.03 -17.73 -24.19
CA HIS A 192 -28.75 -17.60 -25.47
C HIS A 192 -28.97 -18.95 -26.15
N PRO A 193 -30.17 -19.19 -26.74
CA PRO A 193 -30.64 -20.52 -27.13
C PRO A 193 -30.12 -21.16 -28.45
N ARG A 194 -28.97 -20.70 -28.96
CA ARG A 194 -28.34 -21.29 -30.15
C ARG A 194 -28.68 -22.78 -30.36
N GLU A 198 -28.71 -26.94 -28.35
CA GLU A 198 -27.51 -26.13 -28.14
C GLU A 198 -27.83 -24.73 -27.59
N VAL A 199 -26.86 -24.15 -26.87
CA VAL A 199 -26.96 -22.77 -26.35
C VAL A 199 -25.59 -22.06 -26.39
N THR A 200 -25.63 -20.73 -26.42
CA THR A 200 -24.42 -19.91 -26.41
C THR A 200 -24.21 -19.31 -25.01
N LEU A 201 -23.03 -19.53 -24.44
CA LEU A 201 -22.64 -18.88 -23.20
C LEU A 201 -21.70 -17.74 -23.54
N ARG A 202 -21.91 -16.58 -22.93
CA ARG A 202 -21.16 -15.37 -23.28
C ARG A 202 -20.63 -14.70 -22.01
N CYS A 203 -19.30 -14.69 -21.86
CA CYS A 203 -18.65 -14.09 -20.69
C CYS A 203 -18.35 -12.63 -20.93
N TRP A 204 -18.96 -11.76 -20.15
CA TRP A 204 -18.77 -10.33 -20.33
C TRP A 204 -17.74 -9.81 -19.34
N ALA A 205 -16.94 -8.86 -19.79
CA ALA A 205 -16.07 -8.09 -18.89
C ALA A 205 -16.38 -6.63 -19.15
N LEU A 206 -16.63 -5.88 -18.07
CA LEU A 206 -17.06 -4.48 -18.20
C LEU A 206 -16.34 -3.59 -17.21
N GLY A 207 -16.25 -2.31 -17.55
CA GLY A 207 -15.74 -1.27 -16.67
C GLY A 207 -14.34 -1.48 -16.16
N PHE A 208 -13.39 -1.74 -17.07
CA PHE A 208 -11.99 -1.96 -16.69
C PHE A 208 -11.02 -1.02 -17.37
N TYR A 209 -9.90 -0.75 -16.69
CA TYR A 209 -8.81 0.05 -17.25
C TYR A 209 -7.50 -0.47 -16.64
N PRO A 210 -6.44 -0.61 -17.46
CA PRO A 210 -6.38 -0.34 -18.90
C PRO A 210 -6.97 -1.46 -19.76
N ALA A 211 -6.90 -1.30 -21.08
CA ALA A 211 -7.61 -2.19 -22.02
C ALA A 211 -7.15 -3.64 -22.01
N ASP A 212 -5.88 -3.88 -21.69
CA ASP A 212 -5.32 -5.23 -21.80
C ASP A 212 -6.03 -6.21 -20.85
N ILE A 213 -6.49 -7.33 -21.42
CA ILE A 213 -7.33 -8.28 -20.69
C ILE A 213 -7.41 -9.62 -21.43
N THR A 214 -7.68 -10.69 -20.70
CA THR A 214 -7.78 -12.01 -21.29
C THR A 214 -8.98 -12.80 -20.76
N LEU A 215 -9.69 -13.46 -21.69
CA LEU A 215 -10.86 -14.26 -21.36
C LEU A 215 -10.70 -15.67 -21.92
N THR A 216 -10.96 -16.68 -21.09
CA THR A 216 -10.77 -18.08 -21.50
C THR A 216 -11.80 -19.01 -20.88
N TRP A 217 -12.45 -19.80 -21.74
CA TRP A 217 -13.42 -20.80 -21.27
C TRP A 217 -12.78 -22.17 -21.00
N GLN A 218 -13.36 -22.88 -20.05
CA GLN A 218 -12.98 -24.24 -19.70
C GLN A 218 -14.24 -25.09 -19.55
N GLY A 221 -11.34 -28.33 -17.09
CA GLY A 221 -11.52 -28.33 -18.53
C GLY A 221 -10.30 -27.86 -19.30
N GLU A 222 -10.51 -27.63 -20.60
CA GLU A 222 -9.44 -27.31 -21.54
C GLU A 222 -9.60 -25.89 -22.11
N GLU A 223 -8.69 -25.50 -23.00
CA GLU A 223 -8.76 -24.20 -23.68
C GLU A 223 -9.61 -24.28 -24.93
N MET A 228 -14.12 -21.05 -29.97
CA MET A 228 -14.47 -19.92 -29.13
C MET A 228 -14.61 -18.64 -29.96
N GLU A 229 -15.59 -17.82 -29.63
CA GLU A 229 -15.84 -16.57 -30.34
C GLU A 229 -15.70 -15.36 -29.41
N LEU A 230 -14.95 -14.36 -29.86
CA LEU A 230 -14.73 -13.14 -29.10
C LEU A 230 -14.79 -11.89 -29.98
N VAL A 231 -14.93 -10.74 -29.34
CA VAL A 231 -14.82 -9.44 -30.02
C VAL A 231 -13.57 -8.70 -29.55
N GLU A 232 -13.07 -7.79 -30.38
CA GLU A 232 -11.90 -7.00 -30.03
C GLU A 232 -12.25 -6.06 -28.88
N THR A 233 -11.30 -5.85 -27.97
CA THR A 233 -11.53 -4.95 -26.85
C THR A 233 -11.91 -3.58 -27.37
N ARG A 234 -12.89 -2.97 -26.71
CA ARG A 234 -13.62 -1.79 -27.22
C ARG A 234 -13.87 -0.80 -26.08
N PRO A 235 -13.76 0.51 -26.34
CA PRO A 235 -13.95 1.48 -25.25
C PRO A 235 -15.42 1.72 -24.92
N ALA A 236 -15.75 1.72 -23.63
CA ALA A 236 -17.11 2.06 -23.17
C ALA A 236 -17.44 3.52 -23.52
N GLY A 237 -16.42 4.35 -23.63
CA GLY A 237 -16.60 5.76 -23.92
C GLY A 237 -16.55 6.62 -22.66
N ASP A 238 -16.43 6.00 -21.49
CA ASP A 238 -16.33 6.70 -20.20
C ASP A 238 -14.95 6.50 -19.58
N GLY A 239 -13.97 6.21 -20.42
CA GLY A 239 -12.62 5.88 -19.94
C GLY A 239 -12.37 4.41 -19.62
N THR A 240 -13.42 3.60 -19.52
CA THR A 240 -13.26 2.16 -19.28
C THR A 240 -13.56 1.36 -20.55
N PHE A 241 -13.30 0.05 -20.49
CA PHE A 241 -13.35 -0.80 -21.68
C PHE A 241 -14.27 -2.00 -21.52
N GLN A 242 -14.58 -2.66 -22.63
CA GLN A 242 -15.43 -3.85 -22.62
C GLN A 242 -14.85 -4.95 -23.49
N LYS A 243 -15.17 -6.20 -23.14
CA LYS A 243 -14.88 -7.36 -23.98
C LYS A 243 -15.75 -8.55 -23.57
N TRP A 244 -16.01 -9.43 -24.53
CA TRP A 244 -16.63 -10.71 -24.17
C TRP A 244 -16.05 -11.86 -24.97
N ALA A 245 -16.21 -13.05 -24.41
CA ALA A 245 -15.88 -14.28 -25.09
C ALA A 245 -17.07 -15.22 -24.96
N SER A 246 -17.43 -15.90 -26.05
CA SER A 246 -18.54 -16.85 -26.04
C SER A 246 -18.15 -18.24 -26.53
N VAL A 247 -18.93 -19.23 -26.14
CA VAL A 247 -18.78 -20.62 -26.60
C VAL A 247 -20.15 -21.26 -26.76
N VAL A 248 -20.24 -22.21 -27.70
CA VAL A 248 -21.46 -22.99 -27.91
C VAL A 248 -21.41 -24.23 -27.02
N VAL A 249 -22.53 -24.53 -26.37
CA VAL A 249 -22.61 -25.58 -25.35
C VAL A 249 -23.86 -26.43 -25.55
N PRO A 250 -23.77 -27.75 -25.29
CA PRO A 250 -24.97 -28.58 -25.27
C PRO A 250 -25.94 -28.19 -24.16
N LEU A 251 -27.23 -28.13 -24.50
CA LEU A 251 -28.31 -27.77 -23.55
C LEU A 251 -28.31 -28.69 -22.34
N GLY A 252 -28.26 -28.08 -21.15
CA GLY A 252 -28.24 -28.84 -19.90
C GLY A 252 -26.85 -28.95 -19.29
N LYS A 253 -25.83 -29.05 -20.14
CA LYS A 253 -24.44 -29.18 -19.70
C LYS A 253 -23.85 -27.81 -19.35
N GLU A 254 -24.63 -27.01 -18.62
CA GLU A 254 -24.36 -25.59 -18.45
C GLU A 254 -23.23 -25.33 -17.47
N GLN A 255 -23.02 -26.27 -16.54
CA GLN A 255 -22.14 -26.05 -15.39
C GLN A 255 -20.78 -26.75 -15.51
N ASN A 256 -20.57 -27.47 -16.60
CA ASN A 256 -19.25 -28.01 -16.92
C ASN A 256 -18.25 -26.92 -17.34
N TYR A 257 -18.79 -25.77 -17.75
CA TYR A 257 -18.01 -24.68 -18.33
C TYR A 257 -17.84 -23.52 -17.36
N THR A 258 -16.60 -23.07 -17.21
CA THR A 258 -16.30 -21.87 -16.42
C THR A 258 -15.49 -20.86 -17.24
N CYS A 259 -15.77 -19.59 -17.01
CA CYS A 259 -15.06 -18.49 -17.64
C CYS A 259 -14.00 -17.97 -16.70
N ARG A 260 -12.89 -17.51 -17.26
CA ARG A 260 -11.84 -16.88 -16.47
C ARG A 260 -11.47 -15.52 -17.04
N VAL A 261 -11.24 -14.56 -16.15
CA VAL A 261 -10.89 -13.20 -16.52
C VAL A 261 -9.56 -12.78 -15.89
N TYR A 262 -8.61 -12.35 -16.72
CA TYR A 262 -7.29 -11.94 -16.26
C TYR A 262 -7.07 -10.46 -16.54
N HIS A 263 -6.67 -9.72 -15.50
CA HIS A 263 -6.46 -8.27 -15.60
C HIS A 263 -5.52 -7.78 -14.49
N GLU A 264 -4.69 -6.79 -14.81
CA GLU A 264 -3.66 -6.28 -13.89
C GLU A 264 -4.21 -5.64 -12.62
N GLY A 265 -5.46 -5.19 -12.67
CA GLY A 265 -6.13 -4.62 -11.50
C GLY A 265 -6.57 -5.68 -10.51
N LEU A 266 -6.78 -6.90 -11.01
CA LEU A 266 -7.22 -8.00 -10.16
C LEU A 266 -6.18 -8.45 -9.15
N PRO A 267 -6.61 -8.71 -7.91
CA PRO A 267 -5.71 -9.40 -6.99
C PRO A 267 -5.40 -10.81 -7.50
N GLU A 268 -6.35 -11.39 -8.20
CA GLU A 268 -6.18 -12.67 -8.88
C GLU A 268 -7.26 -12.85 -9.94
N PRO A 269 -7.12 -13.85 -10.82
CA PRO A 269 -8.12 -13.99 -11.89
C PRO A 269 -9.51 -14.38 -11.39
N LEU A 270 -10.54 -13.78 -12.00
CA LEU A 270 -11.93 -14.14 -11.68
C LEU A 270 -12.24 -15.52 -12.23
N THR A 271 -13.18 -16.21 -11.58
CA THR A 271 -13.74 -17.45 -12.09
C THR A 271 -15.27 -17.36 -11.96
N LEU A 272 -15.98 -17.61 -13.06
CA LEU A 272 -17.43 -17.43 -13.10
C LEU A 272 -18.09 -18.33 -14.13
N ARG A 273 -19.35 -18.69 -13.88
CA ARG A 273 -20.20 -19.42 -14.84
C ARG A 273 -21.68 -18.97 -14.77
N TRP A 274 -22.51 -19.55 -15.63
CA TRP A 274 -23.91 -19.14 -15.82
C TRP A 274 -24.79 -19.28 -14.55
N GLU A 275 -25.25 -18.15 -14.03
CA GLU A 275 -26.11 -18.12 -12.85
C GLU A 275 -27.56 -17.79 -13.22
N ILE B 1 -1.20 1.58 -49.74
CA ILE B 1 -2.52 0.90 -50.00
C ILE B 1 -3.46 1.07 -48.80
N GLN B 2 -4.66 0.56 -48.94
CA GLN B 2 -5.71 0.84 -47.98
C GLN B 2 -6.01 -0.34 -47.03
N LYS B 3 -6.21 -0.02 -45.76
CA LYS B 3 -6.62 -0.98 -44.74
C LYS B 3 -8.14 -0.84 -44.58
N THR B 4 -8.85 -1.96 -44.69
CA THR B 4 -10.29 -1.99 -44.50
C THR B 4 -10.60 -1.91 -43.02
N PRO B 5 -11.53 -1.00 -42.61
CA PRO B 5 -11.88 -0.80 -41.20
C PRO B 5 -12.66 -1.96 -40.58
N GLN B 6 -12.49 -2.14 -39.27
CA GLN B 6 -13.30 -3.08 -38.47
C GLN B 6 -14.29 -2.23 -37.69
N ILE B 7 -15.50 -2.76 -37.52
CA ILE B 7 -16.60 -2.02 -36.89
C ILE B 7 -17.29 -2.83 -35.81
N GLN B 8 -17.44 -2.25 -34.63
CA GLN B 8 -18.36 -2.80 -33.63
C GLN B 8 -19.33 -1.69 -33.32
N VAL B 9 -20.58 -2.08 -33.06
CA VAL B 9 -21.62 -1.24 -32.52
C VAL B 9 -22.13 -1.89 -31.25
N TYR B 10 -22.31 -1.10 -30.20
CA TYR B 10 -22.57 -1.63 -28.86
C TYR B 10 -22.98 -0.48 -27.95
N SER B 11 -23.63 -0.79 -26.83
CA SER B 11 -24.07 0.22 -25.83
C SER B 11 -23.05 0.35 -24.71
N ARG B 12 -22.79 1.58 -24.28
CA ARG B 12 -21.93 1.83 -23.14
C ARG B 12 -22.41 1.06 -21.94
N HIS B 13 -23.70 1.19 -21.63
CA HIS B 13 -24.26 0.50 -20.46
C HIS B 13 -25.14 -0.66 -20.89
N PRO B 14 -25.25 -1.69 -20.04
CA PRO B 14 -26.08 -2.83 -20.41
C PRO B 14 -27.48 -2.35 -20.76
N PRO B 15 -28.02 -2.82 -21.90
CA PRO B 15 -29.19 -2.20 -22.47
C PRO B 15 -30.43 -2.63 -21.73
N GLU B 16 -31.36 -1.68 -21.59
CA GLU B 16 -32.66 -1.91 -20.95
C GLU B 16 -33.73 -1.05 -21.65
N ASN B 17 -34.78 -1.67 -22.17
CA ASN B 17 -35.74 -0.93 -22.98
C ASN B 17 -36.39 0.23 -22.21
N GLY B 18 -36.39 1.42 -22.80
CA GLY B 18 -36.94 2.61 -22.17
C GLY B 18 -35.98 3.38 -21.28
N LYS B 19 -34.72 2.94 -21.21
CA LYS B 19 -33.71 3.63 -20.42
C LYS B 19 -32.74 4.36 -21.36
N PRO B 20 -32.54 5.67 -21.13
CA PRO B 20 -31.48 6.38 -21.86
C PRO B 20 -30.15 5.67 -21.72
N ASN B 21 -29.40 5.56 -22.81
CA ASN B 21 -28.10 4.90 -22.83
C ASN B 21 -27.29 5.61 -23.93
N ILE B 22 -26.06 5.17 -24.19
CA ILE B 22 -25.26 5.73 -25.29
C ILE B 22 -24.93 4.62 -26.26
N LEU B 23 -25.13 4.87 -27.55
CA LEU B 23 -24.70 3.92 -28.58
C LEU B 23 -23.36 4.37 -29.16
N ASN B 24 -22.37 3.46 -29.16
CA ASN B 24 -21.03 3.71 -29.73
C ASN B 24 -20.86 3.05 -31.09
N CYS B 25 -20.16 3.71 -32.01
CA CYS B 25 -19.62 3.02 -33.20
C CYS B 25 -18.09 3.06 -33.30
N TYR B 26 -17.47 2.00 -32.80
CA TYR B 26 -16.01 1.89 -32.76
C TYR B 26 -15.54 1.41 -34.14
N VAL B 27 -14.84 2.27 -34.85
CA VAL B 27 -14.34 1.98 -36.16
C VAL B 27 -12.85 2.00 -36.04
N THR B 28 -12.24 0.84 -36.25
CA THR B 28 -10.80 0.74 -36.08
C THR B 28 -10.17 0.29 -37.39
N GLN B 29 -8.85 0.40 -37.44
CA GLN B 29 -7.95 -0.38 -38.30
C GLN B 29 -7.95 0.05 -39.75
N PHE B 30 -8.07 1.34 -40.01
CA PHE B 30 -8.20 1.83 -41.38
C PHE B 30 -7.13 2.84 -41.79
N HIS B 31 -6.83 2.84 -43.09
CA HIS B 31 -5.94 3.81 -43.70
C HIS B 31 -6.40 4.01 -45.15
N PRO B 32 -6.47 5.26 -45.62
CA PRO B 32 -5.98 6.50 -45.05
C PRO B 32 -6.97 7.06 -44.07
N PRO B 33 -6.57 8.10 -43.31
CA PRO B 33 -7.40 8.54 -42.20
C PRO B 33 -8.73 9.17 -42.59
N HIS B 34 -8.89 9.63 -43.83
CA HIS B 34 -10.18 10.13 -44.26
C HIS B 34 -11.24 9.03 -44.22
N ILE B 35 -12.31 9.26 -43.47
CA ILE B 35 -13.41 8.30 -43.29
C ILE B 35 -14.70 9.07 -43.00
N GLU B 36 -15.85 8.46 -43.33
CA GLU B 36 -17.17 9.05 -43.02
C GLU B 36 -18.03 8.06 -42.28
N ILE B 37 -18.59 8.50 -41.16
CA ILE B 37 -19.30 7.60 -40.24
C ILE B 37 -20.69 8.12 -39.91
N GLN B 38 -21.68 7.25 -40.14
CA GLN B 38 -23.06 7.55 -39.84
C GLN B 38 -23.60 6.51 -38.89
N MET B 39 -24.40 6.96 -37.93
CA MET B 39 -25.16 6.07 -37.06
C MET B 39 -26.62 6.19 -37.49
N LEU B 40 -27.30 5.05 -37.62
CA LEU B 40 -28.66 5.04 -38.17
C LEU B 40 -29.67 4.58 -37.14
N LYS B 41 -30.84 5.20 -37.15
CA LYS B 41 -32.00 4.71 -36.44
C LYS B 41 -33.03 4.36 -37.49
N ASN B 42 -33.47 3.12 -37.45
CA ASN B 42 -34.41 2.60 -38.41
C ASN B 42 -34.10 3.02 -39.84
N GLY B 43 -32.81 3.03 -40.18
CA GLY B 43 -32.36 3.27 -41.55
C GLY B 43 -32.06 4.71 -41.90
N LYS B 44 -32.31 5.64 -40.97
CA LYS B 44 -32.13 7.07 -41.22
C LYS B 44 -30.97 7.61 -40.39
N LYS B 45 -30.30 8.65 -40.91
CA LYS B 45 -29.24 9.34 -40.15
C LYS B 45 -29.75 9.86 -38.82
N ILE B 46 -29.03 9.56 -37.75
CA ILE B 46 -29.33 10.14 -36.44
C ILE B 46 -28.91 11.62 -36.44
N PRO B 47 -29.79 12.49 -35.94
CA PRO B 47 -29.63 13.95 -36.11
C PRO B 47 -28.23 14.49 -35.79
N LYS B 48 -27.69 14.13 -34.64
CA LYS B 48 -26.43 14.71 -34.15
C LYS B 48 -25.59 13.65 -33.44
N VAL B 49 -24.31 13.56 -33.81
CA VAL B 49 -23.48 12.42 -33.43
C VAL B 49 -22.08 12.83 -32.99
N GLU B 50 -21.68 12.30 -31.83
CA GLU B 50 -20.37 12.60 -31.23
C GLU B 50 -19.28 11.82 -31.95
N MET B 51 -18.18 12.51 -32.24
CA MET B 51 -17.10 11.98 -33.06
C MET B 51 -15.76 12.34 -32.40
N SER B 52 -15.13 11.36 -31.78
CA SER B 52 -13.84 11.56 -31.16
C SER B 52 -12.86 12.00 -32.23
N ASP B 53 -11.78 12.63 -31.80
CA ASP B 53 -10.79 13.14 -32.71
C ASP B 53 -9.96 11.97 -33.20
N MET B 54 -9.49 12.04 -34.44
CA MET B 54 -8.85 10.89 -35.01
C MET B 54 -7.52 10.70 -34.32
N SER B 55 -7.13 9.42 -34.21
CA SER B 55 -5.91 9.03 -33.53
C SER B 55 -5.37 7.80 -34.24
N PHE B 56 -4.18 7.33 -33.85
CA PHE B 56 -3.64 6.09 -34.47
C PHE B 56 -2.92 5.12 -33.55
N SER B 57 -2.97 3.85 -33.96
CA SER B 57 -2.46 2.76 -33.11
C SER B 57 -1.00 2.51 -33.37
N LYS B 58 -0.38 1.72 -32.51
CA LYS B 58 1.04 1.44 -32.57
C LYS B 58 1.47 0.80 -33.92
N ASP B 59 0.52 0.25 -34.67
CA ASP B 59 0.82 -0.39 -35.96
C ASP B 59 0.61 0.60 -37.12
N TRP B 60 0.23 1.84 -36.79
CA TRP B 60 0.07 2.95 -37.74
C TRP B 60 -1.31 2.90 -38.39
N SER B 61 -2.28 2.24 -37.78
CA SER B 61 -3.66 2.33 -38.27
C SER B 61 -4.48 3.26 -37.40
N PHE B 62 -5.37 4.02 -38.04
CA PHE B 62 -6.18 5.02 -37.38
C PHE B 62 -7.48 4.41 -36.87
N TYR B 63 -8.04 5.09 -35.87
CA TYR B 63 -9.27 4.64 -35.24
C TYR B 63 -10.07 5.81 -34.68
N ILE B 64 -11.38 5.60 -34.57
CA ILE B 64 -12.29 6.64 -34.14
C ILE B 64 -13.50 5.98 -33.43
N LEU B 65 -13.99 6.67 -32.39
CA LEU B 65 -15.20 6.27 -31.66
C LEU B 65 -16.31 7.28 -31.87
N ALA B 66 -17.40 6.85 -32.51
CA ALA B 66 -18.60 7.69 -32.70
C ALA B 66 -19.64 7.28 -31.67
N HIS B 67 -20.37 8.25 -31.12
CA HIS B 67 -21.43 7.91 -30.17
C HIS B 67 -22.60 8.87 -30.15
N THR B 68 -23.74 8.37 -29.68
CA THR B 68 -25.01 9.10 -29.73
C THR B 68 -25.95 8.63 -28.63
N GLU B 69 -26.62 9.59 -27.99
CA GLU B 69 -27.61 9.30 -26.97
C GLU B 69 -28.79 8.60 -27.62
N PHE B 70 -29.16 7.47 -27.05
CA PHE B 70 -30.28 6.70 -27.56
C PHE B 70 -31.03 6.08 -26.40
N THR B 71 -32.25 5.67 -26.67
CA THR B 71 -33.08 4.99 -25.72
C THR B 71 -33.58 3.77 -26.44
N PRO B 72 -33.06 2.59 -26.09
CA PRO B 72 -33.47 1.40 -26.81
C PRO B 72 -34.94 1.08 -26.57
N THR B 73 -35.60 0.59 -27.62
CA THR B 73 -36.96 0.06 -27.51
C THR B 73 -36.98 -1.36 -28.06
N GLU B 74 -38.13 -2.03 -27.85
CA GLU B 74 -38.33 -3.39 -28.35
C GLU B 74 -38.03 -3.47 -29.84
N THR B 75 -38.62 -2.52 -30.56
CA THR B 75 -38.76 -2.65 -32.00
C THR B 75 -37.79 -1.86 -32.89
N ASP B 76 -37.28 -0.72 -32.43
CA ASP B 76 -36.36 0.07 -33.27
C ASP B 76 -35.04 -0.69 -33.46
N THR B 77 -34.38 -0.50 -34.60
CA THR B 77 -33.09 -1.14 -34.84
C THR B 77 -32.06 -0.08 -35.21
N TYR B 78 -30.89 -0.15 -34.56
CA TYR B 78 -29.83 0.79 -34.78
C TYR B 78 -28.65 0.22 -35.53
N ALA B 79 -28.08 1.01 -36.42
CA ALA B 79 -26.97 0.57 -37.25
C ALA B 79 -25.90 1.64 -37.34
N CYS B 80 -24.73 1.26 -37.84
CA CYS B 80 -23.67 2.19 -38.16
C CYS B 80 -23.18 1.95 -39.60
N ARG B 81 -23.12 3.00 -40.41
CA ARG B 81 -22.66 2.88 -41.79
C ARG B 81 -21.36 3.65 -41.98
N VAL B 82 -20.31 2.94 -42.38
CA VAL B 82 -18.99 3.50 -42.57
C VAL B 82 -18.66 3.60 -44.05
N LYS B 83 -18.00 4.69 -44.43
CA LYS B 83 -17.64 4.95 -45.80
C LYS B 83 -16.15 5.22 -45.92
N HIS B 84 -15.45 4.49 -46.77
CA HIS B 84 -13.99 4.60 -46.82
C HIS B 84 -13.50 4.12 -48.17
N ASP B 85 -12.33 4.61 -48.59
CA ASP B 85 -11.75 4.27 -49.91
C ASP B 85 -11.24 2.84 -50.05
N SER B 86 -11.18 2.07 -48.96
CA SER B 86 -10.88 0.64 -49.01
C SER B 86 -12.09 -0.14 -49.54
N MET B 87 -13.27 0.46 -49.43
CA MET B 87 -14.50 -0.20 -49.85
C MET B 87 -15.10 0.62 -50.95
N ALA B 88 -15.63 -0.07 -51.97
CA ALA B 88 -16.26 0.58 -53.11
C ALA B 88 -17.67 1.02 -52.77
N GLU B 89 -18.34 0.31 -51.86
CA GLU B 89 -19.64 0.73 -51.30
C GLU B 89 -19.55 0.84 -49.78
N PRO B 90 -20.51 1.52 -49.14
CA PRO B 90 -20.48 1.60 -47.68
C PRO B 90 -20.64 0.25 -46.98
N LYS B 91 -20.35 0.21 -45.70
CA LYS B 91 -20.43 -1.00 -44.89
C LYS B 91 -21.33 -0.63 -43.74
N THR B 92 -22.25 -1.50 -43.38
CA THR B 92 -23.19 -1.26 -42.30
C THR B 92 -23.10 -2.44 -41.36
N VAL B 93 -23.01 -2.21 -40.06
CA VAL B 93 -23.17 -3.30 -39.09
C VAL B 93 -24.26 -2.97 -38.06
N TYR B 94 -25.23 -3.87 -37.90
CA TYR B 94 -26.40 -3.63 -37.06
C TYR B 94 -26.07 -3.97 -35.60
N TRP B 95 -26.75 -3.28 -34.69
CA TRP B 95 -26.55 -3.48 -33.26
C TRP B 95 -27.28 -4.71 -32.74
N ASP B 96 -26.57 -5.56 -32.02
CA ASP B 96 -27.17 -6.71 -31.37
C ASP B 96 -26.98 -6.55 -29.86
N ARG B 97 -28.08 -6.42 -29.12
CA ARG B 97 -28.06 -6.08 -27.71
C ARG B 97 -27.40 -7.18 -26.86
N ASP B 98 -27.24 -8.36 -27.45
CA ASP B 98 -26.53 -9.46 -26.83
C ASP B 98 -25.04 -9.43 -27.14
N MET B 99 -24.58 -8.46 -27.94
CA MET B 99 -23.19 -8.43 -28.41
C MET B 99 -22.54 -7.07 -28.20
N LYS C 1 7.15 16.76 -22.60
CA LYS C 1 7.59 17.79 -23.60
C LYS C 1 7.91 17.14 -24.93
N ALA C 2 7.41 17.72 -26.01
CA ALA C 2 7.44 17.10 -27.34
C ALA C 2 8.80 17.20 -27.98
N PRO C 3 9.16 16.18 -28.78
CA PRO C 3 10.40 16.22 -29.52
C PRO C 3 10.31 17.22 -30.67
N PHE C 4 11.47 17.71 -31.12
CA PHE C 4 11.55 18.44 -32.37
C PHE C 4 12.58 17.72 -33.24
N ASN C 5 12.40 17.76 -34.55
CA ASN C 5 13.13 16.87 -35.44
C ASN C 5 14.23 17.61 -36.16
N PHE C 6 15.25 16.88 -36.58
CA PHE C 6 16.46 17.49 -37.12
C PHE C 6 16.43 17.44 -38.66
N ALA C 7 17.40 16.84 -39.33
CA ALA C 7 17.32 16.70 -40.79
C ALA C 7 15.94 16.30 -41.27
N THR C 8 15.47 16.96 -42.32
CA THR C 8 14.27 16.54 -42.99
C THR C 8 14.60 15.29 -43.81
N MET C 9 13.61 14.43 -43.99
CA MET C 9 13.75 13.17 -44.73
C MET C 9 14.38 13.29 -46.11
N GLY D 1 -6.31 1.62 8.55
CA GLY D 1 -6.60 2.95 9.19
C GLY D 1 -8.06 3.09 9.58
N PRO D 2 -8.38 4.03 10.49
CA PRO D 2 -9.77 4.23 10.89
C PRO D 2 -10.58 4.97 9.83
N HIS D 3 -11.90 4.94 9.96
CA HIS D 3 -12.78 5.51 8.95
C HIS D 3 -14.05 6.03 9.59
N SER D 4 -14.82 6.81 8.83
CA SER D 4 -16.00 7.46 9.41
C SER D 4 -17.01 7.85 8.34
N MET D 5 -18.28 7.90 8.73
CA MET D 5 -19.31 8.50 7.91
C MET D 5 -20.14 9.46 8.78
N ARG D 6 -20.53 10.61 8.20
CA ARG D 6 -21.44 11.55 8.84
C ARG D 6 -22.45 12.14 7.86
N TYR D 7 -23.65 12.42 8.35
CA TYR D 7 -24.59 13.28 7.64
C TYR D 7 -24.91 14.51 8.47
N PHE D 8 -24.66 15.69 7.92
CA PHE D 8 -24.89 16.95 8.64
C PHE D 8 -26.11 17.65 8.07
N GLU D 9 -27.21 17.69 8.83
CA GLU D 9 -28.47 18.20 8.30
C GLU D 9 -28.84 19.52 8.95
N THR D 10 -29.36 20.45 8.15
CA THR D 10 -29.71 21.80 8.62
C THR D 10 -31.06 22.27 8.08
N ALA D 11 -31.85 22.90 8.94
CA ALA D 11 -33.07 23.56 8.52
C ALA D 11 -33.09 24.98 9.09
N VAL D 12 -33.37 25.93 8.23
CA VAL D 12 -33.34 27.34 8.59
C VAL D 12 -34.65 28.02 8.24
N SER D 13 -35.23 28.75 9.19
CA SER D 13 -36.39 29.58 8.94
C SER D 13 -36.02 31.06 9.10
N ARG D 14 -36.60 31.90 8.24
CA ARG D 14 -36.34 33.34 8.29
C ARG D 14 -37.68 34.07 8.22
N PRO D 15 -37.76 35.28 8.83
CA PRO D 15 -39.03 36.01 8.91
C PRO D 15 -39.72 36.15 7.54
N GLY D 16 -38.93 36.45 6.51
CA GLY D 16 -39.42 36.53 5.14
C GLY D 16 -40.02 35.24 4.59
N LEU D 17 -39.17 34.24 4.36
CA LEU D 17 -39.60 32.93 3.82
C LEU D 17 -40.83 32.32 4.52
N GLU D 18 -41.72 31.74 3.69
CA GLU D 18 -42.89 31.03 4.21
C GLU D 18 -42.43 29.71 4.78
N GLU D 19 -41.66 28.96 4.00
CA GLU D 19 -41.18 27.62 4.39
C GLU D 19 -39.67 27.59 4.60
N PRO D 20 -39.21 26.78 5.58
CA PRO D 20 -37.78 26.73 5.87
C PRO D 20 -37.01 26.05 4.75
N ARG D 21 -35.70 26.25 4.77
CA ARG D 21 -34.82 25.67 3.78
C ARG D 21 -34.04 24.52 4.41
N TYR D 22 -34.02 23.37 3.72
CA TYR D 22 -33.39 22.18 4.26
C TYR D 22 -32.14 21.79 3.47
N ILE D 23 -31.04 21.57 4.17
CA ILE D 23 -29.79 21.13 3.54
C ILE D 23 -29.20 19.94 4.27
N SER D 24 -28.82 18.91 3.52
CA SER D 24 -28.14 17.74 4.10
C SER D 24 -26.86 17.47 3.33
N VAL D 25 -25.76 17.25 4.05
CA VAL D 25 -24.47 16.94 3.43
C VAL D 25 -23.93 15.65 4.05
N GLY D 26 -23.54 14.70 3.19
CA GLY D 26 -22.94 13.47 3.65
C GLY D 26 -21.45 13.57 3.56
N TYR D 27 -20.76 12.87 4.44
CA TYR D 27 -19.30 12.83 4.46
C TYR D 27 -18.80 11.41 4.68
N VAL D 28 -17.70 11.10 4.02
CA VAL D 28 -16.96 9.90 4.30
C VAL D 28 -15.49 10.30 4.55
N ASP D 29 -14.92 9.75 5.62
CA ASP D 29 -13.62 10.21 6.13
C ASP D 29 -13.49 11.73 5.97
N ASN D 30 -14.49 12.45 6.49
CA ASN D 30 -14.52 13.92 6.48
C ASN D 30 -14.50 14.62 5.13
N LYS D 31 -14.54 13.87 4.04
CA LYS D 31 -14.63 14.44 2.69
C LYS D 31 -16.09 14.38 2.29
N GLU D 32 -16.60 15.49 1.77
CA GLU D 32 -17.97 15.57 1.32
C GLU D 32 -18.15 14.64 0.13
N PHE D 33 -19.27 13.92 0.09
CA PHE D 33 -19.51 12.96 -1.00
C PHE D 33 -20.94 12.97 -1.55
N VAL D 34 -21.90 13.50 -0.79
CA VAL D 34 -23.26 13.71 -1.31
C VAL D 34 -23.89 14.99 -0.75
N ARG D 35 -24.94 15.48 -1.40
CA ARG D 35 -25.57 16.74 -1.00
C ARG D 35 -26.97 16.95 -1.56
N PHE D 36 -27.89 17.33 -0.67
CA PHE D 36 -29.26 17.72 -1.01
C PHE D 36 -29.46 19.15 -0.55
N ASP D 37 -30.20 19.93 -1.34
CA ASP D 37 -30.52 21.31 -1.02
C ASP D 37 -31.88 21.67 -1.63
N SER D 38 -32.83 22.04 -0.77
CA SER D 38 -34.23 22.27 -1.18
C SER D 38 -34.47 23.55 -1.97
N ASP D 39 -33.51 24.47 -1.96
CA ASP D 39 -33.60 25.65 -2.82
C ASP D 39 -33.28 25.34 -4.29
N ALA D 40 -32.57 24.25 -4.53
CA ALA D 40 -32.30 23.82 -5.90
C ALA D 40 -33.60 23.73 -6.70
N GLU D 41 -33.53 24.24 -7.92
CA GLU D 41 -34.56 24.05 -8.95
C GLU D 41 -35.22 22.66 -8.95
N ASN D 42 -34.41 21.62 -8.91
CA ASN D 42 -34.86 20.24 -8.91
C ASN D 42 -34.25 19.50 -7.70
N PRO D 43 -34.86 19.67 -6.52
CA PRO D 43 -34.22 19.17 -5.29
C PRO D 43 -33.91 17.66 -5.32
N ARG D 44 -32.62 17.33 -5.22
CA ARG D 44 -32.15 15.95 -5.29
C ARG D 44 -30.83 15.78 -4.57
N TYR D 45 -30.57 14.59 -4.04
CA TYR D 45 -29.22 14.24 -3.62
C TYR D 45 -28.35 14.13 -4.87
N GLU D 46 -27.31 14.95 -4.96
CA GLU D 46 -26.35 14.92 -6.06
C GLU D 46 -25.04 14.30 -5.58
N PRO D 47 -24.30 13.62 -6.46
CA PRO D 47 -22.98 13.14 -6.06
C PRO D 47 -22.01 14.30 -5.94
N ARG D 48 -20.96 14.13 -5.14
CA ARG D 48 -20.02 15.22 -4.84
C ARG D 48 -18.55 14.83 -4.96
N ALA D 49 -18.27 13.52 -4.93
CA ALA D 49 -16.98 12.95 -5.30
C ALA D 49 -17.13 12.20 -6.61
N PRO D 50 -16.03 12.02 -7.35
CA PRO D 50 -16.08 11.30 -8.63
C PRO D 50 -16.51 9.85 -8.47
N TRP D 51 -16.00 9.20 -7.43
CA TRP D 51 -16.27 7.79 -7.18
C TRP D 51 -17.74 7.44 -6.89
N MET D 52 -18.58 8.44 -6.63
CA MET D 52 -20.00 8.19 -6.32
C MET D 52 -20.92 8.08 -7.56
N GLU D 53 -20.47 8.58 -8.72
CA GLU D 53 -21.27 8.37 -9.96
C GLU D 53 -21.61 6.90 -10.24
N GLN D 54 -20.87 5.99 -9.62
CA GLN D 54 -21.11 4.55 -9.75
C GLN D 54 -22.47 4.06 -9.22
N GLU D 55 -23.22 4.91 -8.53
CA GLU D 55 -24.55 4.53 -8.02
C GLU D 55 -25.64 4.85 -9.05
N GLY D 56 -26.51 3.87 -9.31
CA GLY D 56 -27.58 4.04 -10.30
C GLY D 56 -28.71 4.93 -9.80
N PRO D 57 -29.66 5.26 -10.70
CA PRO D 57 -30.75 6.19 -10.36
C PRO D 57 -31.63 5.78 -9.17
N GLU D 58 -31.69 4.48 -8.85
CA GLU D 58 -32.52 4.02 -7.73
C GLU D 58 -31.96 4.49 -6.40
N TYR D 59 -30.64 4.43 -6.26
CA TYR D 59 -29.96 5.02 -5.12
C TYR D 59 -30.41 6.47 -4.94
N TRP D 60 -30.29 7.26 -5.99
CA TRP D 60 -30.54 8.70 -5.92
C TRP D 60 -32.01 9.04 -5.70
N GLU D 61 -32.89 8.30 -6.33
CA GLU D 61 -34.33 8.47 -6.11
C GLU D 61 -34.69 8.14 -4.65
N ARG D 62 -34.07 7.08 -4.11
CA ARG D 62 -34.36 6.60 -2.75
C ARG D 62 -33.89 7.58 -1.68
N GLU D 63 -32.64 7.99 -1.78
CA GLU D 63 -32.08 8.96 -0.86
C GLU D 63 -32.81 10.29 -0.95
N THR D 64 -33.07 10.76 -2.16
CA THR D 64 -33.86 11.98 -2.35
C THR D 64 -35.19 11.94 -1.61
N GLN D 65 -35.84 10.78 -1.64
CA GLN D 65 -37.15 10.60 -1.02
C GLN D 65 -37.04 10.66 0.51
N LYS D 66 -36.00 10.06 1.06
CA LYS D 66 -35.66 10.28 2.46
C LYS D 66 -35.50 11.77 2.77
N ALA D 67 -34.74 12.47 1.95
CA ALA D 67 -34.51 13.91 2.14
C ALA D 67 -35.84 14.65 2.23
N LYS D 68 -36.77 14.32 1.35
CA LYS D 68 -38.05 15.00 1.35
C LYS D 68 -38.82 14.74 2.65
N GLY D 69 -38.60 13.56 3.23
CA GLY D 69 -39.17 13.21 4.53
C GLY D 69 -38.53 13.96 5.68
N GLN D 70 -37.21 14.14 5.62
CA GLN D 70 -36.48 14.86 6.67
C GLN D 70 -36.92 16.32 6.69
N GLU D 71 -37.16 16.86 5.50
CA GLU D 71 -37.63 18.23 5.34
C GLU D 71 -38.96 18.42 6.04
N GLN D 72 -39.87 17.47 5.85
CA GLN D 72 -41.11 17.40 6.63
C GLN D 72 -40.80 17.42 8.14
N TRP D 73 -39.91 16.52 8.56
CA TRP D 73 -39.60 16.33 9.97
C TRP D 73 -39.04 17.60 10.61
N PHE D 74 -38.06 18.22 9.95
CA PHE D 74 -37.46 19.44 10.45
C PHE D 74 -38.49 20.57 10.53
N ARG D 75 -39.36 20.63 9.54
CA ARG D 75 -40.36 21.68 9.47
C ARG D 75 -41.20 21.58 10.71
N VAL D 76 -41.71 20.39 11.00
CA VAL D 76 -42.61 20.22 12.14
C VAL D 76 -41.89 20.48 13.47
N SER D 77 -40.67 19.96 13.57
CA SER D 77 -39.88 20.10 14.78
C SER D 77 -39.62 21.56 15.09
N LEU D 78 -39.17 22.30 14.08
CA LEU D 78 -39.01 23.76 14.19
C LEU D 78 -40.25 24.39 14.81
N ARG D 79 -41.41 24.04 14.28
CA ARG D 79 -42.67 24.56 14.78
C ARG D 79 -42.81 24.28 16.27
N ASN D 80 -42.59 23.03 16.67
CA ASN D 80 -42.78 22.66 18.08
C ASN D 80 -41.79 23.36 19.03
N LEU D 81 -40.54 23.45 18.59
CA LEU D 81 -39.48 24.11 19.36
C LEU D 81 -39.80 25.58 19.63
N LEU D 82 -40.28 26.27 18.61
CA LEU D 82 -40.80 27.64 18.76
C LEU D 82 -41.72 27.73 19.99
N GLY D 83 -42.71 26.86 20.03
CA GLY D 83 -43.65 26.80 21.14
C GLY D 83 -42.98 26.48 22.48
N TYR D 84 -42.07 25.50 22.49
CA TYR D 84 -41.37 25.11 23.73
C TYR D 84 -40.58 26.25 24.35
N TYR D 85 -39.96 27.07 23.51
CA TYR D 85 -39.13 28.18 23.97
C TYR D 85 -39.90 29.51 24.10
N ASN D 86 -41.23 29.47 23.91
CA ASN D 86 -42.07 30.67 23.96
C ASN D 86 -41.52 31.78 23.09
N GLN D 87 -41.03 31.39 21.91
CA GLN D 87 -40.55 32.32 20.91
C GLN D 87 -41.78 32.71 20.11
N SER D 88 -41.84 33.94 19.62
CA SER D 88 -43.02 34.35 18.87
C SER D 88 -42.74 34.37 17.37
N ALA D 89 -43.76 34.67 16.58
CA ALA D 89 -43.58 34.86 15.14
C ALA D 89 -42.63 36.03 14.91
N GLY D 90 -41.71 35.86 13.96
CA GLY D 90 -40.90 36.96 13.44
C GLY D 90 -39.44 36.97 13.81
N GLY D 91 -38.79 35.81 13.74
CA GLY D 91 -37.37 35.66 14.02
C GLY D 91 -36.74 34.66 13.09
N SER D 92 -35.41 34.59 13.12
CA SER D 92 -34.71 33.55 12.40
C SER D 92 -34.46 32.46 13.41
N HIS D 93 -34.58 31.21 12.96
CA HIS D 93 -34.31 30.06 13.81
C HIS D 93 -33.63 29.01 12.98
N THR D 94 -32.87 28.14 13.64
CA THR D 94 -32.15 27.11 12.95
C THR D 94 -32.01 25.82 13.75
N LEU D 95 -32.10 24.69 13.04
CA LEU D 95 -32.09 23.37 13.65
C LEU D 95 -31.11 22.53 12.87
N GLN D 96 -30.24 21.83 13.59
CA GLN D 96 -29.13 21.09 13.00
C GLN D 96 -29.03 19.70 13.55
N GLN D 97 -28.60 18.77 12.70
CA GLN D 97 -28.42 17.40 13.11
C GLN D 97 -27.10 16.89 12.55
N MET D 98 -26.41 16.09 13.37
CA MET D 98 -25.27 15.29 12.94
C MET D 98 -25.60 13.85 13.31
N SER D 99 -25.39 12.93 12.35
CA SER D 99 -25.54 11.51 12.57
C SER D 99 -24.47 10.75 11.82
N GLY D 100 -24.05 9.63 12.38
CA GLY D 100 -23.16 8.71 11.68
C GLY D 100 -22.39 7.76 12.58
N CYS D 101 -21.40 7.10 11.98
CA CYS D 101 -20.65 6.04 12.67
C CYS D 101 -19.15 6.24 12.52
N ASP D 102 -18.39 5.66 13.46
CA ASP D 102 -16.94 5.63 13.39
C ASP D 102 -16.50 4.19 13.38
N LEU D 103 -15.53 3.87 12.54
CA LEU D 103 -14.98 2.53 12.47
C LEU D 103 -13.53 2.57 12.91
N GLY D 104 -13.07 1.47 13.49
CA GLY D 104 -11.65 1.27 13.76
C GLY D 104 -10.96 0.77 12.50
N SER D 105 -9.67 0.49 12.61
CA SER D 105 -8.90 0.00 11.47
C SER D 105 -9.32 -1.42 11.08
N ASP D 106 -9.98 -2.12 12.00
CA ASP D 106 -10.55 -3.45 11.73
C ASP D 106 -11.90 -3.38 11.05
N TRP D 107 -12.40 -2.15 10.85
CA TRP D 107 -13.67 -1.91 10.17
C TRP D 107 -14.88 -2.20 11.04
N ARG D 108 -14.66 -2.42 12.34
CA ARG D 108 -15.76 -2.57 13.31
C ARG D 108 -16.23 -1.24 13.84
N LEU D 109 -17.51 -1.16 14.18
CA LEU D 109 -18.11 0.06 14.73
C LEU D 109 -17.44 0.46 16.03
N LEU D 110 -16.69 1.54 16.01
CA LEU D 110 -16.07 2.08 17.21
C LEU D 110 -17.11 2.86 18.03
N ARG D 111 -17.95 3.63 17.36
CA ARG D 111 -18.93 4.49 18.03
C ARG D 111 -19.94 5.11 17.05
N GLY D 112 -21.19 5.21 17.47
CA GLY D 112 -22.22 5.91 16.70
C GLY D 112 -22.51 7.29 17.27
N TYR D 113 -22.95 8.22 16.40
CA TYR D 113 -23.23 9.62 16.76
C TYR D 113 -24.60 10.06 16.34
N LEU D 114 -25.28 10.81 17.20
CA LEU D 114 -26.61 11.34 16.89
C LEU D 114 -26.92 12.49 17.83
N GLN D 115 -26.70 13.71 17.36
CA GLN D 115 -26.93 14.89 18.20
C GLN D 115 -27.66 15.97 17.44
N PHE D 116 -28.43 16.77 18.17
CA PHE D 116 -29.17 17.90 17.62
C PHE D 116 -28.81 19.22 18.30
N ALA D 117 -28.92 20.31 17.54
CA ALA D 117 -28.69 21.65 18.05
C ALA D 117 -29.77 22.57 17.56
N TYR D 118 -30.21 23.45 18.46
CA TYR D 118 -31.23 24.44 18.16
C TYR D 118 -30.61 25.79 18.44
N GLU D 119 -30.78 26.71 17.49
CA GLU D 119 -30.16 28.03 17.54
C GLU D 119 -28.65 27.91 17.76
N GLY D 120 -28.02 26.91 17.15
CA GLY D 120 -26.58 26.71 17.33
C GLY D 120 -26.16 26.14 18.68
N ARG D 121 -27.11 25.71 19.51
CA ARG D 121 -26.79 25.20 20.84
C ARG D 121 -27.29 23.79 20.97
N ASP D 122 -26.54 22.98 21.70
CA ASP D 122 -26.89 21.59 21.93
C ASP D 122 -28.29 21.53 22.44
N TYR D 123 -29.13 20.71 21.81
CA TYR D 123 -30.50 20.54 22.26
C TYR D 123 -30.70 19.19 22.90
N ILE D 124 -30.40 18.14 22.14
CA ILE D 124 -30.54 16.78 22.63
C ILE D 124 -29.58 15.92 21.85
N ALA D 125 -28.94 14.96 22.53
CA ALA D 125 -28.03 14.02 21.90
C ALA D 125 -28.22 12.62 22.44
N LEU D 126 -27.88 11.64 21.61
CA LEU D 126 -27.91 10.25 22.01
C LEU D 126 -26.59 9.91 22.63
N ASN D 127 -26.61 9.37 23.84
CA ASN D 127 -25.38 8.98 24.54
C ASN D 127 -24.62 7.88 23.81
N GLU D 128 -23.36 7.68 24.17
CA GLU D 128 -22.53 6.68 23.49
C GLU D 128 -23.14 5.30 23.59
N ASP D 129 -24.00 5.06 24.57
CA ASP D 129 -24.65 3.74 24.74
C ASP D 129 -25.79 3.49 23.76
N LEU D 130 -26.11 4.49 22.94
CA LEU D 130 -27.20 4.40 21.96
C LEU D 130 -28.52 3.93 22.58
N LYS D 131 -28.70 4.22 23.86
CA LYS D 131 -29.88 3.82 24.65
C LYS D 131 -30.49 5.00 25.39
N THR D 132 -29.64 5.87 25.96
CA THR D 132 -30.15 7.00 26.74
C THR D 132 -29.87 8.33 26.06
N TRP D 133 -30.61 9.35 26.49
CA TRP D 133 -30.52 10.69 25.96
C TRP D 133 -29.96 11.66 27.00
N THR D 134 -29.17 12.60 26.51
CA THR D 134 -28.69 13.72 27.30
C THR D 134 -29.27 15.00 26.66
N ALA D 135 -29.87 15.87 27.49
CA ALA D 135 -30.52 17.13 27.06
C ALA D 135 -30.52 18.14 28.22
N ALA D 136 -29.76 19.22 28.07
CA ALA D 136 -29.55 20.16 29.16
C ALA D 136 -30.80 20.97 29.47
N ASP D 137 -31.38 21.60 28.45
CA ASP D 137 -32.40 22.64 28.63
C ASP D 137 -33.71 22.14 29.16
N MET D 138 -34.30 22.90 30.08
CA MET D 138 -35.59 22.53 30.63
C MET D 138 -36.57 22.33 29.48
N ALA D 139 -36.55 23.22 28.49
CA ALA D 139 -37.40 23.09 27.31
C ALA D 139 -37.18 21.77 26.57
N ALA D 140 -35.94 21.26 26.62
CA ALA D 140 -35.54 20.01 25.96
C ALA D 140 -36.07 18.76 26.68
N GLN D 141 -36.50 18.89 27.93
CA GLN D 141 -36.98 17.72 28.69
C GLN D 141 -38.26 17.16 28.07
N ILE D 142 -39.01 18.04 27.44
CA ILE D 142 -40.23 17.65 26.76
C ILE D 142 -39.93 16.67 25.61
N THR D 143 -38.94 17.00 24.78
CA THR D 143 -38.51 16.09 23.75
C THR D 143 -37.87 14.83 24.36
N ARG D 144 -37.09 14.99 25.43
CA ARG D 144 -36.48 13.82 26.09
C ARG D 144 -37.54 12.80 26.52
N ARG D 145 -38.56 13.26 27.25
CA ARG D 145 -39.65 12.39 27.74
C ARG D 145 -40.39 11.73 26.59
N LYS D 146 -40.70 12.51 25.57
CA LYS D 146 -41.41 12.05 24.38
C LYS D 146 -40.70 10.88 23.71
N TRP D 147 -39.41 11.06 23.46
CA TRP D 147 -38.55 10.09 22.77
C TRP D 147 -38.21 8.86 23.62
N GLU D 148 -38.09 9.05 24.93
CA GLU D 148 -37.93 7.91 25.84
C GLU D 148 -39.19 7.04 25.80
N GLN D 149 -40.35 7.71 25.78
CA GLN D 149 -41.65 7.05 25.82
C GLN D 149 -41.94 6.23 24.56
N SER D 150 -41.37 6.66 23.42
CA SER D 150 -41.72 6.09 22.12
C SER D 150 -40.64 5.16 21.54
N GLY D 151 -39.53 4.99 22.25
CA GLY D 151 -38.50 4.02 21.86
C GLY D 151 -37.63 4.53 20.73
N ALA D 152 -37.60 5.85 20.54
CA ALA D 152 -36.78 6.50 19.52
C ALA D 152 -35.34 5.99 19.50
N ALA D 153 -34.73 5.84 20.67
CA ALA D 153 -33.32 5.44 20.74
C ALA D 153 -33.06 4.18 19.94
N GLU D 154 -33.95 3.21 20.05
CA GLU D 154 -33.71 1.88 19.46
C GLU D 154 -33.69 1.92 17.94
N HIS D 155 -34.57 2.70 17.35
CA HIS D 155 -34.68 2.69 15.90
C HIS D 155 -33.59 3.54 15.21
N TYR D 156 -33.08 4.56 15.90
CA TYR D 156 -31.79 5.18 15.53
C TYR D 156 -30.60 4.24 15.77
N LYS D 157 -30.67 3.45 16.83
CA LYS D 157 -29.59 2.53 17.15
C LYS D 157 -29.42 1.52 15.99
N ALA D 158 -30.54 1.07 15.43
CA ALA D 158 -30.51 0.06 14.37
C ALA D 158 -29.84 0.62 13.11
N TYR D 159 -30.15 1.87 12.77
CA TYR D 159 -29.52 2.53 11.63
C TYR D 159 -28.04 2.70 11.86
N LEU D 160 -27.71 3.33 12.99
CA LEU D 160 -26.32 3.60 13.34
C LEU D 160 -25.47 2.33 13.36
N GLU D 161 -25.99 1.25 13.96
CA GLU D 161 -25.23 -0.02 14.09
C GLU D 161 -25.28 -0.87 12.82
N GLY D 162 -26.24 -0.60 11.93
CA GLY D 162 -26.46 -1.44 10.73
C GLY D 162 -26.26 -0.71 9.43
N GLU D 163 -27.32 -0.08 8.92
CA GLU D 163 -27.23 0.63 7.65
C GLU D 163 -25.94 1.46 7.56
N CYS D 164 -25.68 2.30 8.57
CA CYS D 164 -24.54 3.24 8.56
C CYS D 164 -23.22 2.54 8.36
N VAL D 165 -23.05 1.45 9.09
CA VAL D 165 -21.82 0.68 9.00
C VAL D 165 -21.79 0.00 7.65
N GLU D 166 -22.92 -0.64 7.33
CA GLU D 166 -23.02 -1.53 6.18
C GLU D 166 -22.63 -0.78 4.91
N TRP D 167 -23.34 0.31 4.64
CA TRP D 167 -23.11 1.13 3.46
C TRP D 167 -21.73 1.81 3.48
N LEU D 168 -21.23 2.18 4.66
CA LEU D 168 -19.91 2.82 4.72
C LEU D 168 -18.85 1.86 4.23
N HIS D 169 -18.98 0.59 4.60
CA HIS D 169 -18.09 -0.42 4.06
C HIS D 169 -18.11 -0.33 2.54
N ARG D 170 -19.31 -0.38 1.98
CA ARG D 170 -19.49 -0.36 0.55
C ARG D 170 -18.83 0.86 -0.09
N TYR D 171 -19.01 2.03 0.52
CA TYR D 171 -18.44 3.25 -0.07
C TYR D 171 -16.92 3.18 -0.06
N LEU D 172 -16.36 2.64 1.03
CA LEU D 172 -14.91 2.53 1.15
C LEU D 172 -14.33 1.57 0.12
N LYS D 173 -15.04 0.47 -0.14
CA LYS D 173 -14.61 -0.48 -1.18
C LYS D 173 -14.57 0.20 -2.53
N ASN D 174 -15.66 0.89 -2.86
CA ASN D 174 -15.83 1.47 -4.17
C ASN D 174 -14.75 2.49 -4.46
N GLY D 175 -14.74 3.59 -3.71
CA GLY D 175 -13.68 4.57 -3.85
C GLY D 175 -12.50 4.21 -2.96
N ASN D 176 -11.77 3.15 -3.35
CA ASN D 176 -10.60 2.69 -2.57
C ASN D 176 -9.32 3.38 -3.02
N ALA D 177 -9.31 3.87 -4.27
CA ALA D 177 -8.15 4.54 -4.88
C ALA D 177 -8.08 6.05 -4.59
N THR D 178 -9.15 6.60 -4.00
CA THR D 178 -9.26 8.05 -3.74
C THR D 178 -9.08 8.36 -2.25
N LEU D 179 -9.83 7.65 -1.41
CA LEU D 179 -9.78 7.85 0.04
C LEU D 179 -8.45 7.37 0.64
N LEU D 180 -8.00 6.19 0.22
CA LEU D 180 -6.75 5.56 0.72
C LEU D 180 -5.64 6.58 1.05
N ARG D 181 -5.40 7.51 0.12
CA ARG D 181 -4.33 8.48 0.28
C ARG D 181 -4.58 9.51 1.41
N THR D 182 -3.52 9.78 2.14
CA THR D 182 -3.39 10.97 2.96
C THR D 182 -2.21 11.72 2.36
N ASP D 183 -2.26 13.03 2.36
CA ASP D 183 -1.17 13.84 1.80
C ASP D 183 -0.28 14.43 2.88
N SER D 184 1.00 14.05 2.87
CA SER D 184 1.96 14.57 3.84
C SER D 184 2.21 16.05 3.57
N PRO D 185 2.58 16.81 4.61
CA PRO D 185 2.88 18.20 4.45
C PRO D 185 4.30 18.42 3.92
N LYS D 186 4.52 19.61 3.38
CA LYS D 186 5.85 20.04 2.91
C LYS D 186 6.19 21.32 3.66
N ALA D 187 7.24 21.29 4.46
CA ALA D 187 7.52 22.40 5.38
C ALA D 187 8.68 23.26 4.91
N HIS D 188 8.58 24.56 5.19
CA HIS D 188 9.65 25.51 4.91
C HIS D 188 9.48 26.74 5.78
N VAL D 189 10.58 27.43 6.04
CA VAL D 189 10.60 28.56 6.95
C VAL D 189 10.94 29.83 6.20
N THR D 190 10.34 30.95 6.60
CA THR D 190 10.63 32.26 5.99
C THR D 190 11.15 33.24 7.05
N HIS D 191 11.75 34.33 6.58
CA HIS D 191 12.38 35.34 7.45
C HIS D 191 11.73 36.70 7.25
N HIS D 192 11.49 37.42 8.35
CA HIS D 192 10.94 38.78 8.31
C HIS D 192 11.53 39.66 9.42
N PRO D 193 11.85 40.93 9.13
CA PRO D 193 12.73 41.78 9.97
C PRO D 193 12.14 42.44 11.23
N ARG D 194 11.04 41.92 11.76
CA ARG D 194 10.44 42.43 13.01
C ARG D 194 11.47 43.08 13.94
N GLU D 198 15.51 42.43 16.16
CA GLU D 198 14.54 41.33 16.19
C GLU D 198 14.04 40.93 14.80
N VAL D 199 13.68 39.66 14.65
CA VAL D 199 13.13 39.12 13.40
C VAL D 199 12.06 38.07 13.68
N THR D 200 11.15 37.86 12.73
CA THR D 200 10.07 36.86 12.84
C THR D 200 10.40 35.64 11.98
N LEU D 201 10.39 34.47 12.59
CA LEU D 201 10.54 33.21 11.89
C LEU D 201 9.16 32.61 11.75
N ARG D 202 8.83 32.11 10.57
CA ARG D 202 7.50 31.60 10.29
C ARG D 202 7.59 30.22 9.65
N CYS D 203 7.08 29.21 10.35
CA CYS D 203 7.11 27.85 9.84
C CYS D 203 5.83 27.54 9.08
N TRP D 204 5.97 27.23 7.80
CA TRP D 204 4.82 26.96 6.95
C TRP D 204 4.61 25.47 6.78
N ALA D 205 3.36 25.05 6.75
CA ALA D 205 3.01 23.70 6.35
C ALA D 205 2.02 23.80 5.22
N LEU D 206 2.28 23.11 4.11
CA LEU D 206 1.45 23.22 2.92
C LEU D 206 1.12 21.86 2.30
N GLY D 207 0.02 21.82 1.56
CA GLY D 207 -0.37 20.65 0.78
C GLY D 207 -0.57 19.36 1.56
N PHE D 208 -1.32 19.41 2.67
CA PHE D 208 -1.56 18.22 3.49
C PHE D 208 -3.03 17.86 3.65
N TYR D 209 -3.29 16.57 3.87
CA TYR D 209 -4.63 16.06 4.12
C TYR D 209 -4.50 14.81 4.99
N PRO D 210 -5.32 14.68 6.04
CA PRO D 210 -6.40 15.60 6.44
C PRO D 210 -5.90 16.82 7.22
N ALA D 211 -6.83 17.67 7.64
CA ALA D 211 -6.49 18.98 8.23
C ALA D 211 -5.71 18.93 9.53
N ASP D 212 -5.90 17.88 10.32
CA ASP D 212 -5.31 17.80 11.66
C ASP D 212 -3.79 17.81 11.56
N ILE D 213 -3.16 18.69 12.34
CA ILE D 213 -1.72 18.94 12.24
C ILE D 213 -1.22 19.75 13.44
N THR D 214 0.06 19.60 13.79
CA THR D 214 0.63 20.33 14.92
C THR D 214 2.01 20.91 14.59
N LEU D 215 2.20 22.18 14.98
CA LEU D 215 3.44 22.93 14.76
C LEU D 215 3.96 23.42 16.10
N THR D 216 5.26 23.24 16.35
CA THR D 216 5.87 23.68 17.60
C THR D 216 7.29 24.14 17.42
N TRP D 217 7.61 25.32 17.94
CA TRP D 217 8.97 25.84 17.91
C TRP D 217 9.78 25.46 19.16
N GLN D 218 11.10 25.32 18.96
CA GLN D 218 12.05 25.06 20.03
C GLN D 218 13.27 25.96 19.90
N GLY D 221 15.66 22.86 22.89
CA GLY D 221 14.88 24.00 23.36
C GLY D 221 13.58 23.62 24.03
N GLU D 222 12.73 24.62 24.24
CA GLU D 222 11.48 24.48 25.00
C GLU D 222 10.26 24.73 24.12
N GLU D 223 9.07 24.65 24.71
CA GLU D 223 7.81 24.93 23.99
C GLU D 223 7.48 26.42 24.03
N MET D 228 4.24 32.49 21.03
CA MET D 228 4.14 31.93 19.69
C MET D 228 2.84 32.37 19.03
N GLU D 229 2.92 32.66 17.73
CA GLU D 229 1.75 33.11 16.97
C GLU D 229 1.43 32.14 15.82
N LEU D 230 0.16 31.76 15.71
CA LEU D 230 -0.29 30.84 14.67
C LEU D 230 -1.63 31.28 14.09
N VAL D 231 -1.97 30.71 12.94
CA VAL D 231 -3.29 30.87 12.33
C VAL D 231 -4.05 29.55 12.36
N GLU D 232 -5.37 29.64 12.30
CA GLU D 232 -6.20 28.43 12.27
C GLU D 232 -5.97 27.70 10.95
N THR D 233 -5.98 26.37 11.00
CA THR D 233 -5.81 25.57 9.80
C THR D 233 -6.89 25.96 8.77
N ARG D 234 -6.48 26.07 7.52
CA ARG D 234 -7.27 26.70 6.47
C ARG D 234 -7.14 25.88 5.19
N PRO D 235 -8.22 25.77 4.40
CA PRO D 235 -8.13 24.97 3.16
C PRO D 235 -7.47 25.70 2.01
N ALA D 236 -6.54 25.03 1.33
CA ALA D 236 -5.91 25.55 0.12
C ALA D 236 -6.94 25.81 -0.98
N GLY D 237 -7.99 25.00 -0.98
CA GLY D 237 -9.05 25.08 -1.99
C GLY D 237 -8.92 24.01 -3.07
N ASP D 238 -7.85 23.20 -2.97
CA ASP D 238 -7.60 22.10 -3.91
C ASP D 238 -7.67 20.75 -3.18
N GLY D 239 -8.42 20.70 -2.10
CA GLY D 239 -8.51 19.51 -1.25
C GLY D 239 -7.44 19.38 -0.16
N THR D 240 -6.38 20.16 -0.24
CA THR D 240 -5.33 20.15 0.78
C THR D 240 -5.43 21.38 1.66
N PHE D 241 -4.61 21.42 2.72
CA PHE D 241 -4.74 22.43 3.77
C PHE D 241 -3.44 23.17 4.02
N GLN D 242 -3.54 24.29 4.74
CA GLN D 242 -2.38 25.10 5.13
C GLN D 242 -2.40 25.49 6.61
N LYS D 243 -1.21 25.68 7.17
CA LYS D 243 -1.06 26.30 8.49
C LYS D 243 0.36 26.83 8.67
N TRP D 244 0.51 27.83 9.54
CA TRP D 244 1.84 28.24 9.96
C TRP D 244 1.90 28.63 11.41
N ALA D 245 3.10 28.57 11.96
CA ALA D 245 3.39 29.04 13.30
C ALA D 245 4.61 29.94 13.24
N SER D 246 4.57 31.07 13.92
CA SER D 246 5.68 32.01 13.95
C SER D 246 6.15 32.34 15.36
N VAL D 247 7.40 32.78 15.45
CA VAL D 247 7.98 33.24 16.71
C VAL D 247 8.92 34.42 16.46
N VAL D 248 9.04 35.31 17.44
CA VAL D 248 9.96 36.44 17.35
C VAL D 248 11.30 36.01 17.94
N VAL D 249 12.38 36.38 17.25
CA VAL D 249 13.73 35.91 17.57
C VAL D 249 14.74 37.07 17.53
N PRO D 250 15.74 37.07 18.43
CA PRO D 250 16.83 38.05 18.32
C PRO D 250 17.66 37.87 17.05
N LEU D 251 17.96 38.98 16.38
CA LEU D 251 18.76 38.99 15.15
C LEU D 251 20.11 38.30 15.33
N GLY D 252 20.40 37.33 14.47
CA GLY D 252 21.65 36.56 14.54
C GLY D 252 21.47 35.19 15.18
N LYS D 253 20.61 35.10 16.19
CA LYS D 253 20.36 33.85 16.92
C LYS D 253 19.39 32.97 16.14
N GLU D 254 19.62 32.84 14.84
CA GLU D 254 18.64 32.28 13.90
C GLU D 254 18.57 30.76 13.99
N GLN D 255 19.67 30.14 14.41
CA GLN D 255 19.83 28.69 14.33
C GLN D 255 19.62 27.97 15.66
N ASN D 256 19.40 28.72 16.73
CA ASN D 256 18.97 28.14 18.03
C ASN D 256 17.56 27.54 17.97
N TYR D 257 16.77 28.00 16.99
CA TYR D 257 15.36 27.66 16.90
C TYR D 257 15.10 26.64 15.80
N THR D 258 14.33 25.60 16.14
CA THR D 258 13.86 24.62 15.15
C THR D 258 12.33 24.46 15.22
N CYS D 259 11.73 24.28 14.05
CA CYS D 259 10.32 24.02 13.92
C CYS D 259 10.08 22.52 13.82
N ARG D 260 8.94 22.07 14.33
CA ARG D 260 8.55 20.67 14.19
C ARG D 260 7.11 20.53 13.69
N VAL D 261 6.91 19.59 12.78
CA VAL D 261 5.62 19.38 12.13
C VAL D 261 5.15 17.95 12.32
N TYR D 262 3.96 17.78 12.89
CA TYR D 262 3.40 16.48 13.20
C TYR D 262 2.14 16.26 12.37
N HIS D 263 2.07 15.13 11.67
CA HIS D 263 0.94 14.79 10.79
C HIS D 263 0.88 13.28 10.55
N GLU D 264 -0.33 12.75 10.46
CA GLU D 264 -0.58 11.29 10.34
C GLU D 264 -0.01 10.66 9.05
N GLY D 265 0.20 11.49 8.02
CA GLY D 265 0.81 11.03 6.79
C GLY D 265 2.32 10.83 6.91
N LEU D 266 2.93 11.54 7.85
CA LEU D 266 4.38 11.47 8.05
C LEU D 266 4.84 10.12 8.58
N PRO D 267 5.94 9.58 8.05
CA PRO D 267 6.57 8.45 8.72
C PRO D 267 7.07 8.85 10.11
N GLU D 268 7.44 10.11 10.25
CA GLU D 268 7.82 10.67 11.53
C GLU D 268 7.79 12.21 11.43
N PRO D 269 7.89 12.92 12.57
CA PRO D 269 7.78 14.37 12.51
C PRO D 269 8.93 15.06 11.75
N LEU D 270 8.60 16.09 10.99
CA LEU D 270 9.62 16.90 10.32
C LEU D 270 10.34 17.79 11.33
N THR D 271 11.61 18.06 11.05
CA THR D 271 12.40 19.03 11.81
C THR D 271 13.08 19.97 10.81
N LEU D 272 12.89 21.27 10.98
CA LEU D 272 13.36 22.28 10.02
C LEU D 272 13.64 23.64 10.68
N ARG D 273 14.59 24.38 10.10
CA ARG D 273 14.86 25.78 10.50
C ARG D 273 15.26 26.63 9.28
N TRP D 274 15.47 27.93 9.51
CA TRP D 274 15.89 28.88 8.47
C TRP D 274 17.26 28.46 7.91
N GLU D 275 17.55 28.89 6.68
CA GLU D 275 18.80 28.52 6.04
C GLU D 275 19.21 29.54 4.99
N ILE E 1 -28.01 32.83 20.23
CA ILE E 1 -27.39 34.16 19.93
C ILE E 1 -26.35 33.99 18.83
N GLN E 2 -25.60 35.06 18.58
CA GLN E 2 -24.75 35.12 17.43
C GLN E 2 -23.33 34.76 17.77
N LYS E 3 -22.71 34.01 16.86
CA LYS E 3 -21.28 33.75 16.93
C LYS E 3 -20.67 34.63 15.84
N THR E 4 -19.67 35.44 16.24
CA THR E 4 -18.95 36.37 15.35
C THR E 4 -17.97 35.55 14.52
N PRO E 5 -17.88 35.83 13.20
CA PRO E 5 -17.02 35.07 12.28
C PRO E 5 -15.54 35.42 12.36
N GLN E 6 -14.67 34.43 12.19
CA GLN E 6 -13.24 34.65 12.07
C GLN E 6 -12.92 34.58 10.58
N ILE E 7 -11.92 35.34 10.14
CA ILE E 7 -11.67 35.54 8.73
C ILE E 7 -10.17 35.50 8.42
N GLN E 8 -9.79 34.73 7.39
CA GLN E 8 -8.47 34.84 6.79
C GLN E 8 -8.55 35.14 5.28
N VAL E 9 -7.66 36.01 4.82
CA VAL E 9 -7.42 36.25 3.41
C VAL E 9 -6.02 35.76 3.12
N TYR E 10 -5.87 34.91 2.10
CA TYR E 10 -4.57 34.27 1.82
C TYR E 10 -4.66 33.57 0.48
N SER E 11 -3.49 33.17 -0.04
CA SER E 11 -3.37 32.55 -1.39
C SER E 11 -3.16 31.04 -1.38
N ARG E 12 -3.81 30.37 -2.33
CA ARG E 12 -3.68 28.93 -2.48
C ARG E 12 -2.24 28.55 -2.65
N HIS E 13 -1.50 29.35 -3.41
CA HIS E 13 -0.13 29.08 -3.75
C HIS E 13 0.77 30.20 -3.21
N PRO E 14 2.06 29.89 -2.94
CA PRO E 14 3.01 30.91 -2.45
C PRO E 14 3.12 32.05 -3.45
N PRO E 15 2.96 33.30 -3.00
CA PRO E 15 2.68 34.36 -3.96
C PRO E 15 3.94 34.81 -4.70
N GLU E 16 3.74 35.42 -5.87
CA GLU E 16 4.80 35.83 -6.80
C GLU E 16 4.25 36.88 -7.75
N ASN E 17 4.60 38.14 -7.52
CA ASN E 17 4.16 39.21 -8.40
C ASN E 17 4.29 38.81 -9.86
N GLY E 18 3.17 38.80 -10.54
CA GLY E 18 3.13 38.48 -11.97
C GLY E 18 2.48 37.15 -12.31
N LYS E 19 2.50 36.19 -11.38
CA LYS E 19 1.99 34.85 -11.65
C LYS E 19 0.50 34.76 -11.32
N PRO E 20 -0.29 34.13 -12.20
CA PRO E 20 -1.68 33.85 -11.89
C PRO E 20 -1.81 33.03 -10.61
N ASN E 21 -2.74 33.45 -9.73
CA ASN E 21 -2.92 32.78 -8.44
C ASN E 21 -4.38 32.80 -8.02
N ILE E 22 -4.68 32.20 -6.86
CA ILE E 22 -6.01 32.26 -6.27
C ILE E 22 -5.97 32.82 -4.88
N LEU E 23 -6.92 33.69 -4.60
CA LEU E 23 -7.05 34.32 -3.31
C LEU E 23 -8.28 33.77 -2.60
N ASN E 24 -8.06 33.27 -1.39
CA ASN E 24 -9.09 32.68 -0.56
C ASN E 24 -9.53 33.64 0.52
N CYS E 25 -10.83 33.63 0.82
CA CYS E 25 -11.34 34.27 2.01
C CYS E 25 -12.11 33.23 2.84
N TYR E 26 -11.42 32.65 3.80
CA TYR E 26 -11.96 31.62 4.64
C TYR E 26 -12.74 32.33 5.76
N VAL E 27 -14.05 32.08 5.79
CA VAL E 27 -14.91 32.69 6.78
C VAL E 27 -15.48 31.57 7.62
N THR E 28 -15.16 31.54 8.92
CA THR E 28 -15.53 30.43 9.79
C THR E 28 -16.18 30.87 11.09
N GLN E 29 -16.69 29.91 11.83
CA GLN E 29 -16.96 30.10 13.24
C GLN E 29 -18.17 30.99 13.54
N PHE E 30 -19.09 31.13 12.59
CA PHE E 30 -20.21 32.09 12.70
C PHE E 30 -21.63 31.52 12.75
N HIS E 31 -22.54 32.33 13.29
CA HIS E 31 -23.96 31.96 13.36
C HIS E 31 -24.76 33.18 13.70
N PRO E 32 -25.90 33.39 13.02
CA PRO E 32 -26.60 32.48 12.09
C PRO E 32 -25.95 32.35 10.70
N PRO E 33 -26.45 31.42 9.87
CA PRO E 33 -25.80 31.05 8.62
C PRO E 33 -25.83 32.11 7.54
N HIS E 34 -26.73 33.07 7.64
CA HIS E 34 -26.80 34.11 6.65
C HIS E 34 -25.58 35.07 6.79
N ILE E 35 -24.83 35.21 5.69
CA ILE E 35 -23.63 36.02 5.65
C ILE E 35 -23.31 36.49 4.23
N GLU E 36 -22.87 37.74 4.11
CA GLU E 36 -22.50 38.36 2.84
C GLU E 36 -20.98 38.53 2.82
N ILE E 37 -20.34 37.97 1.80
CA ILE E 37 -18.89 38.04 1.68
C ILE E 37 -18.52 38.66 0.37
N GLN E 38 -17.71 39.72 0.43
CA GLN E 38 -17.14 40.35 -0.75
C GLN E 38 -15.64 40.25 -0.77
N MET E 39 -15.10 40.08 -1.96
CA MET E 39 -13.69 40.27 -2.23
C MET E 39 -13.55 41.57 -3.03
N LEU E 40 -12.46 42.29 -2.76
CA LEU E 40 -12.25 43.62 -3.29
C LEU E 40 -10.88 43.67 -3.93
N LYS E 41 -10.73 44.51 -4.96
CA LYS E 41 -9.44 44.80 -5.55
C LYS E 41 -9.34 46.29 -5.73
N ASN E 42 -8.36 46.86 -5.03
CA ASN E 42 -8.19 48.28 -4.97
C ASN E 42 -9.51 49.01 -4.64
N GLY E 43 -10.19 48.47 -3.64
CA GLY E 43 -11.41 49.07 -3.11
C GLY E 43 -12.65 48.76 -3.92
N LYS E 44 -12.49 47.92 -4.95
CA LYS E 44 -13.56 47.67 -5.89
C LYS E 44 -13.89 46.18 -5.96
N LYS E 45 -15.18 45.87 -6.19
CA LYS E 45 -15.66 44.49 -6.21
C LYS E 45 -15.08 43.64 -7.33
N ILE E 46 -14.44 42.53 -6.96
CA ILE E 46 -13.94 41.59 -7.94
C ILE E 46 -15.14 40.89 -8.57
N PRO E 47 -15.31 41.03 -9.90
CA PRO E 47 -16.47 40.50 -10.62
C PRO E 47 -17.19 39.15 -10.50
N LYS E 48 -16.45 38.05 -10.43
CA LYS E 48 -17.09 36.77 -10.13
C LYS E 48 -16.23 36.03 -9.12
N VAL E 49 -16.89 35.54 -8.07
CA VAL E 49 -16.19 34.96 -6.94
C VAL E 49 -16.86 33.64 -6.62
N GLU E 50 -16.08 32.56 -6.65
CA GLU E 50 -16.58 31.24 -6.31
C GLU E 50 -16.86 31.23 -4.80
N MET E 51 -17.85 30.47 -4.40
CA MET E 51 -18.35 30.49 -3.04
C MET E 51 -18.86 29.09 -2.68
N SER E 52 -18.15 28.42 -1.78
CA SER E 52 -18.50 27.08 -1.38
C SER E 52 -19.91 27.08 -0.75
N ASP E 53 -20.68 26.02 -1.02
CA ASP E 53 -22.02 25.86 -0.46
C ASP E 53 -21.83 25.67 1.02
N MET E 54 -22.82 26.10 1.80
CA MET E 54 -22.51 26.33 3.20
C MET E 54 -22.54 25.03 3.97
N SER E 55 -21.70 24.97 4.99
CA SER E 55 -21.45 23.77 5.73
C SER E 55 -21.25 24.20 7.16
N PHE E 56 -21.20 23.25 8.08
CA PHE E 56 -20.99 23.58 9.47
C PHE E 56 -20.08 22.60 10.14
N SER E 57 -19.40 23.04 11.19
CA SER E 57 -18.39 22.22 11.86
C SER E 57 -19.01 21.48 13.03
N LYS E 58 -18.19 20.71 13.72
CA LYS E 58 -18.64 19.79 14.73
C LYS E 58 -19.17 20.52 15.96
N ASP E 59 -18.72 21.76 16.17
CA ASP E 59 -19.18 22.58 17.31
C ASP E 59 -20.48 23.33 16.97
N TRP E 60 -20.97 23.05 15.76
CA TRP E 60 -22.23 23.59 15.24
C TRP E 60 -22.10 24.97 14.63
N SER E 61 -20.87 25.42 14.37
CA SER E 61 -20.70 26.68 13.68
C SER E 61 -20.51 26.44 12.19
N PHE E 62 -21.01 27.40 11.41
CA PHE E 62 -20.96 27.40 9.97
C PHE E 62 -19.65 28.00 9.47
N TYR E 63 -19.27 27.62 8.26
CA TYR E 63 -18.09 28.17 7.61
C TYR E 63 -18.27 28.15 6.10
N ILE E 64 -17.57 29.04 5.41
CA ILE E 64 -17.70 29.15 3.97
C ILE E 64 -16.38 29.57 3.35
N LEU E 65 -16.06 28.99 2.19
CA LEU E 65 -14.83 29.37 1.46
C LEU E 65 -15.12 30.16 0.19
N ALA E 66 -14.68 31.42 0.17
CA ALA E 66 -14.76 32.23 -1.04
C ALA E 66 -13.41 32.20 -1.68
N HIS E 67 -13.39 32.28 -3.00
CA HIS E 67 -12.13 32.41 -3.74
C HIS E 67 -12.30 33.09 -5.09
N THR E 68 -11.20 33.62 -5.62
CA THR E 68 -11.21 34.15 -6.99
C THR E 68 -9.80 34.15 -7.58
N GLU E 69 -9.71 33.84 -8.87
CA GLU E 69 -8.45 33.94 -9.58
C GLU E 69 -7.97 35.37 -9.50
N PHE E 70 -6.66 35.54 -9.31
CA PHE E 70 -6.07 36.87 -9.26
C PHE E 70 -4.60 36.83 -9.54
N THR E 71 -4.10 37.84 -10.23
CA THR E 71 -2.69 37.98 -10.47
C THR E 71 -2.22 39.14 -9.59
N PRO E 72 -1.39 38.83 -8.56
CA PRO E 72 -0.88 39.88 -7.71
C PRO E 72 0.08 40.81 -8.45
N THR E 73 0.25 42.00 -7.88
CA THR E 73 1.13 43.01 -8.43
C THR E 73 1.81 43.65 -7.23
N GLU E 74 2.96 44.26 -7.43
CA GLU E 74 3.62 44.98 -6.33
C GLU E 74 2.69 46.00 -5.65
N THR E 75 1.67 46.48 -6.35
CA THR E 75 0.90 47.65 -5.92
C THR E 75 -0.63 47.51 -5.81
N ASP E 76 -1.21 46.37 -6.18
CA ASP E 76 -2.64 46.14 -5.95
C ASP E 76 -2.91 45.56 -4.56
N THR E 77 -3.90 46.14 -3.87
CA THR E 77 -4.27 45.69 -2.55
C THR E 77 -5.59 44.94 -2.60
N TYR E 78 -5.61 43.78 -1.94
CA TYR E 78 -6.78 42.91 -1.94
C TYR E 78 -7.42 42.80 -0.58
N ALA E 79 -8.75 42.70 -0.54
CA ALA E 79 -9.46 42.56 0.73
C ALA E 79 -10.56 41.54 0.68
N CYS E 80 -11.15 41.32 1.84
CA CYS E 80 -12.39 40.61 1.97
C CYS E 80 -13.24 41.44 2.89
N ARG E 81 -14.49 41.72 2.50
CA ARG E 81 -15.44 42.38 3.40
C ARG E 81 -16.66 41.51 3.74
N VAL E 82 -16.82 41.22 5.02
CA VAL E 82 -17.85 40.33 5.47
C VAL E 82 -18.91 41.13 6.20
N LYS E 83 -20.14 40.69 6.07
CA LYS E 83 -21.24 41.40 6.67
C LYS E 83 -22.10 40.35 7.30
N HIS E 84 -22.36 40.53 8.59
CA HIS E 84 -22.98 39.49 9.36
C HIS E 84 -23.69 40.13 10.53
N ASP E 85 -24.77 39.53 11.00
CA ASP E 85 -25.56 40.16 12.08
C ASP E 85 -24.77 40.36 13.37
N SER E 86 -23.78 39.52 13.64
CA SER E 86 -22.97 39.60 14.86
C SER E 86 -22.27 40.94 15.02
N MET E 87 -21.89 41.54 13.90
CA MET E 87 -21.18 42.81 13.88
C MET E 87 -22.09 43.91 13.38
N ALA E 88 -22.03 45.07 14.03
CA ALA E 88 -22.85 46.23 13.67
C ALA E 88 -22.53 46.71 12.25
N GLU E 89 -21.24 46.79 11.94
CA GLU E 89 -20.77 47.27 10.65
C GLU E 89 -20.04 46.15 9.93
N PRO E 90 -19.94 46.20 8.60
CA PRO E 90 -19.10 45.22 7.92
C PRO E 90 -17.63 45.25 8.36
N LYS E 91 -16.98 44.10 8.23
CA LYS E 91 -15.61 43.88 8.69
C LYS E 91 -14.78 43.66 7.46
N THR E 92 -13.77 44.48 7.27
CA THR E 92 -12.86 44.33 6.15
C THR E 92 -11.54 43.81 6.67
N VAL E 93 -11.02 42.74 6.08
CA VAL E 93 -9.64 42.34 6.32
C VAL E 93 -8.85 42.31 5.01
N TYR E 94 -7.60 42.77 5.10
CA TYR E 94 -6.68 42.97 3.99
C TYR E 94 -5.74 41.80 3.85
N TRP E 95 -5.27 41.59 2.63
CA TRP E 95 -4.36 40.50 2.35
C TRP E 95 -2.91 40.86 2.67
N ASP E 96 -2.19 39.88 3.19
CA ASP E 96 -0.81 40.03 3.58
C ASP E 96 -0.06 38.82 3.05
N ARG E 97 0.64 38.99 1.92
CA ARG E 97 1.50 37.95 1.32
C ARG E 97 2.40 37.15 2.28
N ASP E 98 2.75 37.76 3.42
CA ASP E 98 3.60 37.10 4.40
C ASP E 98 2.83 36.20 5.37
N MET E 99 1.51 36.20 5.30
CA MET E 99 0.73 35.37 6.18
C MET E 99 -0.32 34.52 5.42
N LYS F 1 -25.23 6.27 3.11
CA LYS F 1 -26.71 6.22 3.05
C LYS F 1 -27.21 6.88 4.30
N ALA F 2 -28.18 7.76 4.13
CA ALA F 2 -28.50 8.75 5.17
C ALA F 2 -29.37 8.14 6.24
N PRO F 3 -29.32 8.69 7.47
CA PRO F 3 -30.30 8.33 8.49
C PRO F 3 -31.68 8.83 8.10
N PHE F 4 -32.67 8.51 8.90
CA PHE F 4 -34.02 8.98 8.67
C PHE F 4 -34.71 8.95 10.00
N ASN F 5 -35.44 10.02 10.30
CA ASN F 5 -35.79 10.30 11.69
C ASN F 5 -37.15 9.74 12.10
N PHE F 6 -37.25 9.43 13.38
CA PHE F 6 -38.44 8.83 13.99
C PHE F 6 -39.30 9.96 14.54
N ALA F 7 -39.82 9.84 15.76
CA ALA F 7 -40.71 10.89 16.31
C ALA F 7 -40.16 12.31 16.20
N THR F 8 -41.06 13.28 16.04
CA THR F 8 -40.65 14.66 15.87
C THR F 8 -40.41 15.25 17.24
N MET F 9 -39.58 16.28 17.32
CA MET F 9 -39.05 16.77 18.60
C MET F 9 -40.05 17.18 19.69
N GLY G 1 0.70 5.32 11.80
CA GLY G 1 -0.11 4.54 12.78
C GLY G 1 0.19 4.98 14.20
N PRO G 2 -0.70 4.66 15.15
CA PRO G 2 -0.43 4.99 16.55
C PRO G 2 0.62 4.08 17.17
N HIS G 3 1.15 4.49 18.33
CA HIS G 3 2.24 3.80 18.99
C HIS G 3 2.13 3.98 20.49
N SER G 4 2.89 3.21 21.25
CA SER G 4 2.77 3.22 22.70
C SER G 4 4.00 2.65 23.37
N MET G 5 4.29 3.12 24.58
CA MET G 5 5.28 2.50 25.45
C MET G 5 4.65 2.25 26.83
N ARG G 6 5.04 1.13 27.46
CA ARG G 6 4.66 0.82 28.83
C ARG G 6 5.79 0.16 29.58
N TYR G 7 5.85 0.41 30.89
CA TYR G 7 6.65 -0.39 31.81
C TYR G 7 5.77 -1.00 32.90
N PHE G 8 5.77 -2.32 33.01
CA PHE G 8 4.91 -3.04 33.95
C PHE G 8 5.79 -3.55 35.08
N GLU G 9 5.66 -2.99 36.28
CA GLU G 9 6.53 -3.34 37.38
C GLU G 9 5.79 -4.13 38.45
N THR G 10 6.45 -5.11 39.05
CA THR G 10 5.83 -5.98 40.06
C THR G 10 6.77 -6.26 41.21
N ALA G 11 6.24 -6.30 42.42
CA ALA G 11 7.01 -6.70 43.57
C ALA G 11 6.15 -7.64 44.37
N VAL G 12 6.72 -8.77 44.77
CA VAL G 12 5.99 -9.86 45.42
C VAL G 12 6.69 -10.30 46.70
N SER G 13 5.95 -10.39 47.79
CA SER G 13 6.47 -10.90 49.03
C SER G 13 5.77 -12.22 49.35
N ARG G 14 6.52 -13.15 49.94
CA ARG G 14 5.98 -14.45 50.35
C ARG G 14 6.44 -14.77 51.78
N PRO G 15 5.64 -15.52 52.53
CA PRO G 15 5.97 -15.79 53.94
C PRO G 15 7.38 -16.33 54.13
N GLY G 16 7.81 -17.22 53.24
CA GLY G 16 9.18 -17.73 53.27
C GLY G 16 10.24 -16.65 53.10
N LEU G 17 10.35 -16.12 51.87
CA LEU G 17 11.36 -15.11 51.51
C LEU G 17 11.55 -13.99 52.56
N GLU G 18 12.80 -13.61 52.78
CA GLU G 18 13.11 -12.46 53.63
C GLU G 18 12.77 -11.16 52.87
N GLU G 19 13.26 -11.06 51.64
CA GLU G 19 13.06 -9.88 50.82
C GLU G 19 12.16 -10.17 49.63
N PRO G 20 11.37 -9.18 49.18
CA PRO G 20 10.50 -9.39 48.05
C PRO G 20 11.26 -9.46 46.75
N ARG G 21 10.60 -9.96 45.73
CA ARG G 21 11.20 -10.09 44.42
C ARG G 21 10.63 -9.03 43.48
N TYR G 22 11.50 -8.32 42.77
CA TYR G 22 11.09 -7.21 41.90
C TYR G 22 11.30 -7.54 40.41
N ILE G 23 10.26 -7.36 39.62
CA ILE G 23 10.34 -7.54 38.17
C ILE G 23 9.79 -6.33 37.43
N SER G 24 10.50 -5.90 36.41
CA SER G 24 10.01 -4.84 35.54
C SER G 24 10.17 -5.27 34.10
N VAL G 25 9.12 -5.04 33.30
CA VAL G 25 9.13 -5.38 31.89
C VAL G 25 8.71 -4.17 31.07
N GLY G 26 9.52 -3.80 30.09
CA GLY G 26 9.20 -2.68 29.22
C GLY G 26 8.59 -3.19 27.93
N TYR G 27 7.67 -2.41 27.38
CA TYR G 27 7.00 -2.74 26.12
C TYR G 27 6.99 -1.55 25.16
N VAL G 28 7.12 -1.83 23.88
CA VAL G 28 6.88 -0.86 22.84
C VAL G 28 5.89 -1.48 21.87
N ASP G 29 4.86 -0.71 21.52
CA ASP G 29 3.70 -1.23 20.77
C ASP G 29 3.38 -2.63 21.24
N ASN G 30 3.18 -2.77 22.55
CA ASN G 30 2.80 -4.05 23.18
C ASN G 30 3.74 -5.26 22.96
N LYS G 31 4.90 -5.03 22.36
CA LYS G 31 5.90 -6.08 22.24
C LYS G 31 6.98 -5.86 23.29
N GLU G 32 7.28 -6.90 24.06
CA GLU G 32 8.29 -6.79 25.11
C GLU G 32 9.63 -6.44 24.47
N PHE G 33 10.37 -5.53 25.10
CA PHE G 33 11.66 -5.08 24.55
C PHE G 33 12.79 -4.94 25.59
N VAL G 34 12.44 -4.82 26.87
CA VAL G 34 13.45 -4.89 27.95
C VAL G 34 12.91 -5.62 29.20
N ARG G 35 13.82 -6.05 30.07
CA ARG G 35 13.41 -6.81 31.27
C ARG G 35 14.46 -6.86 32.37
N PHE G 36 14.03 -6.56 33.60
CA PHE G 36 14.84 -6.68 34.81
C PHE G 36 14.17 -7.65 35.75
N ASP G 37 14.96 -8.48 36.43
CA ASP G 37 14.46 -9.47 37.36
C ASP G 37 15.51 -9.67 38.46
N SER G 38 15.12 -9.40 39.70
CA SER G 38 16.04 -9.40 40.85
C SER G 38 16.50 -10.80 41.32
N ASP G 39 15.77 -11.85 40.91
CA ASP G 39 16.20 -13.21 41.22
C ASP G 39 17.38 -13.67 40.36
N ALA G 40 17.56 -13.01 39.21
CA ALA G 40 18.69 -13.28 38.34
C ALA G 40 20.00 -13.19 39.12
N GLU G 41 20.87 -14.16 38.86
CA GLU G 41 22.25 -14.18 39.34
C GLU G 41 22.91 -12.79 39.35
N ASN G 42 22.81 -12.08 38.22
CA ASN G 42 23.42 -10.78 38.03
C ASN G 42 22.33 -9.78 37.59
N PRO G 43 21.59 -9.23 38.56
CA PRO G 43 20.40 -8.47 38.21
C PRO G 43 20.70 -7.28 37.28
N ARG G 44 20.09 -7.27 36.10
CA ARG G 44 20.29 -6.22 35.09
C ARG G 44 19.12 -6.13 34.13
N TYR G 45 18.89 -4.94 33.59
CA TYR G 45 18.00 -4.79 32.44
C TYR G 45 18.66 -5.42 31.22
N GLU G 46 18.06 -6.49 30.70
CA GLU G 46 18.56 -7.17 29.50
C GLU G 46 17.70 -6.82 28.30
N PRO G 47 18.30 -6.75 27.10
CA PRO G 47 17.47 -6.54 25.90
C PRO G 47 16.63 -7.76 25.59
N ARG G 48 15.51 -7.55 24.92
CA ARG G 48 14.53 -8.59 24.66
C ARG G 48 14.07 -8.67 23.20
N ALA G 49 14.26 -7.59 22.45
CA ALA G 49 14.12 -7.58 20.99
C ALA G 49 15.51 -7.44 20.35
N PRO G 50 15.66 -7.91 19.11
CA PRO G 50 16.97 -7.82 18.45
C PRO G 50 17.42 -6.38 18.25
N TRP G 51 16.48 -5.51 17.90
CA TRP G 51 16.80 -4.11 17.63
C TRP G 51 17.32 -3.31 18.84
N MET G 52 17.24 -3.88 20.06
CA MET G 52 17.70 -3.17 21.27
C MET G 52 19.18 -3.36 21.62
N GLU G 53 19.84 -4.37 21.05
CA GLU G 53 21.30 -4.50 21.21
C GLU G 53 22.10 -3.23 20.83
N GLN G 54 21.48 -2.38 20.02
CA GLN G 54 22.10 -1.13 19.57
C GLN G 54 22.41 -0.13 20.69
N GLU G 55 21.96 -0.39 21.91
CA GLU G 55 22.25 0.49 23.03
C GLU G 55 23.53 0.06 23.74
N GLY G 56 24.41 1.03 23.98
CA GLY G 56 25.70 0.75 24.64
C GLY G 56 25.57 0.48 26.13
N PRO G 57 26.65 0.08 26.78
CA PRO G 57 26.63 -0.31 28.20
C PRO G 57 26.18 0.79 29.19
N GLU G 58 26.26 2.06 28.79
CA GLU G 58 25.83 3.15 29.67
C GLU G 58 24.30 3.14 29.82
N TYR G 59 23.61 2.89 28.72
CA TYR G 59 22.17 2.70 28.75
C TYR G 59 21.83 1.66 29.81
N TRP G 60 22.45 0.49 29.69
CA TRP G 60 22.09 -0.66 30.53
C TRP G 60 22.49 -0.50 32.00
N GLU G 61 23.64 0.12 32.23
CA GLU G 61 24.07 0.45 33.58
C GLU G 61 23.08 1.44 34.22
N ARG G 62 22.65 2.43 33.43
CA ARG G 62 21.78 3.50 33.93
C ARG G 62 20.41 2.98 34.32
N GLU G 63 19.79 2.27 33.37
CA GLU G 63 18.47 1.68 33.60
C GLU G 63 18.52 0.68 34.75
N THR G 64 19.57 -0.15 34.79
CA THR G 64 19.75 -1.08 35.90
C THR G 64 19.73 -0.39 37.25
N GLN G 65 20.35 0.77 37.31
CA GLN G 65 20.50 1.52 38.54
C GLN G 65 19.15 2.07 38.96
N LYS G 66 18.38 2.55 38.00
CA LYS G 66 16.99 2.88 38.25
C LYS G 66 16.26 1.71 38.88
N ALA G 67 16.35 0.54 38.24
CA ALA G 67 15.67 -0.67 38.71
C ALA G 67 16.02 -0.95 40.18
N LYS G 68 17.29 -0.80 40.54
CA LYS G 68 17.71 -1.03 41.91
C LYS G 68 17.02 -0.04 42.86
N GLY G 69 16.75 1.17 42.37
CA GLY G 69 16.02 2.17 43.14
C GLY G 69 14.54 1.87 43.28
N GLN G 70 13.94 1.33 42.23
CA GLN G 70 12.53 0.93 42.25
C GLN G 70 12.31 -0.22 43.22
N GLU G 71 13.29 -1.12 43.27
CA GLU G 71 13.25 -2.25 44.18
C GLU G 71 13.24 -1.76 45.61
N GLN G 72 14.07 -0.76 45.91
CA GLN G 72 14.01 -0.06 47.19
C GLN G 72 12.61 0.49 47.45
N TRP G 73 12.05 1.19 46.46
CA TRP G 73 10.79 1.89 46.59
C TRP G 73 9.65 0.93 46.88
N PHE G 74 9.56 -0.13 46.09
CA PHE G 74 8.52 -1.17 46.26
C PHE G 74 8.65 -1.86 47.60
N ARG G 75 9.89 -2.08 48.04
CA ARG G 75 10.12 -2.76 49.30
C ARG G 75 9.54 -1.94 50.44
N VAL G 76 9.79 -0.64 50.43
CA VAL G 76 9.28 0.22 51.48
C VAL G 76 7.77 0.38 51.40
N SER G 77 7.26 0.56 50.17
CA SER G 77 5.83 0.74 49.95
C SER G 77 5.04 -0.45 50.49
N LEU G 78 5.46 -1.65 50.09
CA LEU G 78 4.91 -2.92 50.60
C LEU G 78 4.80 -2.91 52.12
N ARG G 79 5.85 -2.46 52.77
CA ARG G 79 5.88 -2.40 54.22
C ARG G 79 4.78 -1.47 54.74
N ASN G 80 4.67 -0.30 54.14
CA ASN G 80 3.68 0.66 54.58
C ASN G 80 2.27 0.18 54.36
N LEU G 81 2.02 -0.38 53.17
CA LEU G 81 0.69 -0.91 52.80
C LEU G 81 0.21 -1.98 53.77
N LEU G 82 1.10 -2.87 54.16
CA LEU G 82 0.83 -3.86 55.21
C LEU G 82 0.18 -3.19 56.43
N GLY G 83 0.82 -2.13 56.90
CA GLY G 83 0.33 -1.39 58.05
C GLY G 83 -1.01 -0.72 57.80
N TYR G 84 -1.15 -0.06 56.66
CA TYR G 84 -2.41 0.60 56.31
C TYR G 84 -3.59 -0.37 56.37
N TYR G 85 -3.39 -1.58 55.87
CA TYR G 85 -4.49 -2.55 55.78
C TYR G 85 -4.59 -3.45 57.01
N ASN G 86 -3.82 -3.14 58.04
CA ASN G 86 -3.82 -3.94 59.27
C ASN G 86 -3.60 -5.45 58.98
N GLN G 87 -2.76 -5.72 57.99
CA GLN G 87 -2.39 -7.08 57.64
C GLN G 87 -1.26 -7.44 58.56
N SER G 88 -1.16 -8.69 58.98
CA SER G 88 -0.11 -9.06 59.91
C SER G 88 1.00 -9.79 59.19
N ALA G 89 2.07 -10.10 59.91
CA ALA G 89 3.12 -10.93 59.37
C ALA G 89 2.54 -12.30 58.95
N GLY G 90 2.96 -12.79 57.79
CA GLY G 90 2.74 -14.19 57.42
C GLY G 90 1.75 -14.44 56.30
N GLY G 91 1.82 -13.60 55.26
CA GLY G 91 0.95 -13.73 54.08
C GLY G 91 1.73 -13.45 52.82
N SER G 92 1.11 -13.70 51.68
CA SER G 92 1.68 -13.29 50.41
C SER G 92 1.03 -11.97 50.02
N HIS G 93 1.82 -11.04 49.49
CA HIS G 93 1.31 -9.76 49.06
C HIS G 93 1.97 -9.37 47.78
N THR G 94 1.29 -8.52 47.02
CA THR G 94 1.84 -8.12 45.74
C THR G 94 1.49 -6.68 45.40
N LEU G 95 2.41 -6.00 44.73
CA LEU G 95 2.26 -4.60 44.36
C LEU G 95 2.71 -4.44 42.94
N GLN G 96 1.88 -3.76 42.14
CA GLN G 96 2.07 -3.67 40.70
C GLN G 96 1.91 -2.25 40.20
N GLN G 97 2.68 -1.91 39.18
CA GLN G 97 2.63 -0.60 38.61
C GLN G 97 2.61 -0.77 37.12
N MET G 98 1.84 0.10 36.44
CA MET G 98 1.94 0.30 35.00
C MET G 98 2.24 1.78 34.79
N SER G 99 3.21 2.10 33.93
CA SER G 99 3.45 3.49 33.52
C SER G 99 3.78 3.56 32.04
N GLY G 100 3.37 4.64 31.39
CA GLY G 100 3.82 4.92 30.04
C GLY G 100 2.96 5.91 29.28
N CYS G 101 3.20 6.01 27.98
CA CYS G 101 2.57 6.99 27.13
C CYS G 101 1.97 6.39 25.87
N ASP G 102 1.01 7.11 25.30
CA ASP G 102 0.39 6.71 24.04
C ASP G 102 0.60 7.82 23.06
N LEU G 103 0.96 7.47 21.83
CA LEU G 103 1.10 8.47 20.77
C LEU G 103 0.07 8.25 19.68
N GLY G 104 -0.33 9.34 19.04
CA GLY G 104 -1.15 9.27 17.85
C GLY G 104 -0.26 8.97 16.66
N SER G 105 -0.87 8.91 15.48
CA SER G 105 -0.13 8.65 14.25
C SER G 105 0.77 9.82 13.88
N ASP G 106 0.47 11.00 14.45
CA ASP G 106 1.33 12.17 14.29
C ASP G 106 2.52 12.14 15.25
N TRP G 107 2.58 11.14 16.12
CA TRP G 107 3.67 10.99 17.09
C TRP G 107 3.57 11.94 18.30
N ARG G 108 2.42 12.61 18.45
CA ARG G 108 2.15 13.46 19.62
C ARG G 108 1.54 12.65 20.76
N LEU G 109 1.83 13.07 21.99
CA LEU G 109 1.33 12.40 23.17
C LEU G 109 -0.19 12.45 23.20
N LEU G 110 -0.82 11.30 22.98
CA LEU G 110 -2.28 11.18 23.07
C LEU G 110 -2.70 11.13 24.54
N ARG G 111 -1.95 10.39 25.37
CA ARG G 111 -2.32 10.19 26.76
C ARG G 111 -1.19 9.51 27.53
N GLY G 112 -0.99 9.92 28.79
CA GLY G 112 -0.08 9.24 29.72
C GLY G 112 -0.81 8.34 30.71
N TYR G 113 -0.12 7.30 31.20
CA TYR G 113 -0.67 6.32 32.14
C TYR G 113 0.21 6.16 33.37
N LEU G 114 -0.40 6.03 34.53
CA LEU G 114 0.34 5.79 35.77
C LEU G 114 -0.64 5.28 36.84
N GLN G 115 -0.68 3.97 37.04
CA GLN G 115 -1.61 3.36 37.99
C GLN G 115 -0.92 2.28 38.79
N PHE G 116 -1.41 2.08 40.02
CA PHE G 116 -0.90 1.07 40.92
C PHE G 116 -2.01 0.13 41.37
N ALA G 117 -1.61 -1.10 41.71
CA ALA G 117 -2.52 -2.10 42.23
C ALA G 117 -1.84 -2.83 43.37
N TYR G 118 -2.64 -3.11 44.40
CA TYR G 118 -2.21 -3.82 45.58
C TYR G 118 -3.09 -5.04 45.71
N GLU G 119 -2.48 -6.20 45.96
CA GLU G 119 -3.19 -7.47 45.97
C GLU G 119 -4.06 -7.65 44.72
N GLY G 120 -3.58 -7.20 43.56
CA GLY G 120 -4.32 -7.33 42.31
C GLY G 120 -5.50 -6.40 42.16
N ARG G 121 -5.64 -5.42 43.06
CA ARG G 121 -6.77 -4.49 43.03
C ARG G 121 -6.28 -3.08 42.90
N ASP G 122 -7.03 -2.27 42.15
CA ASP G 122 -6.69 -0.88 41.92
C ASP G 122 -6.43 -0.22 43.25
N TYR G 123 -5.27 0.39 43.42
CA TYR G 123 -4.94 1.09 44.67
C TYR G 123 -5.04 2.60 44.48
N ILE G 124 -4.23 3.12 43.56
CA ILE G 124 -4.21 4.54 43.27
C ILE G 124 -3.74 4.68 41.86
N ALA G 125 -4.36 5.62 41.13
CA ALA G 125 -4.02 5.93 39.74
C ALA G 125 -3.96 7.42 39.50
N LEU G 126 -3.17 7.82 38.51
CA LEU G 126 -3.09 9.22 38.10
C LEU G 126 -4.16 9.48 37.03
N ASN G 127 -5.03 10.46 37.25
CA ASN G 127 -6.08 10.76 36.26
C ASN G 127 -5.50 11.23 34.92
N GLU G 128 -6.32 11.23 33.88
CA GLU G 128 -5.87 11.58 32.53
C GLU G 128 -5.29 12.99 32.46
N ASP G 129 -5.66 13.84 33.43
CA ASP G 129 -5.13 15.20 33.49
C ASP G 129 -3.71 15.26 34.05
N LEU G 130 -3.13 14.12 34.44
CA LEU G 130 -1.77 14.09 35.03
C LEU G 130 -1.58 15.12 36.19
N LYS G 131 -2.68 15.49 36.85
CA LYS G 131 -2.68 16.46 37.93
C LYS G 131 -3.34 15.95 39.20
N THR G 132 -4.42 15.19 39.06
CA THR G 132 -5.15 14.65 40.22
C THR G 132 -5.11 13.12 40.30
N TRP G 133 -5.40 12.63 41.50
CA TRP G 133 -5.36 11.21 41.80
C TRP G 133 -6.73 10.64 42.05
N THR G 134 -6.92 9.41 41.62
CA THR G 134 -8.11 8.65 41.95
C THR G 134 -7.68 7.47 42.83
N ALA G 135 -8.38 7.25 43.94
CA ALA G 135 -8.08 6.15 44.86
C ALA G 135 -9.34 5.79 45.63
N ALA G 136 -9.86 4.60 45.40
CA ALA G 136 -11.12 4.18 45.97
C ALA G 136 -11.01 3.94 47.48
N ASP G 137 -10.08 3.06 47.88
CA ASP G 137 -10.06 2.49 49.24
C ASP G 137 -9.81 3.53 50.32
N MET G 138 -10.42 3.34 51.49
CA MET G 138 -10.19 4.24 52.62
C MET G 138 -8.72 4.22 53.02
N ALA G 139 -8.11 3.04 53.02
CA ALA G 139 -6.70 2.91 53.25
C ALA G 139 -5.86 3.73 52.24
N ALA G 140 -6.34 3.82 51.01
CA ALA G 140 -5.59 4.49 49.95
C ALA G 140 -5.61 6.04 50.08
N GLN G 141 -6.50 6.57 50.91
CA GLN G 141 -6.58 8.02 51.11
C GLN G 141 -5.32 8.55 51.76
N ILE G 142 -4.70 7.72 52.59
CA ILE G 142 -3.45 8.07 53.23
C ILE G 142 -2.37 8.37 52.18
N THR G 143 -2.21 7.45 51.22
CA THR G 143 -1.28 7.69 50.11
C THR G 143 -1.72 8.89 49.25
N ARG G 144 -3.02 9.01 48.97
CA ARG G 144 -3.54 10.16 48.18
C ARG G 144 -3.13 11.51 48.83
N ARG G 145 -3.41 11.66 50.11
CA ARG G 145 -3.08 12.92 50.83
C ARG G 145 -1.57 13.20 50.80
N LYS G 146 -0.78 12.17 51.06
CA LYS G 146 0.67 12.26 51.09
C LYS G 146 1.19 12.79 49.74
N TRP G 147 0.74 12.18 48.66
CA TRP G 147 1.22 12.48 47.31
C TRP G 147 0.69 13.81 46.76
N GLU G 148 -0.51 14.18 47.16
CA GLU G 148 -1.03 15.52 46.87
C GLU G 148 -0.21 16.57 47.61
N GLN G 149 0.19 16.25 48.84
CA GLN G 149 0.94 17.19 49.67
C GLN G 149 2.35 17.40 49.15
N SER G 150 2.88 16.44 48.43
CA SER G 150 4.31 16.45 48.07
C SER G 150 4.58 16.73 46.61
N GLY G 151 3.53 16.90 45.83
CA GLY G 151 3.65 17.31 44.42
C GLY G 151 3.99 16.16 43.49
N ALA G 152 3.77 14.93 43.95
CA ALA G 152 4.10 13.72 43.20
C ALA G 152 3.64 13.79 41.76
N ALA G 153 2.42 14.26 41.55
CA ALA G 153 1.80 14.29 40.23
C ALA G 153 2.65 15.02 39.19
N GLU G 154 3.27 16.11 39.61
CA GLU G 154 4.03 16.92 38.68
C GLU G 154 5.30 16.22 38.22
N HIS G 155 5.93 15.47 39.11
CA HIS G 155 7.17 14.77 38.74
C HIS G 155 6.88 13.57 37.82
N TYR G 156 5.74 12.92 38.02
CA TYR G 156 5.26 11.95 37.06
C TYR G 156 4.81 12.59 35.73
N LYS G 157 4.21 13.77 35.80
CA LYS G 157 3.74 14.45 34.60
C LYS G 157 4.91 14.80 33.70
N ALA G 158 6.04 15.19 34.31
CA ALA G 158 7.24 15.58 33.55
C ALA G 158 7.83 14.37 32.80
N TYR G 159 7.88 13.22 33.48
CA TYR G 159 8.35 11.97 32.86
C TYR G 159 7.47 11.53 31.72
N LEU G 160 6.18 11.42 32.01
CA LEU G 160 5.18 11.01 31.04
C LEU G 160 5.18 11.92 29.81
N GLU G 161 5.21 13.25 30.02
CA GLU G 161 5.16 14.20 28.89
C GLU G 161 6.51 14.39 28.19
N GLY G 162 7.60 14.00 28.86
CA GLY G 162 8.96 14.23 28.33
C GLY G 162 9.70 12.92 28.05
N GLU G 163 10.45 12.44 29.05
CA GLU G 163 11.27 11.26 28.88
C GLU G 163 10.51 10.20 28.07
N CYS G 164 9.30 9.85 28.52
CA CYS G 164 8.52 8.75 27.92
C CYS G 164 8.38 8.97 26.44
N VAL G 165 7.97 10.18 26.07
CA VAL G 165 7.73 10.50 24.67
C VAL G 165 9.06 10.48 23.95
N GLU G 166 10.03 11.16 24.55
CA GLU G 166 11.31 11.42 23.92
C GLU G 166 11.96 10.11 23.52
N TRP G 167 12.16 9.24 24.51
CA TRP G 167 12.81 7.94 24.27
C TRP G 167 11.99 6.98 23.40
N LEU G 168 10.67 7.08 23.45
CA LEU G 168 9.84 6.23 22.59
C LEU G 168 10.05 6.59 21.11
N HIS G 169 10.20 7.89 20.83
CA HIS G 169 10.55 8.32 19.48
C HIS G 169 11.83 7.61 19.04
N ARG G 170 12.83 7.66 19.90
CA ARG G 170 14.12 7.05 19.64
C ARG G 170 13.98 5.55 19.37
N TYR G 171 13.21 4.85 20.19
CA TYR G 171 13.07 3.41 20.02
C TYR G 171 12.40 3.09 18.68
N LEU G 172 11.41 3.90 18.29
CA LEU G 172 10.69 3.70 17.02
C LEU G 172 11.60 3.91 15.81
N LYS G 173 12.47 4.92 15.91
CA LYS G 173 13.45 5.17 14.84
C LYS G 173 14.33 3.95 14.64
N ASN G 174 14.86 3.42 15.73
CA ASN G 174 15.83 2.34 15.71
C ASN G 174 15.36 1.04 15.06
N GLY G 175 14.09 0.68 15.24
CA GLY G 175 13.57 -0.60 14.71
C GLY G 175 12.23 -0.47 14.00
N ASN G 176 12.27 -0.04 12.74
CA ASN G 176 11.06 0.36 11.99
C ASN G 176 10.75 -0.56 10.78
N LEU G 179 8.16 -3.67 14.00
CA LEU G 179 7.27 -2.72 14.67
C LEU G 179 6.35 -2.10 13.63
N LEU G 180 6.94 -1.72 12.48
CA LEU G 180 6.15 -1.32 11.30
C LEU G 180 5.10 -2.38 10.90
N ARG G 181 5.53 -3.64 10.79
CA ARG G 181 4.65 -4.71 10.33
C ARG G 181 3.55 -5.06 11.34
N THR G 182 2.36 -5.29 10.79
CA THR G 182 1.30 -6.01 11.45
C THR G 182 1.06 -7.22 10.56
N ASP G 183 0.75 -8.36 11.17
CA ASP G 183 0.52 -9.58 10.40
C ASP G 183 -0.98 -9.85 10.25
N SER G 184 -1.45 -9.88 9.00
CA SER G 184 -2.84 -10.22 8.74
C SER G 184 -3.11 -11.69 9.03
N PRO G 185 -4.36 -12.01 9.42
CA PRO G 185 -4.75 -13.38 9.68
C PRO G 185 -5.04 -14.17 8.40
N LYS G 186 -4.96 -15.49 8.52
CA LYS G 186 -5.28 -16.39 7.42
C LYS G 186 -6.40 -17.32 7.91
N ALA G 187 -7.57 -17.21 7.29
CA ALA G 187 -8.77 -17.85 7.81
C ALA G 187 -9.15 -19.12 7.04
N HIS G 188 -9.68 -20.11 7.77
CA HIS G 188 -10.18 -21.34 7.16
C HIS G 188 -11.18 -22.02 8.10
N VAL G 189 -12.09 -22.80 7.54
CA VAL G 189 -13.17 -23.41 8.30
C VAL G 189 -13.04 -24.92 8.28
N THR G 190 -13.37 -25.57 9.40
CA THR G 190 -13.32 -27.04 9.51
C THR G 190 -14.70 -27.59 9.86
N HIS G 191 -14.88 -28.89 9.63
CA HIS G 191 -16.17 -29.59 9.79
C HIS G 191 -16.08 -30.67 10.85
N HIS G 192 -17.09 -30.76 11.72
CA HIS G 192 -17.17 -31.81 12.75
C HIS G 192 -18.63 -32.27 12.97
N PRO G 193 -18.85 -33.59 13.12
CA PRO G 193 -20.18 -34.22 13.01
C PRO G 193 -21.18 -34.10 14.19
N ARG G 194 -20.98 -33.14 15.10
CA ARG G 194 -21.90 -32.90 16.23
C ARG G 194 -23.34 -33.34 15.93
N GLU G 198 -26.87 -32.97 12.99
CA GLU G 198 -26.17 -31.73 13.34
C GLU G 198 -24.66 -31.82 13.12
N VAL G 199 -24.04 -30.67 12.86
CA VAL G 199 -22.59 -30.56 12.70
C VAL G 199 -22.05 -29.23 13.26
N THR G 200 -20.78 -29.24 13.65
CA THR G 200 -20.09 -28.04 14.16
C THR G 200 -19.23 -27.42 13.07
N LEU G 201 -19.44 -26.13 12.81
CA LEU G 201 -18.55 -25.37 11.93
C LEU G 201 -17.65 -24.52 12.80
N ARG G 202 -16.35 -24.51 12.49
CA ARG G 202 -15.36 -23.82 13.31
C ARG G 202 -14.48 -22.93 12.44
N CYS G 203 -14.59 -21.62 12.66
CA CYS G 203 -13.80 -20.63 11.90
C CYS G 203 -12.50 -20.34 12.60
N TRP G 204 -11.38 -20.65 11.94
CA TRP G 204 -10.06 -20.47 12.52
C TRP G 204 -9.42 -19.21 12.02
N ALA G 205 -8.72 -18.51 12.89
CA ALA G 205 -7.87 -17.40 12.48
C ALA G 205 -6.47 -17.68 13.01
N LEU G 206 -5.47 -17.60 12.13
CA LEU G 206 -4.11 -17.98 12.49
C LEU G 206 -3.09 -16.97 12.01
N GLY G 207 -1.95 -16.95 12.70
CA GLY G 207 -0.80 -16.16 12.29
C GLY G 207 -1.05 -14.67 12.15
N PHE G 208 -1.63 -14.03 13.17
CA PHE G 208 -1.90 -12.60 13.12
C PHE G 208 -1.28 -11.82 14.28
N TYR G 209 -0.97 -10.54 14.01
CA TYR G 209 -0.46 -9.64 15.03
C TYR G 209 -0.93 -8.24 14.67
N PRO G 210 -1.39 -7.46 15.68
CA PRO G 210 -1.48 -7.81 17.10
C PRO G 210 -2.69 -8.68 17.43
N ALA G 211 -2.86 -8.98 18.70
CA ALA G 211 -3.84 -9.97 19.17
C ALA G 211 -5.30 -9.57 18.90
N ASP G 212 -5.59 -8.27 18.92
CA ASP G 212 -6.99 -7.80 18.81
C ASP G 212 -7.63 -8.26 17.50
N ILE G 213 -8.79 -8.91 17.60
CA ILE G 213 -9.43 -9.54 16.45
C ILE G 213 -10.91 -9.84 16.76
N THR G 214 -11.74 -9.95 15.73
CA THR G 214 -13.15 -10.30 15.92
C THR G 214 -13.64 -11.31 14.87
N LEU G 215 -14.42 -12.28 15.37
CA LEU G 215 -14.98 -13.35 14.55
C LEU G 215 -16.49 -13.39 14.77
N THR G 216 -17.25 -13.48 13.68
CA THR G 216 -18.72 -13.48 13.75
C THR G 216 -19.35 -14.34 12.66
N TRP G 217 -20.26 -15.22 13.07
CA TRP G 217 -20.99 -16.05 12.13
C TRP G 217 -22.31 -15.41 11.69
N GLN G 218 -22.71 -15.73 10.46
CA GLN G 218 -24.00 -15.33 9.88
C GLN G 218 -24.64 -16.52 9.17
N GLY G 221 -27.50 -13.18 6.86
CA GLY G 221 -27.83 -13.77 8.16
C GLY G 221 -27.71 -12.81 9.32
N GLU G 222 -27.76 -13.37 10.52
CA GLU G 222 -27.79 -12.60 11.77
C GLU G 222 -26.55 -12.85 12.61
N GLU G 223 -26.48 -12.21 13.78
CA GLU G 223 -25.38 -12.42 14.72
C GLU G 223 -25.64 -13.62 15.64
N MET G 228 -23.22 -19.23 19.95
CA MET G 228 -21.88 -19.29 19.37
C MET G 228 -20.83 -19.61 20.43
N GLU G 229 -19.85 -20.43 20.07
CA GLU G 229 -18.77 -20.82 20.99
C GLU G 229 -17.40 -20.39 20.47
N LEU G 230 -16.62 -19.75 21.35
CA LEU G 230 -15.28 -19.27 21.00
C LEU G 230 -14.30 -19.53 22.13
N VAL G 231 -13.01 -19.41 21.81
CA VAL G 231 -11.95 -19.46 22.79
C VAL G 231 -11.26 -18.10 22.88
N GLU G 232 -10.62 -17.82 24.02
CA GLU G 232 -9.89 -16.57 24.22
C GLU G 232 -8.69 -16.54 23.29
N THR G 233 -8.38 -15.36 22.76
CA THR G 233 -7.22 -15.21 21.88
C THR G 233 -5.99 -15.67 22.62
N ARG G 234 -5.13 -16.39 21.90
CA ARG G 234 -4.03 -17.18 22.48
C ARG G 234 -2.79 -17.03 21.60
N PRO G 235 -1.58 -16.99 22.21
CA PRO G 235 -0.36 -16.81 21.41
C PRO G 235 0.11 -18.10 20.77
N ALA G 236 0.44 -18.05 19.48
CA ALA G 236 1.03 -19.20 18.79
C ALA G 236 2.39 -19.58 19.40
N GLY G 237 3.08 -18.58 19.95
CA GLY G 237 4.39 -18.76 20.55
C GLY G 237 5.50 -18.26 19.66
N ASP G 238 5.15 -17.88 18.43
CA ASP G 238 6.12 -17.39 17.44
C ASP G 238 5.93 -15.91 17.19
N GLY G 239 5.32 -15.22 18.17
CA GLY G 239 4.96 -13.82 18.01
C GLY G 239 3.59 -13.53 17.38
N THR G 240 2.94 -14.53 16.81
CA THR G 240 1.60 -14.36 16.23
C THR G 240 0.58 -15.06 17.12
N PHE G 241 -0.69 -14.85 16.81
CA PHE G 241 -1.80 -15.28 17.69
C PHE G 241 -2.82 -16.13 16.97
N GLN G 242 -3.68 -16.79 17.76
CA GLN G 242 -4.73 -17.67 17.25
C GLN G 242 -6.07 -17.41 17.92
N LYS G 243 -7.15 -17.68 17.18
CA LYS G 243 -8.50 -17.69 17.73
C LYS G 243 -9.44 -18.46 16.83
N TRP G 244 -10.49 -19.04 17.40
CA TRP G 244 -11.57 -19.57 16.59
C TRP G 244 -12.95 -19.32 17.19
N ALA G 245 -13.94 -19.33 16.30
CA ALA G 245 -15.35 -19.25 16.69
C ALA G 245 -16.07 -20.40 16.01
N SER G 246 -16.95 -21.09 16.76
CA SER G 246 -17.74 -22.20 16.21
C SER G 246 -19.24 -22.03 16.43
N VAL G 247 -20.01 -22.69 15.57
CA VAL G 247 -21.47 -22.73 15.68
C VAL G 247 -21.98 -24.10 15.30
N VAL G 248 -23.11 -24.50 15.89
CA VAL G 248 -23.76 -25.76 15.56
C VAL G 248 -24.77 -25.50 14.44
N VAL G 249 -24.78 -26.39 13.45
CA VAL G 249 -25.54 -26.22 12.22
C VAL G 249 -26.27 -27.51 11.84
N PRO G 250 -27.50 -27.40 11.28
CA PRO G 250 -28.17 -28.59 10.74
C PRO G 250 -27.42 -29.19 9.55
N LEU G 251 -27.29 -30.52 9.55
CA LEU G 251 -26.61 -31.26 8.47
C LEU G 251 -27.20 -30.94 7.10
N GLY G 252 -26.34 -30.54 6.16
CA GLY G 252 -26.77 -30.19 4.80
C GLY G 252 -26.92 -28.68 4.56
N LYS G 253 -27.33 -27.96 5.60
CA LYS G 253 -27.50 -26.50 5.53
C LYS G 253 -26.15 -25.80 5.75
N GLU G 254 -25.13 -26.29 5.06
CA GLU G 254 -23.74 -25.92 5.35
C GLU G 254 -23.38 -24.52 4.83
N GLN G 255 -24.08 -24.11 3.76
CA GLN G 255 -23.70 -22.92 2.98
C GLN G 255 -24.54 -21.68 3.30
N ASN G 256 -25.54 -21.83 4.16
CA ASN G 256 -26.28 -20.69 4.68
C ASN G 256 -25.44 -19.83 5.63
N TYR G 257 -24.37 -20.41 6.15
CA TYR G 257 -23.55 -19.77 7.17
C TYR G 257 -22.23 -19.27 6.60
N THR G 258 -21.89 -18.01 6.90
CA THR G 258 -20.58 -17.46 6.56
C THR G 258 -19.89 -16.88 7.81
N CYS G 259 -18.57 -17.06 7.86
CA CYS G 259 -17.74 -16.50 8.91
C CYS G 259 -17.15 -15.17 8.44
N ARG G 260 -16.94 -14.26 9.39
CA ARG G 260 -16.26 -13.00 9.10
C ARG G 260 -15.13 -12.75 10.10
N VAL G 261 -14.03 -12.21 9.59
CA VAL G 261 -12.83 -11.94 10.38
C VAL G 261 -12.41 -10.49 10.27
N TYR G 262 -12.30 -9.81 11.40
CA TYR G 262 -11.96 -8.39 11.42
C TYR G 262 -10.63 -8.15 12.13
N HIS G 263 -9.71 -7.47 11.44
CA HIS G 263 -8.36 -7.21 11.97
C HIS G 263 -7.73 -5.99 11.31
N GLU G 264 -6.96 -5.24 12.09
CA GLU G 264 -6.34 -3.99 11.64
C GLU G 264 -5.34 -4.13 10.50
N GLY G 265 -4.78 -5.32 10.33
CA GLY G 265 -3.90 -5.61 9.20
C GLY G 265 -4.63 -5.80 7.89
N LEU G 266 -5.91 -6.18 7.97
CA LEU G 266 -6.72 -6.43 6.77
C LEU G 266 -7.03 -5.15 5.99
N PRO G 267 -6.97 -5.22 4.65
CA PRO G 267 -7.50 -4.12 3.87
C PRO G 267 -9.01 -4.03 4.06
N GLU G 268 -9.63 -5.18 4.33
CA GLU G 268 -11.05 -5.25 4.65
C GLU G 268 -11.36 -6.60 5.28
N PRO G 269 -12.54 -6.77 5.88
CA PRO G 269 -12.83 -8.01 6.58
C PRO G 269 -12.89 -9.23 5.64
N LEU G 270 -12.36 -10.36 6.10
CA LEU G 270 -12.49 -11.63 5.36
C LEU G 270 -13.93 -12.15 5.46
N THR G 271 -14.34 -12.86 4.40
CA THR G 271 -15.60 -13.59 4.38
C THR G 271 -15.33 -14.99 3.86
N LEU G 272 -15.71 -16.00 4.63
CA LEU G 272 -15.38 -17.41 4.33
C LEU G 272 -16.40 -18.39 4.90
N ARG G 273 -16.56 -19.52 4.23
CA ARG G 273 -17.38 -20.64 4.73
C ARG G 273 -16.74 -21.97 4.36
N TRP G 274 -17.32 -23.08 4.82
CA TRP G 274 -16.83 -24.40 4.42
C TRP G 274 -16.57 -24.46 2.91
N GLU G 275 -15.40 -24.95 2.51
CA GLU G 275 -15.18 -25.29 1.08
C GLU G 275 -15.04 -26.81 0.89
N ILE H 1 -7.44 -10.97 46.80
CA ILE H 1 -7.86 -12.40 46.82
C ILE H 1 -7.65 -13.05 45.45
N GLN H 2 -7.82 -14.36 45.44
CA GLN H 2 -7.33 -15.17 44.35
C GLN H 2 -8.28 -15.20 43.16
N LYS H 3 -7.69 -15.10 41.98
CA LYS H 3 -8.41 -15.24 40.71
C LYS H 3 -7.98 -16.59 40.11
N THR H 4 -8.93 -17.42 39.73
CA THR H 4 -8.61 -18.76 39.21
C THR H 4 -8.06 -18.78 37.76
N PRO H 5 -6.97 -19.50 37.52
CA PRO H 5 -6.38 -19.53 36.17
C PRO H 5 -7.23 -20.20 35.08
N GLN H 6 -7.18 -19.62 33.90
CA GLN H 6 -7.82 -20.21 32.74
C GLN H 6 -6.67 -20.85 31.98
N ILE H 7 -6.99 -21.93 31.28
CA ILE H 7 -5.99 -22.79 30.73
C ILE H 7 -6.41 -23.27 29.37
N GLN H 8 -5.52 -23.08 28.40
CA GLN H 8 -5.75 -23.61 27.06
C GLN H 8 -4.53 -24.40 26.71
N VAL H 9 -4.74 -25.47 25.95
CA VAL H 9 -3.67 -26.33 25.50
C VAL H 9 -3.88 -26.62 24.02
N TYR H 10 -2.84 -26.38 23.22
CA TYR H 10 -3.00 -26.39 21.76
C TYR H 10 -1.65 -26.42 21.05
N SER H 11 -1.70 -26.77 19.77
CA SER H 11 -0.51 -26.89 18.92
C SER H 11 -0.28 -25.58 18.21
N ARG H 12 0.97 -25.14 18.16
CA ARG H 12 1.32 -23.90 17.43
C ARG H 12 0.87 -24.03 15.96
N HIS H 13 1.28 -25.10 15.28
CA HIS H 13 0.90 -25.33 13.88
C HIS H 13 -0.28 -26.30 13.77
N PRO H 14 -1.03 -26.25 12.65
CA PRO H 14 -2.11 -27.24 12.56
C PRO H 14 -1.50 -28.65 12.69
N PRO H 15 -2.06 -29.49 13.58
CA PRO H 15 -1.39 -30.73 13.94
C PRO H 15 -1.51 -31.79 12.84
N GLU H 16 -0.43 -32.52 12.63
CA GLU H 16 -0.34 -33.57 11.61
C GLU H 16 0.43 -34.79 12.13
N ASN H 17 -0.28 -35.86 12.47
CA ASN H 17 0.32 -37.10 13.01
C ASN H 17 1.62 -37.49 12.30
N GLY H 18 2.68 -37.71 13.07
CA GLY H 18 4.01 -37.96 12.51
C GLY H 18 4.81 -36.74 12.04
N LYS H 19 4.34 -35.53 12.35
CA LYS H 19 5.05 -34.30 11.99
C LYS H 19 5.44 -33.51 13.26
N PRO H 20 6.74 -33.25 13.44
CA PRO H 20 7.21 -32.45 14.58
C PRO H 20 6.42 -31.15 14.74
N ASN H 21 5.99 -30.82 15.96
CA ASN H 21 5.13 -29.66 16.20
C ASN H 21 5.49 -29.05 17.59
N ILE H 22 4.77 -28.01 18.00
CA ILE H 22 4.95 -27.43 19.34
C ILE H 22 3.61 -27.39 20.03
N LEU H 23 3.54 -27.94 21.23
CA LEU H 23 2.37 -27.85 22.10
C LEU H 23 2.50 -26.76 23.18
N ASN H 24 1.54 -25.84 23.18
CA ASN H 24 1.48 -24.71 24.13
C ASN H 24 0.48 -24.98 25.26
N CYS H 25 0.79 -24.46 26.46
CA CYS H 25 -0.14 -24.45 27.59
C CYS H 25 -0.25 -23.03 28.10
N TYR H 26 -1.25 -22.32 27.59
CA TYR H 26 -1.44 -20.91 27.85
C TYR H 26 -2.17 -20.92 29.17
N VAL H 27 -1.68 -20.15 30.14
CA VAL H 27 -2.31 -20.11 31.45
C VAL H 27 -2.46 -18.64 31.82
N THR H 28 -3.70 -18.17 31.89
CA THR H 28 -3.98 -16.75 32.06
C THR H 28 -4.93 -16.40 33.22
N GLN H 29 -5.04 -15.12 33.54
CA GLN H 29 -6.11 -14.62 34.40
C GLN H 29 -5.96 -14.95 35.90
N PHE H 30 -4.76 -15.27 36.36
CA PHE H 30 -4.59 -15.73 37.74
C PHE H 30 -3.98 -14.70 38.74
N HIS H 31 -4.19 -14.98 40.01
CA HIS H 31 -3.58 -14.20 41.09
C HIS H 31 -3.65 -15.04 42.36
N PRO H 32 -2.55 -15.13 43.14
CA PRO H 32 -1.25 -14.49 43.05
C PRO H 32 -0.31 -15.20 42.10
N PRO H 33 0.80 -14.53 41.70
CA PRO H 33 1.60 -15.02 40.59
C PRO H 33 2.41 -16.30 40.84
N HIS H 34 2.36 -16.83 42.05
CA HIS H 34 3.01 -18.11 42.31
C HIS H 34 2.16 -19.23 41.70
N ILE H 35 2.78 -20.02 40.84
CA ILE H 35 2.11 -21.10 40.12
C ILE H 35 3.09 -22.26 39.85
N GLU H 36 2.55 -23.46 39.67
CA GLU H 36 3.35 -24.57 39.15
C GLU H 36 2.61 -25.15 37.97
N ILE H 37 3.30 -25.21 36.85
CA ILE H 37 2.71 -25.70 35.62
C ILE H 37 3.51 -26.92 35.12
N GLN H 38 2.79 -27.99 34.78
CA GLN H 38 3.39 -29.21 34.25
C GLN H 38 2.71 -29.61 32.96
N MET H 39 3.47 -30.21 32.05
CA MET H 39 2.91 -30.78 30.81
C MET H 39 3.13 -32.30 30.83
N LEU H 40 2.07 -33.03 30.53
CA LEU H 40 2.05 -34.47 30.68
C LEU H 40 1.95 -35.19 29.33
N LYS H 41 2.74 -36.25 29.16
CA LYS H 41 2.66 -37.15 27.99
C LYS H 41 2.22 -38.50 28.49
N ASN H 42 0.97 -38.85 28.16
CA ASN H 42 0.32 -40.03 28.68
C ASN H 42 0.39 -40.10 30.22
N GLY H 43 -0.11 -39.05 30.87
CA GLY H 43 -0.07 -38.95 32.33
C GLY H 43 1.29 -38.78 33.01
N LYS H 44 2.35 -38.57 32.23
CA LYS H 44 3.73 -38.49 32.74
C LYS H 44 4.40 -37.18 32.35
N LYS H 45 5.16 -36.61 33.30
CA LYS H 45 5.89 -35.34 33.10
C LYS H 45 6.72 -35.33 31.83
N ILE H 46 6.58 -34.27 31.04
CA ILE H 46 7.42 -34.09 29.86
C ILE H 46 8.71 -33.47 30.33
N PRO H 47 9.86 -34.12 30.05
CA PRO H 47 11.15 -33.79 30.67
C PRO H 47 11.45 -32.30 30.70
N LYS H 48 11.71 -31.69 29.56
CA LYS H 48 12.12 -30.29 29.53
C LYS H 48 11.07 -29.49 28.80
N VAL H 49 10.57 -28.46 29.49
CA VAL H 49 9.39 -27.70 29.11
C VAL H 49 9.72 -26.20 29.17
N GLU H 50 9.56 -25.52 28.04
CA GLU H 50 9.83 -24.08 27.97
C GLU H 50 8.73 -23.30 28.71
N MET H 51 9.17 -22.35 29.54
CA MET H 51 8.30 -21.60 30.45
C MET H 51 8.69 -20.13 30.28
N SER H 52 7.76 -19.32 29.74
CA SER H 52 7.98 -17.87 29.64
C SER H 52 8.14 -17.21 31.00
N ASP H 53 8.75 -16.04 30.98
CA ASP H 53 8.87 -15.22 32.16
C ASP H 53 7.52 -14.61 32.50
N MET H 54 7.25 -14.46 33.79
CA MET H 54 5.92 -14.05 34.19
C MET H 54 5.66 -12.63 33.74
N SER H 55 4.41 -12.38 33.38
CA SER H 55 3.98 -11.07 32.96
C SER H 55 2.60 -10.87 33.50
N PHE H 56 2.09 -9.64 33.47
CA PHE H 56 0.70 -9.41 33.83
C PHE H 56 0.02 -8.60 32.76
N SER H 57 -1.31 -8.75 32.66
CA SER H 57 -2.14 -7.99 31.71
C SER H 57 -2.61 -6.66 32.29
N LYS H 58 -3.10 -5.79 31.40
CA LYS H 58 -3.66 -4.49 31.75
C LYS H 58 -4.69 -4.52 32.87
N ASP H 59 -5.24 -5.70 33.17
CA ASP H 59 -6.27 -5.84 34.23
C ASP H 59 -5.65 -6.41 35.53
N TRP H 60 -4.32 -6.39 35.61
CA TRP H 60 -3.54 -6.86 36.77
C TRP H 60 -3.45 -8.35 37.04
N SER H 61 -4.22 -9.17 36.33
CA SER H 61 -4.05 -10.63 36.41
C SER H 61 -2.77 -11.04 35.72
N PHE H 62 -2.13 -12.10 36.19
CA PHE H 62 -0.91 -12.60 35.56
C PHE H 62 -1.15 -13.61 34.43
N TYR H 63 -0.14 -13.81 33.59
CA TYR H 63 -0.22 -14.76 32.45
C TYR H 63 1.13 -15.38 32.08
N ILE H 64 1.10 -16.64 31.60
CA ILE H 64 2.32 -17.40 31.38
C ILE H 64 2.18 -18.53 30.31
N LEU H 65 3.11 -18.57 29.35
CA LEU H 65 3.06 -19.57 28.23
C LEU H 65 4.10 -20.65 28.46
N ALA H 66 3.61 -21.88 28.67
CA ALA H 66 4.46 -23.07 28.74
C ALA H 66 4.46 -23.72 27.37
N HIS H 67 5.56 -24.39 27.01
CA HIS H 67 5.57 -25.12 25.74
C HIS H 67 6.62 -26.20 25.60
N THR H 68 6.40 -27.07 24.62
CA THR H 68 7.33 -28.14 24.31
C THR H 68 7.24 -28.64 22.88
N GLU H 69 8.36 -29.11 22.37
CA GLU H 69 8.36 -29.81 21.10
C GLU H 69 7.66 -31.12 21.31
N PHE H 70 6.80 -31.48 20.37
CA PHE H 70 6.18 -32.79 20.39
C PHE H 70 5.86 -33.27 18.98
N THR H 71 5.72 -34.57 18.86
CA THR H 71 5.30 -35.18 17.63
C THR H 71 4.01 -35.90 17.96
N PRO H 72 2.88 -35.45 17.38
CA PRO H 72 1.66 -36.16 17.69
C PRO H 72 1.59 -37.48 16.95
N THR H 73 1.00 -38.46 17.63
CA THR H 73 0.64 -39.74 17.04
C THR H 73 -0.85 -39.89 17.25
N GLU H 74 -1.46 -40.81 16.50
CA GLU H 74 -2.88 -41.13 16.67
C GLU H 74 -3.31 -41.22 18.16
N THR H 75 -2.46 -41.81 18.99
CA THR H 75 -2.89 -42.33 20.30
C THR H 75 -2.35 -41.63 21.56
N ASP H 76 -1.34 -40.80 21.40
CA ASP H 76 -0.67 -40.21 22.55
C ASP H 76 -1.53 -39.08 23.10
N THR H 77 -1.85 -39.15 24.39
CA THR H 77 -2.56 -38.06 25.06
C THR H 77 -1.56 -37.08 25.72
N TYR H 78 -1.80 -35.79 25.54
CA TYR H 78 -1.02 -34.73 26.16
C TYR H 78 -1.94 -33.91 27.06
N ALA H 79 -1.39 -33.46 28.17
CA ALA H 79 -2.19 -32.74 29.14
C ALA H 79 -1.32 -31.67 29.80
N CYS H 80 -1.96 -30.60 30.29
CA CYS H 80 -1.30 -29.60 31.14
C CYS H 80 -1.89 -29.72 32.56
N ARG H 81 -1.03 -29.70 33.59
CA ARG H 81 -1.52 -29.73 34.96
C ARG H 81 -1.06 -28.48 35.70
N VAL H 82 -2.02 -27.74 36.22
CA VAL H 82 -1.73 -26.47 36.88
C VAL H 82 -2.05 -26.54 38.36
N LYS H 83 -1.14 -26.03 39.16
CA LYS H 83 -1.25 -26.04 40.62
C LYS H 83 -1.16 -24.62 41.13
N HIS H 84 -2.19 -24.19 41.86
CA HIS H 84 -2.33 -22.80 42.28
C HIS H 84 -3.15 -22.70 43.55
N ASP H 85 -2.79 -21.78 44.44
CA ASP H 85 -3.49 -21.63 45.73
C ASP H 85 -5.00 -21.47 45.62
N SER H 86 -5.46 -20.78 44.56
CA SER H 86 -6.91 -20.54 44.29
C SER H 86 -7.71 -21.79 44.02
N MET H 87 -7.01 -22.91 43.86
CA MET H 87 -7.65 -24.19 43.70
C MET H 87 -7.12 -25.05 44.84
N ALA H 88 -8.01 -25.85 45.42
CA ALA H 88 -7.63 -26.78 46.49
C ALA H 88 -6.91 -28.00 45.93
N GLU H 89 -7.04 -28.23 44.62
CA GLU H 89 -6.48 -29.40 43.96
C GLU H 89 -6.02 -29.07 42.55
N PRO H 90 -4.92 -29.66 42.09
CA PRO H 90 -4.48 -29.40 40.71
C PRO H 90 -5.59 -29.52 39.66
N LYS H 91 -5.45 -28.79 38.56
CA LYS H 91 -6.40 -28.88 37.47
C LYS H 91 -5.59 -29.36 36.30
N THR H 92 -6.08 -30.38 35.61
CA THR H 92 -5.44 -30.96 34.43
C THR H 92 -6.34 -30.70 33.23
N VAL H 93 -5.87 -30.00 32.19
CA VAL H 93 -6.69 -29.95 30.95
C VAL H 93 -6.01 -30.64 29.75
N TYR H 94 -6.79 -31.44 29.03
CA TYR H 94 -6.25 -32.25 27.94
C TYR H 94 -6.24 -31.49 26.62
N TRP H 95 -5.24 -31.80 25.79
CA TRP H 95 -5.18 -31.37 24.40
C TRP H 95 -6.28 -32.03 23.58
N ASP H 96 -7.07 -31.22 22.87
CA ASP H 96 -8.04 -31.67 21.89
C ASP H 96 -7.61 -31.11 20.56
N ARG H 97 -7.16 -32.00 19.67
CA ARG H 97 -6.54 -31.61 18.40
C ARG H 97 -7.48 -30.80 17.47
N ASP H 98 -8.79 -30.90 17.67
CA ASP H 98 -9.77 -30.13 16.90
C ASP H 98 -10.09 -28.76 17.55
N MET H 99 -9.22 -28.26 18.41
CA MET H 99 -9.53 -27.05 19.19
C MET H 99 -8.28 -26.23 19.43
N LYS I 1 12.93 4.47 28.15
CA LYS I 1 13.57 4.45 29.49
C LYS I 1 12.53 4.34 30.58
N ALA I 2 12.78 3.48 31.56
CA ALA I 2 11.78 3.22 32.60
C ALA I 2 11.68 4.43 33.54
N PRO I 3 10.56 4.57 34.26
CA PRO I 3 10.36 5.70 35.18
C PRO I 3 11.10 5.55 36.50
N PHE I 4 11.31 6.66 37.22
CA PHE I 4 11.69 6.62 38.65
C PHE I 4 10.42 6.88 39.41
N ASN I 5 10.28 6.28 40.58
CA ASN I 5 9.14 6.61 41.41
C ASN I 5 9.62 7.59 42.43
N PHE I 6 8.69 8.10 43.25
CA PHE I 6 8.90 9.30 44.06
C PHE I 6 8.50 9.10 45.52
N ALA I 7 7.45 9.76 45.98
CA ALA I 7 6.98 9.48 47.33
C ALA I 7 6.51 8.04 47.32
N THR I 8 7.09 7.21 48.17
CA THR I 8 6.59 5.89 48.39
C THR I 8 5.17 6.00 48.92
N MET I 9 4.42 4.89 48.88
CA MET I 9 3.02 4.80 49.37
C MET I 9 2.83 5.18 50.82
N GLY J 1 1.04 -7.02 -9.39
CA GLY J 1 2.51 -7.12 -9.67
C GLY J 1 2.88 -8.41 -10.39
N PRO J 2 4.03 -8.41 -11.09
CA PRO J 2 4.47 -9.63 -11.77
C PRO J 2 4.99 -10.69 -10.80
N HIS J 3 5.12 -11.92 -11.30
CA HIS J 3 5.51 -13.06 -10.47
C HIS J 3 6.28 -14.08 -11.29
N SER J 4 6.94 -15.00 -10.61
CA SER J 4 7.84 -15.95 -11.29
C SER J 4 8.06 -17.21 -10.48
N MET J 5 8.30 -18.31 -11.19
CA MET J 5 8.80 -19.53 -10.58
C MET J 5 10.00 -20.06 -11.35
N ARG J 6 10.98 -20.59 -10.62
CA ARG J 6 12.15 -21.23 -11.21
C ARG J 6 12.55 -22.49 -10.43
N TYR J 7 13.09 -23.46 -11.16
CA TYR J 7 13.83 -24.55 -10.53
C TYR J 7 15.25 -24.57 -11.07
N PHE J 8 16.23 -24.51 -10.17
CA PHE J 8 17.65 -24.49 -10.54
C PHE J 8 18.25 -25.83 -10.16
N GLU J 9 18.60 -26.65 -11.15
CA GLU J 9 19.11 -27.99 -10.89
C GLU J 9 20.60 -28.09 -11.23
N THR J 10 21.33 -28.87 -10.43
CA THR J 10 22.78 -29.01 -10.57
C THR J 10 23.19 -30.45 -10.34
N ALA J 11 24.12 -30.94 -11.17
CA ALA J 11 24.76 -32.24 -10.94
C ALA J 11 26.25 -32.05 -11.08
N VAL J 12 27.01 -32.58 -10.13
CA VAL J 12 28.46 -32.38 -10.06
C VAL J 12 29.15 -33.72 -9.93
N SER J 13 30.17 -33.95 -10.75
CA SER J 13 31.02 -35.11 -10.62
C SER J 13 32.44 -34.66 -10.21
N ARG J 14 33.10 -35.48 -9.40
CA ARG J 14 34.47 -35.21 -8.97
C ARG J 14 35.30 -36.49 -9.07
N PRO J 15 36.60 -36.36 -9.36
CA PRO J 15 37.45 -37.53 -9.61
C PRO J 15 37.31 -38.59 -8.52
N GLY J 16 37.25 -38.15 -7.27
CA GLY J 16 37.01 -39.05 -6.14
C GLY J 16 35.71 -39.81 -6.23
N LEU J 17 34.59 -39.10 -5.97
CA LEU J 17 33.25 -39.69 -5.95
C LEU J 17 32.99 -40.69 -7.09
N GLU J 18 32.29 -41.77 -6.76
CA GLU J 18 31.84 -42.74 -7.76
C GLU J 18 30.65 -42.15 -8.52
N GLU J 19 29.65 -41.68 -7.77
CA GLU J 19 28.44 -41.10 -8.37
C GLU J 19 28.35 -39.60 -8.16
N PRO J 20 27.77 -38.89 -9.14
CA PRO J 20 27.64 -37.45 -9.00
C PRO J 20 26.61 -37.06 -7.96
N ARG J 21 26.68 -35.80 -7.53
CA ARG J 21 25.77 -35.28 -6.54
C ARG J 21 24.75 -34.37 -7.20
N TYR J 22 23.48 -34.58 -6.88
CA TYR J 22 22.39 -33.84 -7.52
C TYR J 22 21.70 -32.89 -6.52
N ILE J 23 21.57 -31.62 -6.91
CA ILE J 23 20.86 -30.63 -6.09
C ILE J 23 19.87 -29.86 -6.93
N SER J 24 18.65 -29.73 -6.43
CA SER J 24 17.60 -28.95 -7.07
C SER J 24 17.01 -27.96 -6.07
N VAL J 25 16.87 -26.71 -6.47
CA VAL J 25 16.28 -25.68 -5.63
C VAL J 25 15.14 -25.02 -6.39
N GLY J 26 13.98 -24.90 -5.75
CA GLY J 26 12.85 -24.21 -6.35
C GLY J 26 12.77 -22.80 -5.81
N TYR J 27 12.28 -21.88 -6.63
CA TYR J 27 12.10 -20.49 -6.22
C TYR J 27 10.73 -19.97 -6.66
N VAL J 28 10.14 -19.13 -5.82
CA VAL J 28 8.96 -18.36 -6.19
C VAL J 28 9.27 -16.90 -5.90
N ASP J 29 8.97 -16.03 -6.88
CA ASP J 29 9.41 -14.63 -6.84
C ASP J 29 10.82 -14.54 -6.23
N ASN J 30 11.76 -15.30 -6.82
CA ASN J 30 13.18 -15.31 -6.42
C ASN J 30 13.51 -15.68 -4.97
N LYS J 31 12.50 -16.05 -4.18
CA LYS J 31 12.71 -16.55 -2.83
C LYS J 31 12.69 -18.06 -2.86
N GLU J 32 13.70 -18.67 -2.24
CA GLU J 32 13.78 -20.13 -2.20
C GLU J 32 12.58 -20.65 -1.44
N PHE J 33 11.99 -21.74 -1.92
CA PHE J 33 10.82 -22.33 -1.26
C PHE J 33 10.84 -23.87 -1.15
N VAL J 34 11.61 -24.55 -2.00
CA VAL J 34 11.82 -26.00 -1.84
C VAL J 34 13.26 -26.42 -2.17
N ARG J 35 13.65 -27.62 -1.75
CA ARG J 35 15.04 -28.06 -1.94
C ARG J 35 15.26 -29.56 -1.76
N PHE J 36 15.94 -30.17 -2.74
CA PHE J 36 16.36 -31.57 -2.69
C PHE J 36 17.87 -31.60 -2.80
N ASP J 37 18.50 -32.52 -2.07
CA ASP J 37 19.95 -32.69 -2.07
C ASP J 37 20.31 -34.15 -1.80
N SER J 38 20.97 -34.80 -2.77
CA SER J 38 21.18 -36.25 -2.74
C SER J 38 22.24 -36.71 -1.74
N ASP J 39 23.02 -35.77 -1.21
CA ASP J 39 23.96 -36.09 -0.12
C ASP J 39 23.25 -36.25 1.22
N ALA J 40 22.06 -35.65 1.35
CA ALA J 40 21.27 -35.80 2.58
C ALA J 40 21.08 -37.27 2.91
N GLU J 41 21.25 -37.58 4.20
CA GLU J 41 20.95 -38.89 4.79
C GLU J 41 19.70 -39.56 4.20
N ASN J 42 18.61 -38.79 4.13
CA ASN J 42 17.32 -39.25 3.62
C ASN J 42 16.87 -38.30 2.49
N PRO J 43 17.37 -38.53 1.28
CA PRO J 43 17.14 -37.55 0.21
C PRO J 43 15.65 -37.28 -0.05
N ARG J 44 15.24 -36.03 0.13
CA ARG J 44 13.85 -35.62 -0.08
C ARG J 44 13.73 -34.15 -0.39
N TYR J 45 12.69 -33.78 -1.14
CA TYR J 45 12.32 -32.37 -1.25
C TYR J 45 11.81 -31.90 0.13
N GLU J 46 12.51 -30.93 0.73
CA GLU J 46 12.09 -30.35 1.99
C GLU J 46 11.51 -28.95 1.75
N PRO J 47 10.53 -28.53 2.59
CA PRO J 47 10.05 -27.15 2.49
C PRO J 47 11.10 -26.17 2.98
N ARG J 48 11.05 -24.95 2.48
CA ARG J 48 12.07 -23.94 2.77
C ARG J 48 11.51 -22.58 3.19
N ALA J 49 10.23 -22.34 2.87
CA ALA J 49 9.48 -21.22 3.43
C ALA J 49 8.43 -21.78 4.39
N PRO J 50 7.96 -20.94 5.34
CA PRO J 50 6.94 -21.40 6.30
C PRO J 50 5.61 -21.78 5.64
N TRP J 51 5.21 -20.99 4.65
CA TRP J 51 3.94 -21.20 3.96
C TRP J 51 3.84 -22.52 3.16
N MET J 52 4.95 -23.23 2.99
CA MET J 52 4.95 -24.50 2.23
C MET J 52 4.65 -25.77 3.06
N GLU J 53 4.73 -25.68 4.39
CA GLU J 53 4.30 -26.80 5.24
C GLU J 53 2.85 -27.24 4.99
N GLN J 54 2.05 -26.35 4.38
CA GLN J 54 0.65 -26.65 4.03
C GLN J 54 0.46 -27.80 3.02
N GLU J 55 1.54 -28.31 2.42
CA GLU J 55 1.43 -29.42 1.48
C GLU J 55 1.54 -30.74 2.23
N GLY J 56 0.65 -31.67 1.93
CA GLY J 56 0.65 -32.98 2.58
C GLY J 56 1.75 -33.89 2.04
N PRO J 57 1.95 -35.07 2.67
CA PRO J 57 3.02 -36.00 2.31
C PRO J 57 3.02 -36.51 0.85
N GLU J 58 1.87 -36.48 0.19
CA GLU J 58 1.82 -36.95 -1.21
C GLU J 58 2.60 -35.99 -2.12
N TYR J 59 2.41 -34.70 -1.88
CA TYR J 59 3.18 -33.69 -2.60
C TYR J 59 4.66 -34.04 -2.52
N TRP J 60 5.14 -34.23 -1.30
CA TRP J 60 6.57 -34.40 -1.04
C TRP J 60 7.10 -35.73 -1.56
N GLU J 61 6.31 -36.79 -1.43
CA GLU J 61 6.67 -38.09 -2.00
C GLU J 61 6.75 -37.99 -3.53
N ARG J 62 5.79 -37.28 -4.13
CA ARG J 62 5.71 -37.14 -5.59
C ARG J 62 6.92 -36.40 -6.14
N GLU J 63 7.13 -35.19 -5.59
CA GLU J 63 8.26 -34.35 -6.03
C GLU J 63 9.59 -35.05 -5.80
N THR J 64 9.74 -35.69 -4.64
CA THR J 64 10.96 -36.47 -4.35
C THR J 64 11.25 -37.50 -5.41
N GLN J 65 10.19 -38.14 -5.92
CA GLN J 65 10.30 -39.21 -6.91
C GLN J 65 10.74 -38.64 -8.25
N LYS J 66 10.19 -37.48 -8.62
CA LYS J 66 10.72 -36.72 -9.73
C LYS J 66 12.23 -36.51 -9.57
N ALA J 67 12.62 -35.98 -8.42
CA ALA J 67 14.02 -35.67 -8.16
C ALA J 67 14.90 -36.88 -8.38
N LYS J 68 14.44 -38.04 -7.91
CA LYS J 68 15.20 -39.29 -8.13
C LYS J 68 15.35 -39.65 -9.60
N GLY J 69 14.37 -39.24 -10.42
CA GLY J 69 14.42 -39.41 -11.87
C GLY J 69 15.37 -38.42 -12.54
N GLN J 70 15.39 -37.19 -12.04
CA GLN J 70 16.29 -36.17 -12.60
C GLN J 70 17.73 -36.56 -12.37
N GLU J 71 17.98 -37.16 -11.20
CA GLU J 71 19.30 -37.59 -10.81
C GLU J 71 19.76 -38.64 -11.81
N GLN J 72 18.88 -39.57 -12.14
CA GLN J 72 19.14 -40.54 -13.22
C GLN J 72 19.51 -39.81 -14.52
N TRP J 73 18.70 -38.82 -14.87
CA TRP J 73 18.84 -38.11 -16.13
C TRP J 73 20.16 -37.39 -16.25
N PHE J 74 20.49 -36.64 -15.19
CA PHE J 74 21.75 -35.90 -15.12
C PHE J 74 22.95 -36.83 -15.18
N ARG J 75 22.85 -37.94 -14.47
CA ARG J 75 23.94 -38.91 -14.41
C ARG J 75 24.25 -39.38 -15.81
N VAL J 76 23.22 -39.77 -16.56
CA VAL J 76 23.43 -40.25 -17.91
C VAL J 76 23.90 -39.15 -18.84
N SER J 77 23.33 -37.97 -18.69
CA SER J 77 23.68 -36.84 -19.54
C SER J 77 25.16 -36.49 -19.40
N LEU J 78 25.58 -36.35 -18.15
CA LEU J 78 27.02 -36.18 -17.80
C LEU J 78 27.89 -37.17 -18.54
N ARG J 79 27.49 -38.43 -18.50
CA ARG J 79 28.27 -39.48 -19.17
C ARG J 79 28.41 -39.17 -20.66
N ASN J 80 27.31 -38.84 -21.31
CA ASN J 80 27.31 -38.58 -22.75
C ASN J 80 28.14 -37.35 -23.13
N LEU J 81 27.99 -36.27 -22.36
CA LEU J 81 28.72 -35.02 -22.57
C LEU J 81 30.23 -35.21 -22.54
N LEU J 82 30.68 -35.99 -21.57
CA LEU J 82 32.09 -36.41 -21.46
C LEU J 82 32.56 -36.92 -22.83
N GLY J 83 31.82 -37.86 -23.40
CA GLY J 83 32.15 -38.42 -24.71
C GLY J 83 32.10 -37.42 -25.84
N TYR J 84 31.09 -36.55 -25.85
CA TYR J 84 30.98 -35.52 -26.88
C TYR J 84 32.15 -34.54 -26.90
N TYR J 85 32.66 -34.21 -25.71
CA TYR J 85 33.77 -33.26 -25.59
C TYR J 85 35.14 -33.93 -25.54
N ASN J 86 35.20 -35.24 -25.80
CA ASN J 86 36.47 -36.00 -25.77
C ASN J 86 37.27 -35.74 -24.49
N GLN J 87 36.54 -35.63 -23.39
CA GLN J 87 37.13 -35.46 -22.08
C GLN J 87 37.42 -36.88 -21.58
N SER J 88 38.50 -37.06 -20.84
CA SER J 88 38.81 -38.40 -20.37
C SER J 88 38.36 -38.56 -18.93
N ALA J 89 38.57 -39.76 -18.38
CA ALA J 89 38.36 -40.01 -16.96
C ALA J 89 39.31 -39.14 -16.17
N GLY J 90 38.82 -38.55 -15.08
CA GLY J 90 39.69 -37.95 -14.06
C GLY J 90 39.66 -36.44 -13.97
N GLY J 91 38.46 -35.87 -14.00
CA GLY J 91 38.28 -34.43 -13.89
C GLY J 91 37.01 -34.12 -13.13
N SER J 92 36.81 -32.84 -12.83
CA SER J 92 35.55 -32.39 -12.25
C SER J 92 34.72 -31.91 -13.43
N HIS J 93 33.42 -32.16 -13.38
CA HIS J 93 32.52 -31.67 -14.38
C HIS J 93 31.26 -31.30 -13.70
N THR J 94 30.51 -30.42 -14.33
CA THR J 94 29.24 -29.98 -13.77
C THR J 94 28.23 -29.71 -14.89
N LEU J 95 26.96 -29.97 -14.56
CA LEU J 95 25.83 -29.76 -15.43
C LEU J 95 24.71 -29.05 -14.66
N GLN J 96 24.14 -28.02 -15.27
CA GLN J 96 23.18 -27.14 -14.62
C GLN J 96 21.96 -26.88 -15.50
N GLN J 97 20.82 -26.75 -14.87
CA GLN J 97 19.58 -26.49 -15.56
C GLN J 97 18.82 -25.41 -14.79
N MET J 98 18.21 -24.49 -15.55
CA MET J 98 17.20 -23.57 -15.03
C MET J 98 15.94 -23.80 -15.82
N SER J 99 14.81 -23.94 -15.12
CA SER J 99 13.50 -24.03 -15.79
C SER J 99 12.45 -23.25 -15.02
N GLY J 100 11.50 -22.68 -15.72
CA GLY J 100 10.36 -22.06 -15.07
C GLY J 100 9.62 -21.08 -15.95
N CYS J 101 8.71 -20.33 -15.31
CA CYS J 101 7.80 -19.43 -16.00
C CYS J 101 7.79 -18.04 -15.36
N ASP J 102 7.40 -17.05 -16.16
CA ASP J 102 7.21 -15.69 -15.69
C ASP J 102 5.78 -15.31 -15.95
N LEU J 103 5.16 -14.63 -14.99
CA LEU J 103 3.79 -14.14 -15.15
C LEU J 103 3.79 -12.64 -15.10
N GLY J 104 2.84 -12.03 -15.82
CA GLY J 104 2.57 -10.60 -15.72
C GLY J 104 1.72 -10.32 -14.49
N SER J 105 1.34 -9.06 -14.32
CA SER J 105 0.50 -8.69 -13.18
C SER J 105 -0.95 -9.20 -13.34
N ASP J 106 -1.30 -9.57 -14.58
CA ASP J 106 -2.57 -10.24 -14.85
C ASP J 106 -2.53 -11.74 -14.58
N TRP J 107 -1.38 -12.25 -14.19
CA TRP J 107 -1.21 -13.66 -13.88
C TRP J 107 -1.15 -14.55 -15.13
N ARG J 108 -1.02 -13.96 -16.31
CA ARG J 108 -0.81 -14.71 -17.55
C ARG J 108 0.66 -14.99 -17.82
N LEU J 109 0.94 -16.10 -18.47
CA LEU J 109 2.31 -16.49 -18.81
C LEU J 109 2.94 -15.44 -19.70
N LEU J 110 3.91 -14.72 -19.17
CA LEU J 110 4.68 -13.76 -19.94
C LEU J 110 5.72 -14.51 -20.80
N ARG J 111 6.39 -15.48 -20.18
CA ARG J 111 7.49 -16.18 -20.85
C ARG J 111 7.93 -17.40 -20.07
N GLY J 112 8.30 -18.46 -20.78
CA GLY J 112 8.88 -19.67 -20.20
C GLY J 112 10.39 -19.79 -20.39
N TYR J 113 11.07 -20.44 -19.46
CA TYR J 113 12.53 -20.57 -19.50
C TYR J 113 12.96 -22.03 -19.41
N LEU J 114 13.97 -22.39 -20.19
CA LEU J 114 14.53 -23.74 -20.15
C LEU J 114 15.91 -23.74 -20.80
N GLN J 115 16.96 -23.66 -19.98
CA GLN J 115 18.34 -23.61 -20.47
C GLN J 115 19.24 -24.54 -19.70
N PHE J 116 20.30 -25.00 -20.36
CA PHE J 116 21.29 -25.84 -19.75
C PHE J 116 22.70 -25.25 -19.91
N ALA J 117 23.56 -25.58 -18.93
CA ALA J 117 24.96 -25.22 -18.97
C ALA J 117 25.79 -26.42 -18.59
N TYR J 118 26.93 -26.52 -19.27
CA TYR J 118 27.91 -27.54 -19.04
C TYR J 118 29.24 -26.87 -18.77
N GLU J 119 29.92 -27.32 -17.72
CA GLU J 119 31.10 -26.66 -17.20
C GLU J 119 30.88 -25.16 -16.98
N GLY J 120 29.69 -24.74 -16.55
CA GLY J 120 29.40 -23.32 -16.38
C GLY J 120 29.18 -22.50 -17.65
N ARG J 121 29.06 -23.15 -18.79
CA ARG J 121 28.91 -22.46 -20.07
C ARG J 121 27.66 -22.91 -20.72
N ASP J 122 26.99 -21.99 -21.41
CA ASP J 122 25.72 -22.25 -22.07
C ASP J 122 25.88 -23.44 -23.00
N TYR J 123 25.04 -24.44 -22.83
CA TYR J 123 25.14 -25.64 -23.64
C TYR J 123 24.03 -25.65 -24.65
N ILE J 124 22.80 -25.63 -24.16
CA ILE J 124 21.63 -25.63 -25.04
C ILE J 124 20.50 -24.97 -24.28
N ALA J 125 19.71 -24.17 -24.99
CA ALA J 125 18.58 -23.46 -24.42
C ALA J 125 17.37 -23.52 -25.35
N LEU J 126 16.18 -23.47 -24.75
CA LEU J 126 14.93 -23.42 -25.49
C LEU J 126 14.65 -21.98 -25.77
N ASN J 127 14.45 -21.65 -27.05
CA ASN J 127 14.09 -20.27 -27.45
C ASN J 127 12.74 -19.81 -26.90
N GLU J 128 12.53 -18.49 -26.87
CA GLU J 128 11.33 -17.91 -26.29
C GLU J 128 10.03 -18.48 -26.95
N ASP J 129 10.15 -18.99 -28.17
CA ASP J 129 9.00 -19.60 -28.86
C ASP J 129 8.64 -21.01 -28.33
N LEU J 130 9.43 -21.53 -27.40
CA LEU J 130 9.19 -22.86 -26.85
C LEU J 130 9.05 -23.94 -27.95
N LYS J 131 9.67 -23.68 -29.10
CA LYS J 131 9.61 -24.58 -30.27
C LYS J 131 10.99 -24.91 -30.82
N THR J 132 11.90 -23.95 -30.84
CA THR J 132 13.23 -24.19 -31.38
C THR J 132 14.32 -24.06 -30.32
N TRP J 133 15.47 -24.65 -30.61
CA TRP J 133 16.61 -24.70 -29.73
C TRP J 133 17.73 -23.82 -30.23
N THR J 134 18.47 -23.25 -29.28
CA THR J 134 19.71 -22.53 -29.57
C THR J 134 20.90 -23.24 -28.86
N ALA J 135 21.96 -23.54 -29.59
CA ALA J 135 23.12 -24.26 -29.04
C ALA J 135 24.38 -23.92 -29.82
N ALA J 136 25.29 -23.23 -29.15
CA ALA J 136 26.46 -22.67 -29.82
C ALA J 136 27.47 -23.75 -30.22
N ASP J 137 27.85 -24.60 -29.28
CA ASP J 137 29.01 -25.47 -29.47
C ASP J 137 28.80 -26.57 -30.49
N MET J 138 29.84 -26.90 -31.25
CA MET J 138 29.73 -27.95 -32.27
C MET J 138 29.31 -29.24 -31.58
N ALA J 139 29.89 -29.50 -30.41
CA ALA J 139 29.52 -30.67 -29.59
C ALA J 139 28.04 -30.68 -29.27
N ALA J 140 27.49 -29.48 -29.07
CA ALA J 140 26.07 -29.30 -28.69
C ALA J 140 25.08 -29.59 -29.81
N GLN J 141 25.57 -29.65 -31.04
CA GLN J 141 24.69 -29.91 -32.20
C GLN J 141 24.13 -31.31 -32.12
N ILE J 142 24.90 -32.23 -31.56
CA ILE J 142 24.49 -33.61 -31.40
C ILE J 142 23.23 -33.69 -30.54
N THR J 143 23.25 -33.01 -29.40
CA THR J 143 22.05 -32.90 -28.56
C THR J 143 20.93 -32.17 -29.28
N ARG J 144 21.24 -31.08 -29.97
CA ARG J 144 20.22 -30.32 -30.73
C ARG J 144 19.48 -31.22 -31.73
N ARG J 145 20.22 -31.96 -32.56
CA ARG J 145 19.60 -32.84 -33.56
C ARG J 145 18.75 -33.94 -32.90
N LYS J 146 19.28 -34.53 -31.84
CA LYS J 146 18.60 -35.56 -31.07
C LYS J 146 17.24 -35.06 -30.59
N TRP J 147 17.24 -33.90 -29.95
CA TRP J 147 16.04 -33.32 -29.32
C TRP J 147 15.04 -32.76 -30.32
N GLU J 148 15.53 -32.27 -31.44
CA GLU J 148 14.65 -31.86 -32.53
C GLU J 148 13.94 -33.07 -33.12
N GLN J 149 14.67 -34.17 -33.23
CA GLN J 149 14.17 -35.42 -33.82
C GLN J 149 13.10 -36.06 -32.95
N SER J 150 13.16 -35.84 -31.64
CA SER J 150 12.32 -36.59 -30.70
C SER J 150 11.18 -35.77 -30.12
N GLY J 151 11.10 -34.50 -30.48
CA GLY J 151 9.97 -33.67 -30.08
C GLY J 151 10.12 -33.12 -28.67
N ALA J 152 11.33 -33.14 -28.15
CA ALA J 152 11.61 -32.64 -26.80
C ALA J 152 10.97 -31.30 -26.50
N ALA J 153 11.01 -30.37 -27.44
CA ALA J 153 10.49 -29.03 -27.21
C ALA J 153 9.03 -29.01 -26.79
N GLU J 154 8.22 -29.84 -27.42
CA GLU J 154 6.79 -29.82 -27.15
C GLU J 154 6.48 -30.32 -25.77
N HIS J 155 7.28 -31.30 -25.35
CA HIS J 155 7.08 -31.90 -24.06
C HIS J 155 7.42 -30.87 -22.95
N TYR J 156 8.56 -30.19 -23.04
CA TYR J 156 8.91 -29.07 -22.14
C TYR J 156 7.93 -27.90 -22.26
N LYS J 157 7.45 -27.66 -23.47
CA LYS J 157 6.51 -26.58 -23.70
C LYS J 157 5.21 -26.81 -22.89
N ALA J 158 4.77 -28.07 -22.83
CA ALA J 158 3.53 -28.40 -22.12
C ALA J 158 3.66 -28.09 -20.63
N TYR J 159 4.79 -28.47 -20.05
CA TYR J 159 5.06 -28.18 -18.64
C TYR J 159 5.10 -26.68 -18.37
N LEU J 160 5.96 -26.00 -19.12
CA LEU J 160 6.16 -24.57 -18.99
C LEU J 160 4.85 -23.78 -19.13
N GLU J 161 4.03 -24.16 -20.11
CA GLU J 161 2.76 -23.46 -20.37
C GLU J 161 1.63 -23.93 -19.46
N GLY J 162 1.80 -25.09 -18.84
CA GLY J 162 0.71 -25.70 -18.04
C GLY J 162 1.05 -25.86 -16.58
N GLU J 163 1.61 -27.01 -16.24
CA GLU J 163 1.96 -27.31 -14.86
C GLU J 163 2.59 -26.07 -14.18
N CYS J 164 3.61 -25.50 -14.82
CA CYS J 164 4.38 -24.39 -14.23
C CYS J 164 3.48 -23.25 -13.85
N VAL J 165 2.61 -22.87 -14.79
CA VAL J 165 1.70 -21.77 -14.55
C VAL J 165 0.71 -22.20 -13.50
N GLU J 166 0.14 -23.38 -13.71
CA GLU J 166 -0.99 -23.86 -12.92
C GLU J 166 -0.65 -23.86 -11.44
N TRP J 167 0.42 -24.57 -11.10
CA TRP J 167 0.89 -24.68 -9.71
C TRP J 167 1.40 -23.36 -9.11
N LEU J 168 1.98 -22.49 -9.94
CA LEU J 168 2.45 -21.20 -9.45
C LEU J 168 1.26 -20.38 -8.97
N HIS J 169 0.15 -20.43 -9.71
CA HIS J 169 -1.09 -19.78 -9.27
C HIS J 169 -1.41 -20.24 -7.86
N ARG J 170 -1.45 -21.56 -7.70
CA ARG J 170 -1.76 -22.17 -6.42
C ARG J 170 -0.84 -21.68 -5.32
N TYR J 171 0.46 -21.66 -5.58
CA TYR J 171 1.41 -21.25 -4.54
C TYR J 171 1.16 -19.79 -4.14
N LEU J 172 0.85 -18.95 -5.13
CA LEU J 172 0.61 -17.53 -4.86
C LEU J 172 -0.64 -17.34 -4.00
N LYS J 173 -1.68 -18.12 -4.29
CA LYS J 173 -2.89 -18.07 -3.50
C LYS J 173 -2.58 -18.29 -2.04
N ASN J 174 -1.68 -19.23 -1.75
CA ASN J 174 -1.44 -19.59 -0.37
C ASN J 174 -0.64 -18.66 0.56
N GLY J 175 0.65 -18.49 0.26
CA GLY J 175 1.53 -17.62 1.06
C GLY J 175 1.10 -16.16 1.19
N LEU J 180 4.26 -10.70 -1.71
CA LEU J 180 3.68 -9.42 -2.15
C LEU J 180 4.62 -8.23 -1.90
N ARG J 181 5.23 -8.19 -0.71
CA ARG J 181 6.08 -7.07 -0.31
C ARG J 181 7.38 -6.98 -1.09
N THR J 182 7.73 -5.75 -1.43
CA THR J 182 9.08 -5.37 -1.82
C THR J 182 9.49 -4.35 -0.77
N ASP J 183 10.74 -4.36 -0.38
CA ASP J 183 11.24 -3.43 0.64
C ASP J 183 12.01 -2.27 0.01
N SER J 184 11.51 -1.05 0.23
CA SER J 184 12.15 0.16 -0.27
C SER J 184 13.45 0.41 0.49
N PRO J 185 14.41 1.05 -0.16
CA PRO J 185 15.69 1.34 0.47
C PRO J 185 15.60 2.59 1.35
N LYS J 186 16.56 2.70 2.26
CA LYS J 186 16.68 3.85 3.15
C LYS J 186 18.07 4.43 2.94
N ALA J 187 18.14 5.65 2.42
CA ALA J 187 19.43 6.21 1.97
C ALA J 187 20.00 7.24 2.93
N HIS J 188 21.32 7.26 3.04
CA HIS J 188 22.03 8.24 3.84
C HIS J 188 23.47 8.34 3.36
N VAL J 189 24.08 9.50 3.59
CA VAL J 189 25.41 9.80 3.10
C VAL J 189 26.40 9.99 4.25
N THR J 190 27.63 9.53 4.06
CA THR J 190 28.68 9.70 5.07
C THR J 190 29.86 10.51 4.51
N HIS J 191 30.68 11.04 5.42
CA HIS J 191 31.81 11.91 5.07
C HIS J 191 33.14 11.27 5.49
N HIS J 192 34.15 11.36 4.62
CA HIS J 192 35.50 10.87 4.93
C HIS J 192 36.58 11.79 4.31
N PRO J 193 37.67 12.06 5.05
CA PRO J 193 38.62 13.16 4.73
C PRO J 193 39.67 12.94 3.63
N ARG J 194 39.44 12.00 2.70
CA ARG J 194 40.34 11.77 1.55
C ARG J 194 41.09 13.04 1.13
N GLU J 198 40.66 17.46 -0.11
CA GLU J 198 39.71 16.51 -0.71
C GLU J 198 39.00 15.67 0.34
N VAL J 199 37.78 15.23 0.00
CA VAL J 199 36.98 14.33 0.86
C VAL J 199 36.17 13.34 0.01
N THR J 200 35.82 12.20 0.61
CA THR J 200 35.02 11.16 -0.03
C THR J 200 33.58 11.20 0.48
N LEU J 201 32.64 11.32 -0.45
CA LEU J 201 31.21 11.22 -0.12
C LEU J 201 30.77 9.83 -0.52
N ARG J 202 29.99 9.19 0.36
CA ARG J 202 29.58 7.81 0.15
C ARG J 202 28.09 7.67 0.37
N CYS J 203 27.36 7.34 -0.70
CA CYS J 203 25.91 7.18 -0.63
C CYS J 203 25.56 5.74 -0.32
N TRP J 204 24.89 5.52 0.80
CA TRP J 204 24.52 4.17 1.23
C TRP J 204 23.07 3.89 0.88
N ALA J 205 22.81 2.65 0.49
CA ALA J 205 21.44 2.16 0.36
C ALA J 205 21.35 0.89 1.20
N LEU J 206 20.35 0.82 2.09
CA LEU J 206 20.23 -0.29 3.03
C LEU J 206 18.81 -0.81 3.10
N GLY J 207 18.68 -2.07 3.51
CA GLY J 207 17.39 -2.69 3.78
C GLY J 207 16.41 -2.67 2.61
N PHE J 208 16.84 -3.14 1.45
CA PHE J 208 15.94 -3.19 0.27
C PHE J 208 15.80 -4.59 -0.33
N TYR J 209 14.64 -4.82 -0.94
CA TYR J 209 14.37 -6.06 -1.68
C TYR J 209 13.42 -5.73 -2.83
N PRO J 210 13.67 -6.27 -4.04
CA PRO J 210 14.78 -7.17 -4.40
C PRO J 210 16.13 -6.44 -4.63
N ALA J 211 17.16 -7.21 -4.99
CA ALA J 211 18.52 -6.69 -5.06
C ALA J 211 18.75 -5.60 -6.09
N ASP J 212 17.97 -5.60 -7.18
CA ASP J 212 18.19 -4.68 -8.28
C ASP J 212 18.01 -3.24 -7.83
N ILE J 213 19.01 -2.41 -8.10
CA ILE J 213 19.07 -1.03 -7.60
C ILE J 213 20.12 -0.21 -8.36
N THR J 214 19.94 1.11 -8.42
CA THR J 214 20.88 2.00 -9.11
C THR J 214 21.20 3.24 -8.30
N LEU J 215 22.48 3.58 -8.26
CA LEU J 215 22.98 4.73 -7.52
C LEU J 215 23.77 5.63 -8.48
N THR J 216 23.52 6.94 -8.45
CA THR J 216 24.20 7.90 -9.34
C THR J 216 24.42 9.26 -8.68
N TRP J 217 25.66 9.73 -8.74
CA TRP J 217 26.01 11.05 -8.22
C TRP J 217 25.88 12.15 -9.29
N GLN J 218 25.56 13.36 -8.83
CA GLN J 218 25.51 14.55 -9.66
C GLN J 218 26.18 15.71 -8.96
N GLY J 221 23.80 18.71 -12.10
CA GLY J 221 25.11 18.10 -12.39
C GLY J 221 25.06 17.01 -13.44
N GLU J 222 26.18 16.28 -13.54
CA GLU J 222 26.40 15.27 -14.59
C GLU J 222 26.53 13.88 -13.98
N GLU J 223 26.74 12.88 -14.85
CA GLU J 223 26.97 11.50 -14.40
C GLU J 223 28.43 11.26 -14.09
N MET J 228 33.73 7.55 -10.32
CA MET J 228 32.85 7.07 -9.26
C MET J 228 33.25 5.65 -8.82
N GLU J 229 33.17 5.39 -7.52
CA GLU J 229 33.51 4.08 -6.96
C GLU J 229 32.30 3.45 -6.26
N LEU J 230 32.04 2.17 -6.58
CA LEU J 230 30.92 1.43 -6.01
C LEU J 230 31.33 0.00 -5.66
N VAL J 231 30.52 -0.66 -4.85
CA VAL J 231 30.66 -2.09 -4.56
C VAL J 231 29.48 -2.85 -5.15
N GLU J 232 29.69 -4.15 -5.40
CA GLU J 232 28.62 -5.00 -5.92
C GLU J 232 27.54 -5.17 -4.87
N THR J 233 26.28 -5.20 -5.32
CA THR J 233 25.15 -5.40 -4.41
C THR J 233 25.35 -6.70 -3.63
N ARG J 234 25.06 -6.63 -2.34
CA ARG J 234 25.48 -7.64 -1.35
C ARG J 234 24.33 -7.88 -0.39
N PRO J 235 24.13 -9.13 0.07
CA PRO J 235 23.02 -9.41 1.00
C PRO J 235 23.33 -9.02 2.44
N ALA J 236 22.39 -8.35 3.09
CA ALA J 236 22.51 -8.04 4.51
C ALA J 236 22.53 -9.32 5.36
N GLY J 237 21.87 -10.36 4.88
CA GLY J 237 21.79 -11.64 5.57
C GLY J 237 20.45 -11.84 6.26
N ASP J 238 19.60 -10.80 6.21
CA ASP J 238 18.26 -10.83 6.80
C ASP J 238 17.18 -10.75 5.72
N GLY J 239 17.51 -11.18 4.51
CA GLY J 239 16.61 -11.10 3.37
C GLY J 239 16.67 -9.80 2.58
N THR J 240 17.30 -8.76 3.13
CA THR J 240 17.44 -7.48 2.41
C THR J 240 18.88 -7.31 1.95
N PHE J 241 19.12 -6.27 1.16
CA PHE J 241 20.40 -6.05 0.48
C PHE J 241 21.01 -4.68 0.75
N GLN J 242 22.30 -4.56 0.43
CA GLN J 242 23.05 -3.31 0.61
C GLN J 242 23.85 -2.92 -0.64
N LYS J 243 24.06 -1.62 -0.81
CA LYS J 243 24.98 -1.10 -1.83
C LYS J 243 25.39 0.32 -1.49
N TRP J 244 26.57 0.72 -1.94
CA TRP J 244 26.93 2.13 -1.89
C TRP J 244 27.71 2.57 -3.12
N ALA J 245 27.64 3.88 -3.36
CA ALA J 245 28.43 4.54 -4.39
C ALA J 245 29.13 5.73 -3.74
N SER J 246 30.41 5.92 -4.06
CA SER J 246 31.20 7.04 -3.54
C SER J 246 31.86 7.88 -4.62
N VAL J 247 32.17 9.12 -4.28
CA VAL J 247 32.89 10.03 -5.17
C VAL J 247 33.83 10.90 -4.36
N VAL J 248 34.93 11.30 -4.98
CA VAL J 248 35.88 12.22 -4.36
C VAL J 248 35.46 13.65 -4.69
N VAL J 249 35.52 14.53 -3.69
CA VAL J 249 35.00 15.90 -3.79
C VAL J 249 36.00 16.89 -3.17
N PRO J 250 36.14 18.10 -3.77
CA PRO J 250 36.92 19.16 -3.11
C PRO J 250 36.30 19.61 -1.78
N LEU J 251 37.14 19.75 -0.76
CA LEU J 251 36.72 20.21 0.58
C LEU J 251 35.96 21.53 0.53
N GLY J 252 34.77 21.55 1.12
CA GLY J 252 33.92 22.74 1.13
C GLY J 252 32.81 22.70 0.08
N LYS J 253 33.10 22.12 -1.09
CA LYS J 253 32.14 22.03 -2.19
C LYS J 253 31.19 20.85 -1.97
N GLU J 254 30.68 20.73 -0.75
CA GLU J 254 29.99 19.52 -0.30
C GLU J 254 28.57 19.42 -0.87
N GLN J 255 27.96 20.57 -1.15
CA GLN J 255 26.54 20.65 -1.46
C GLN J 255 26.24 20.75 -2.96
N ASN J 256 27.28 20.85 -3.79
CA ASN J 256 27.12 20.79 -5.25
C ASN J 256 26.72 19.39 -5.72
N TYR J 257 26.97 18.40 -4.88
CA TYR J 257 26.76 16.99 -5.23
C TYR J 257 25.52 16.41 -4.57
N THR J 258 24.69 15.72 -5.37
CA THR J 258 23.55 14.98 -4.86
C THR J 258 23.58 13.53 -5.34
N CYS J 259 23.16 12.64 -4.46
CA CYS J 259 23.04 11.22 -4.76
C CYS J 259 21.60 10.92 -5.17
N ARG J 260 21.43 9.93 -6.04
CA ARG J 260 20.09 9.47 -6.42
C ARG J 260 20.01 7.96 -6.33
N VAL J 261 18.87 7.47 -5.84
CA VAL J 261 18.63 6.05 -5.62
C VAL J 261 17.37 5.59 -6.35
N TYR J 262 17.52 4.58 -7.21
CA TYR J 262 16.42 4.07 -8.01
C TYR J 262 16.10 2.62 -7.62
N HIS J 263 14.83 2.36 -7.32
CA HIS J 263 14.40 1.03 -6.88
C HIS J 263 12.89 0.85 -7.14
N GLU J 264 12.50 -0.37 -7.50
CA GLU J 264 11.10 -0.68 -7.85
C GLU J 264 10.09 -0.51 -6.71
N GLY J 265 10.56 -0.53 -5.48
CA GLY J 265 9.72 -0.29 -4.32
C GLY J 265 9.38 1.18 -4.14
N LEU J 266 10.26 2.04 -4.63
CA LEU J 266 10.09 3.49 -4.48
C LEU J 266 8.87 4.00 -5.26
N PRO J 267 8.11 4.93 -4.67
CA PRO J 267 7.13 5.66 -5.47
C PRO J 267 7.84 6.54 -6.51
N GLU J 268 9.04 6.97 -6.18
CA GLU J 268 9.90 7.72 -7.10
C GLU J 268 11.35 7.70 -6.56
N PRO J 269 12.33 8.10 -7.39
CA PRO J 269 13.72 8.03 -6.92
C PRO J 269 14.02 8.97 -5.74
N LEU J 270 14.85 8.50 -4.82
CA LEU J 270 15.32 9.34 -3.71
C LEU J 270 16.35 10.33 -4.22
N THR J 271 16.42 11.48 -3.55
CA THR J 271 17.46 12.47 -3.78
C THR J 271 18.00 12.91 -2.43
N LEU J 272 19.31 12.81 -2.24
CA LEU J 272 19.94 13.06 -0.94
C LEU J 272 21.38 13.56 -1.07
N ARG J 273 21.84 14.32 -0.08
CA ARG J 273 23.25 14.73 0.03
C ARG J 273 23.69 14.79 1.51
N TRP J 274 25.00 15.03 1.74
CA TRP J 274 25.56 15.06 3.11
C TRP J 274 25.45 16.45 3.75
N GLU J 275 25.26 16.47 5.07
CA GLU J 275 25.43 17.70 5.88
C GLU J 275 25.74 17.37 7.35
N ILE K 1 36.41 -24.71 -17.60
CA ILE K 1 37.48 -23.99 -16.82
C ILE K 1 36.87 -23.26 -15.61
N GLN K 2 37.75 -22.70 -14.81
CA GLN K 2 37.35 -22.24 -13.48
C GLN K 2 37.23 -20.69 -13.44
N LYS K 3 36.28 -20.21 -12.65
CA LYS K 3 36.05 -18.79 -12.47
C LYS K 3 36.45 -18.51 -11.04
N THR K 4 37.26 -17.47 -10.85
CA THR K 4 37.83 -17.15 -9.54
C THR K 4 36.82 -16.37 -8.68
N PRO K 5 36.58 -16.84 -7.43
CA PRO K 5 35.57 -16.20 -6.57
C PRO K 5 35.93 -14.78 -6.24
N GLN K 6 34.91 -13.93 -6.20
CA GLN K 6 35.01 -12.61 -5.64
C GLN K 6 34.45 -12.72 -4.24
N ILE K 7 34.98 -11.91 -3.31
CA ILE K 7 34.83 -12.12 -1.85
C ILE K 7 34.67 -10.81 -1.12
N GLN K 8 33.61 -10.68 -0.33
CA GLN K 8 33.41 -9.44 0.45
C GLN K 8 33.23 -9.77 1.92
N VAL K 9 34.10 -9.24 2.77
CA VAL K 9 33.88 -9.30 4.21
C VAL K 9 33.31 -7.96 4.64
N TYR K 10 32.12 -7.97 5.24
CA TYR K 10 31.47 -6.74 5.74
C TYR K 10 30.46 -7.10 6.86
N SER K 11 30.19 -6.13 7.73
CA SER K 11 29.18 -6.29 8.79
C SER K 11 27.78 -6.02 8.25
N ARG K 12 26.77 -6.75 8.74
CA ARG K 12 25.34 -6.54 8.40
C ARG K 12 24.87 -5.14 8.79
N HIS K 13 25.06 -4.83 10.07
CA HIS K 13 24.77 -3.49 10.62
C HIS K 13 26.04 -2.65 10.64
N PRO K 14 25.89 -1.32 10.80
CA PRO K 14 27.08 -0.44 10.85
C PRO K 14 27.90 -0.55 12.15
N PRO K 15 29.22 -0.89 12.05
CA PRO K 15 30.04 -1.41 13.16
C PRO K 15 30.35 -0.41 14.31
N GLU K 16 30.07 -0.82 15.55
CA GLU K 16 30.29 0.00 16.78
C GLU K 16 31.02 -0.89 17.80
N ASN K 17 32.10 -0.41 18.41
CA ASN K 17 32.81 -1.26 19.39
C ASN K 17 31.90 -1.55 20.59
N GLY K 18 31.93 -2.78 21.07
CA GLY K 18 31.07 -3.20 22.18
C GLY K 18 29.59 -3.52 21.91
N LYS K 19 29.11 -3.32 20.68
CA LYS K 19 27.70 -3.59 20.31
C LYS K 19 27.57 -4.82 19.38
N PRO K 20 26.80 -5.85 19.80
CA PRO K 20 26.70 -7.09 19.01
C PRO K 20 26.27 -6.90 17.55
N ASN K 21 26.68 -7.80 16.69
CA ASN K 21 26.57 -7.61 15.26
C ASN K 21 26.84 -8.91 14.52
N ILE K 22 26.78 -8.86 13.18
CA ILE K 22 26.99 -10.02 12.30
C ILE K 22 28.04 -9.67 11.26
N LEU K 23 29.11 -10.47 11.20
CA LEU K 23 30.09 -10.40 10.10
C LEU K 23 29.74 -11.37 8.94
N ASN K 24 29.42 -10.82 7.76
CA ASN K 24 29.13 -11.62 6.53
C ASN K 24 30.31 -11.71 5.61
N CYS K 25 30.64 -12.93 5.18
CA CYS K 25 31.62 -13.18 4.11
C CYS K 25 30.91 -13.79 2.88
N TYR K 26 30.76 -12.95 1.84
CA TYR K 26 29.88 -13.20 0.68
C TYR K 26 30.72 -13.58 -0.51
N VAL K 27 30.65 -14.86 -0.87
CA VAL K 27 31.55 -15.42 -1.86
C VAL K 27 30.75 -15.76 -3.10
N THR K 28 31.06 -15.07 -4.21
CA THR K 28 30.30 -15.16 -5.47
C THR K 28 31.17 -15.43 -6.69
N GLN K 29 30.51 -15.67 -7.81
CA GLN K 29 31.17 -15.58 -9.11
C GLN K 29 32.21 -16.67 -9.31
N PHE K 30 31.98 -17.86 -8.73
CA PHE K 30 32.93 -18.96 -8.85
C PHE K 30 32.42 -20.26 -9.52
N HIS K 31 33.36 -21.16 -9.80
CA HIS K 31 33.11 -22.44 -10.48
C HIS K 31 34.43 -23.20 -10.57
N PRO K 32 34.44 -24.50 -10.25
CA PRO K 32 33.31 -25.33 -9.85
C PRO K 32 32.82 -25.01 -8.45
N PRO K 33 31.65 -25.56 -8.08
CA PRO K 33 30.98 -25.22 -6.83
C PRO K 33 31.62 -25.78 -5.57
N HIS K 34 32.71 -26.52 -5.69
CA HIS K 34 33.41 -26.96 -4.51
C HIS K 34 34.23 -25.80 -3.97
N ILE K 35 33.88 -25.35 -2.77
CA ILE K 35 34.58 -24.25 -2.13
C ILE K 35 34.58 -24.39 -0.61
N GLU K 36 35.77 -24.26 -0.01
CA GLU K 36 35.94 -24.20 1.44
C GLU K 36 36.01 -22.75 1.92
N ILE K 37 35.19 -22.41 2.90
CA ILE K 37 35.21 -21.08 3.50
C ILE K 37 35.56 -21.15 4.98
N GLN K 38 36.26 -20.13 5.47
CA GLN K 38 36.72 -20.09 6.86
C GLN K 38 36.69 -18.63 7.30
N MET K 39 36.21 -18.39 8.51
CA MET K 39 36.26 -17.05 9.07
C MET K 39 37.27 -17.00 10.19
N LEU K 40 38.08 -15.93 10.21
CA LEU K 40 39.25 -15.84 11.08
C LEU K 40 39.13 -14.64 12.02
N LYS K 41 39.37 -14.88 13.31
CA LYS K 41 39.46 -13.83 14.33
C LYS K 41 40.90 -13.75 14.83
N ASN K 42 41.57 -12.63 14.57
CA ASN K 42 42.98 -12.46 14.91
C ASN K 42 43.84 -13.69 14.52
N GLY K 43 43.64 -14.19 13.30
CA GLY K 43 44.44 -15.27 12.74
C GLY K 43 43.88 -16.69 12.88
N LYS K 44 42.95 -16.87 13.82
CA LYS K 44 42.47 -18.20 14.22
C LYS K 44 40.99 -18.47 13.88
N LYS K 45 40.72 -19.72 13.50
CA LYS K 45 39.38 -20.22 13.12
C LYS K 45 38.29 -19.81 14.10
N ILE K 46 37.25 -19.15 13.60
CA ILE K 46 36.07 -18.81 14.40
C ILE K 46 35.18 -20.07 14.56
N PRO K 47 34.94 -20.52 15.82
CA PRO K 47 34.36 -21.83 16.19
C PRO K 47 33.22 -22.39 15.31
N LYS K 48 32.12 -21.63 15.22
CA LYS K 48 30.92 -22.08 14.51
C LYS K 48 30.47 -20.97 13.58
N VAL K 49 30.33 -21.32 12.31
CA VAL K 49 30.15 -20.34 11.22
C VAL K 49 28.95 -20.75 10.36
N GLU K 50 28.05 -19.80 10.12
CA GLU K 50 26.80 -20.05 9.34
C GLU K 50 27.06 -19.99 7.84
N MET K 51 26.47 -20.90 7.09
CA MET K 51 26.84 -21.15 5.70
C MET K 51 25.56 -21.40 4.92
N SER K 52 25.24 -20.53 3.96
CA SER K 52 24.05 -20.69 3.09
C SER K 52 24.20 -21.96 2.23
N ASP K 53 23.09 -22.51 1.77
CA ASP K 53 23.17 -23.73 0.96
C ASP K 53 23.51 -23.27 -0.43
N MET K 54 24.23 -24.07 -1.21
CA MET K 54 24.79 -23.50 -2.42
C MET K 54 23.74 -23.28 -3.46
N SER K 55 23.90 -22.17 -4.16
CA SER K 55 22.95 -21.68 -5.12
C SER K 55 23.75 -21.13 -6.27
N PHE K 56 23.08 -20.94 -7.41
CA PHE K 56 23.72 -20.27 -8.54
C PHE K 56 22.83 -19.19 -9.14
N SER K 57 23.50 -18.19 -9.73
CA SER K 57 22.82 -17.09 -10.39
C SER K 57 22.45 -17.43 -11.83
N LYS K 58 21.67 -16.54 -12.41
CA LYS K 58 21.22 -16.62 -13.78
C LYS K 58 22.38 -16.80 -14.77
N ASP K 59 23.57 -16.28 -14.43
CA ASP K 59 24.71 -16.37 -15.33
C ASP K 59 25.52 -17.65 -15.15
N TRP K 60 24.95 -18.61 -14.42
CA TRP K 60 25.52 -19.95 -14.16
C TRP K 60 26.60 -20.05 -13.06
N SER K 61 27.08 -18.91 -12.55
CA SER K 61 28.05 -18.91 -11.45
C SER K 61 27.41 -19.18 -10.12
N PHE K 62 28.15 -19.88 -9.27
CA PHE K 62 27.69 -20.17 -7.93
C PHE K 62 27.94 -18.99 -6.97
N TYR K 63 27.37 -19.08 -5.76
CA TYR K 63 27.57 -18.11 -4.68
C TYR K 63 27.15 -18.62 -3.29
N ILE K 64 27.79 -18.11 -2.24
CA ILE K 64 27.51 -18.59 -0.88
C ILE K 64 27.73 -17.50 0.19
N LEU K 65 26.80 -17.39 1.15
CA LEU K 65 26.89 -16.34 2.20
C LEU K 65 27.24 -16.95 3.55
N ALA K 66 28.48 -16.75 3.96
CA ALA K 66 28.94 -17.10 5.32
C ALA K 66 28.53 -15.98 6.27
N HIS K 67 28.36 -16.28 7.55
CA HIS K 67 28.16 -15.22 8.54
C HIS K 67 28.28 -15.69 9.99
N THR K 68 28.70 -14.80 10.86
CA THR K 68 28.76 -15.10 12.31
C THR K 68 28.35 -13.90 13.14
N GLU K 69 27.76 -14.16 14.30
CA GLU K 69 27.58 -13.09 15.28
C GLU K 69 28.96 -12.71 15.76
N PHE K 70 29.16 -11.42 15.99
CA PHE K 70 30.42 -10.96 16.57
C PHE K 70 30.17 -9.67 17.32
N THR K 71 31.13 -9.33 18.17
CA THR K 71 31.07 -8.09 18.91
C THR K 71 32.42 -7.45 18.68
N PRO K 72 32.46 -6.44 17.82
CA PRO K 72 33.77 -5.90 17.54
C PRO K 72 34.36 -5.19 18.75
N THR K 73 35.68 -5.21 18.82
CA THR K 73 36.42 -4.38 19.75
C THR K 73 37.27 -3.44 18.92
N GLU K 74 37.90 -2.51 19.62
CA GLU K 74 38.89 -1.64 19.04
C GLU K 74 40.00 -2.43 18.29
N THR K 75 40.44 -3.55 18.84
CA THR K 75 41.71 -4.18 18.42
C THR K 75 41.62 -5.44 17.51
N ASP K 76 40.48 -6.14 17.56
CA ASP K 76 40.28 -7.40 16.83
C ASP K 76 40.21 -7.21 15.29
N THR K 77 41.06 -7.94 14.58
CA THR K 77 40.92 -8.06 13.11
C THR K 77 40.16 -9.33 12.80
N TYR K 78 39.30 -9.25 11.78
CA TYR K 78 38.57 -10.40 11.26
C TYR K 78 38.88 -10.64 9.76
N ALA K 79 38.91 -11.91 9.37
CA ALA K 79 39.32 -12.27 8.03
C ALA K 79 38.46 -13.40 7.47
N CYS K 80 38.33 -13.46 6.14
CA CYS K 80 37.60 -14.56 5.53
C CYS K 80 38.52 -15.32 4.60
N ARG K 81 38.63 -16.63 4.80
CA ARG K 81 39.55 -17.41 4.00
C ARG K 81 38.83 -18.40 3.09
N VAL K 82 39.18 -18.32 1.82
CA VAL K 82 38.51 -19.06 0.77
C VAL K 82 39.53 -19.95 0.10
N LYS K 83 39.22 -21.22 0.02
CA LYS K 83 40.03 -22.17 -0.73
C LYS K 83 39.19 -22.61 -1.94
N HIS K 84 39.78 -22.50 -3.12
CA HIS K 84 39.11 -22.94 -4.35
C HIS K 84 40.14 -23.45 -5.34
N ASP K 85 39.76 -24.47 -6.12
CA ASP K 85 40.59 -24.99 -7.22
C ASP K 85 41.22 -23.90 -8.10
N SER K 86 40.50 -22.81 -8.31
CA SER K 86 40.93 -21.72 -9.20
C SER K 86 42.21 -21.03 -8.72
N MET K 87 42.51 -21.14 -7.43
CA MET K 87 43.73 -20.55 -6.84
C MET K 87 44.62 -21.64 -6.27
N ALA K 88 45.90 -21.60 -6.64
CA ALA K 88 46.86 -22.57 -6.09
C ALA K 88 46.99 -22.43 -4.57
N GLU K 89 46.86 -21.20 -4.04
CA GLU K 89 46.86 -20.98 -2.59
C GLU K 89 45.56 -20.33 -2.12
N PRO K 90 45.20 -20.54 -0.84
CA PRO K 90 44.06 -19.84 -0.20
C PRO K 90 44.18 -18.34 -0.27
N LYS K 91 43.03 -17.67 -0.45
CA LYS K 91 42.90 -16.22 -0.60
C LYS K 91 42.30 -15.68 0.70
N THR K 92 43.02 -14.82 1.42
CA THR K 92 42.47 -14.19 2.64
C THR K 92 42.14 -12.72 2.42
N VAL K 93 40.88 -12.33 2.63
CA VAL K 93 40.54 -10.91 2.61
C VAL K 93 40.13 -10.46 4.01
N TYR K 94 40.67 -9.33 4.44
CA TYR K 94 40.43 -8.81 5.79
C TYR K 94 39.20 -7.92 5.81
N TRP K 95 38.53 -7.94 6.97
CA TRP K 95 37.43 -7.05 7.18
C TRP K 95 38.00 -5.64 7.26
N ASP K 96 37.39 -4.73 6.50
CA ASP K 96 37.67 -3.30 6.55
C ASP K 96 36.34 -2.62 6.92
N ARG K 97 36.27 -2.08 8.13
CA ARG K 97 34.99 -1.70 8.79
C ARG K 97 34.26 -0.51 8.15
N ASP K 98 35.01 0.33 7.43
CA ASP K 98 34.48 1.52 6.78
C ASP K 98 33.93 1.23 5.39
N MET K 99 33.79 -0.04 5.06
CA MET K 99 33.41 -0.48 3.74
C MET K 99 32.49 -1.68 3.87
N LYS L 1 5.48 -27.32 -8.83
CA LYS L 1 6.19 -28.61 -8.99
C LYS L 1 7.23 -28.56 -10.10
N ALA L 2 8.24 -29.40 -9.98
CA ALA L 2 9.36 -29.33 -10.90
C ALA L 2 9.05 -30.05 -12.24
N PRO L 3 9.90 -29.86 -13.22
CA PRO L 3 9.72 -30.40 -14.54
C PRO L 3 10.23 -31.82 -14.65
N PHE L 4 9.80 -32.52 -15.68
CA PHE L 4 10.41 -33.79 -16.07
C PHE L 4 11.34 -33.59 -17.25
N ASN L 5 12.59 -34.01 -17.14
CA ASN L 5 13.46 -34.00 -18.30
C ASN L 5 13.00 -35.02 -19.36
N PHE L 6 13.44 -34.83 -20.59
CA PHE L 6 12.94 -35.61 -21.71
C PHE L 6 14.06 -36.42 -22.39
N ALA L 7 14.53 -36.02 -23.56
CA ALA L 7 15.67 -36.74 -24.13
C ALA L 7 16.89 -36.28 -23.36
N THR L 8 17.68 -37.24 -22.91
CA THR L 8 18.97 -36.95 -22.31
C THR L 8 19.87 -36.21 -23.30
N MET L 9 21.06 -35.81 -22.84
CA MET L 9 21.88 -34.92 -23.62
C MET L 9 22.52 -35.60 -24.82
#